data_1JZF
# 
_entry.id   1JZF 
# 
_audit_conform.dict_name       mmcif_pdbx.dic 
_audit_conform.dict_version    5.399 
_audit_conform.dict_location   http://mmcif.pdb.org/dictionaries/ascii/mmcif_pdbx.dic 
# 
loop_
_database_2.database_id 
_database_2.database_code 
_database_2.pdbx_database_accession 
_database_2.pdbx_DOI 
PDB   1JZF         pdb_00001jzf 10.2210/pdb1jzf/pdb 
RCSB  RCSB014367   ?            ?                   
WWPDB D_1000014367 ?            ?                   
# 
loop_
_pdbx_audit_revision_history.ordinal 
_pdbx_audit_revision_history.data_content_type 
_pdbx_audit_revision_history.major_revision 
_pdbx_audit_revision_history.minor_revision 
_pdbx_audit_revision_history.revision_date 
1 'Structure model' 1 0 2001-10-17 
2 'Structure model' 1 1 2008-04-27 
3 'Structure model' 1 2 2011-07-13 
4 'Structure model' 1 3 2024-11-20 
# 
_pdbx_audit_revision_details.ordinal             1 
_pdbx_audit_revision_details.revision_ordinal    1 
_pdbx_audit_revision_details.data_content_type   'Structure model' 
_pdbx_audit_revision_details.provider            repository 
_pdbx_audit_revision_details.type                'Initial release' 
_pdbx_audit_revision_details.description         ? 
_pdbx_audit_revision_details.details             ? 
# 
loop_
_pdbx_audit_revision_group.ordinal 
_pdbx_audit_revision_group.revision_ordinal 
_pdbx_audit_revision_group.data_content_type 
_pdbx_audit_revision_group.group 
1 2 'Structure model' 'Version format compliance' 
2 3 'Structure model' 'Version format compliance' 
3 4 'Structure model' 'Data collection'           
4 4 'Structure model' 'Database references'       
5 4 'Structure model' 'Derived calculations'      
6 4 'Structure model' 'Structure summary'         
# 
loop_
_pdbx_audit_revision_category.ordinal 
_pdbx_audit_revision_category.revision_ordinal 
_pdbx_audit_revision_category.data_content_type 
_pdbx_audit_revision_category.category 
1 4 'Structure model' chem_comp_atom            
2 4 'Structure model' chem_comp_bond            
3 4 'Structure model' database_2                
4 4 'Structure model' pdbx_entry_details        
5 4 'Structure model' pdbx_modification_feature 
6 4 'Structure model' pdbx_struct_conn_angle    
7 4 'Structure model' struct_conn               
8 4 'Structure model' struct_site               
# 
loop_
_pdbx_audit_revision_item.ordinal 
_pdbx_audit_revision_item.revision_ordinal 
_pdbx_audit_revision_item.data_content_type 
_pdbx_audit_revision_item.item 
1  4 'Structure model' '_database_2.pdbx_DOI'                        
2  4 'Structure model' '_database_2.pdbx_database_accession'         
3  4 'Structure model' '_pdbx_struct_conn_angle.ptnr1_auth_comp_id'  
4  4 'Structure model' '_pdbx_struct_conn_angle.ptnr1_auth_seq_id'   
5  4 'Structure model' '_pdbx_struct_conn_angle.ptnr1_label_asym_id' 
6  4 'Structure model' '_pdbx_struct_conn_angle.ptnr1_label_atom_id' 
7  4 'Structure model' '_pdbx_struct_conn_angle.ptnr1_label_comp_id' 
8  4 'Structure model' '_pdbx_struct_conn_angle.ptnr1_label_seq_id'  
9  4 'Structure model' '_pdbx_struct_conn_angle.ptnr2_auth_comp_id'  
10 4 'Structure model' '_pdbx_struct_conn_angle.ptnr2_auth_seq_id'   
11 4 'Structure model' '_pdbx_struct_conn_angle.ptnr2_label_asym_id' 
12 4 'Structure model' '_pdbx_struct_conn_angle.ptnr2_label_atom_id' 
13 4 'Structure model' '_pdbx_struct_conn_angle.ptnr2_label_comp_id' 
14 4 'Structure model' '_pdbx_struct_conn_angle.ptnr3_auth_comp_id'  
15 4 'Structure model' '_pdbx_struct_conn_angle.ptnr3_auth_seq_id'   
16 4 'Structure model' '_pdbx_struct_conn_angle.ptnr3_label_asym_id' 
17 4 'Structure model' '_pdbx_struct_conn_angle.ptnr3_label_atom_id' 
18 4 'Structure model' '_pdbx_struct_conn_angle.ptnr3_label_comp_id' 
19 4 'Structure model' '_pdbx_struct_conn_angle.ptnr3_label_seq_id'  
20 4 'Structure model' '_pdbx_struct_conn_angle.value'               
21 4 'Structure model' '_struct_conn.pdbx_dist_value'                
22 4 'Structure model' '_struct_conn.ptnr1_auth_comp_id'             
23 4 'Structure model' '_struct_conn.ptnr1_auth_seq_id'              
24 4 'Structure model' '_struct_conn.ptnr1_label_asym_id'            
25 4 'Structure model' '_struct_conn.ptnr1_label_atom_id'            
26 4 'Structure model' '_struct_conn.ptnr1_label_comp_id'            
27 4 'Structure model' '_struct_conn.ptnr1_label_seq_id'             
28 4 'Structure model' '_struct_conn.ptnr2_auth_comp_id'             
29 4 'Structure model' '_struct_conn.ptnr2_auth_seq_id'              
30 4 'Structure model' '_struct_conn.ptnr2_label_asym_id'            
31 4 'Structure model' '_struct_conn.ptnr2_label_atom_id'            
32 4 'Structure model' '_struct_conn.ptnr2_label_comp_id'            
33 4 'Structure model' '_struct_conn.ptnr2_label_seq_id'             
34 4 'Structure model' '_struct_site.pdbx_auth_asym_id'              
35 4 'Structure model' '_struct_site.pdbx_auth_comp_id'              
36 4 'Structure model' '_struct_site.pdbx_auth_seq_id'               
# 
_pdbx_database_status.status_code                     REL 
_pdbx_database_status.entry_id                        1JZF 
_pdbx_database_status.recvd_initial_deposition_date   2001-09-16 
_pdbx_database_status.deposit_site                    RCSB 
_pdbx_database_status.process_site                    RCSB 
_pdbx_database_status.SG_entry                        . 
_pdbx_database_status.pdb_format_compatible           Y 
_pdbx_database_status.status_code_mr                  ? 
_pdbx_database_status.status_code_sf                  ? 
_pdbx_database_status.status_code_cs                  ? 
_pdbx_database_status.status_code_nmr_data            ? 
_pdbx_database_status.methods_development_category    ? 
# 
loop_
_pdbx_database_related.db_name 
_pdbx_database_related.db_id 
_pdbx_database_related.details 
_pdbx_database_related.content_type 
PDB 1JZE 'Pseudomonas aeruginosa Azurin Ru(bpy)2(im)(His83)'                 unspecified 
PDB 1JZG 'Pseudomonas aeruginosa Reduced Azurin (Cu1+) Ru(tpy)(phen)(His83)' unspecified 
PDB 1JZH 'Pseudomonas aeruginosa Azurin Ru(tpy)(bpy)(His83)'                 unspecified 
PDB 1JZI 'Pseudomonas aeruginosa Azurin Re(phen)(CO)3(His83)'                unspecified 
PDB 1JZJ 'Pseudomonas aeruginosa Azurin Os(bpy)2(im)(His83)'                 unspecified 
# 
loop_
_audit_author.name 
_audit_author.pdbx_ordinal 
'Crane, B.R.'    1 
'Di Bilio, A.J.' 2 
'Winkler, J.R.'  3 
'Gray, H.B.'     4 
# 
_citation.id                        primary 
_citation.title                     'Electron tunneling in single crystals of Pseudomonas aeruginosa azurins.' 
_citation.journal_abbrev            J.Am.Chem.Soc. 
_citation.journal_volume            123 
_citation.page_first                11623 
_citation.page_last                 11631 
_citation.year                      2001 
_citation.journal_id_ASTM           JACSAT 
_citation.country                   US 
_citation.journal_id_ISSN           0002-7863 
_citation.journal_id_CSD            0004 
_citation.book_publisher            ? 
_citation.pdbx_database_id_PubMed   11716717 
_citation.pdbx_database_id_DOI      10.1021/ja0115870 
# 
loop_
_citation_author.citation_id 
_citation_author.name 
_citation_author.ordinal 
_citation_author.identifier_ORCID 
primary 'Crane, B.R.'    1 ? 
primary 'Di Bilio, A.J.' 2 ? 
primary 'Winkler, J.R.'  3 ? 
primary 'Gray, H.B.'     4 ? 
# 
loop_
_entity.id 
_entity.type 
_entity.src_method 
_entity.pdbx_description 
_entity.formula_weight 
_entity.pdbx_number_of_molecules 
_entity.pdbx_ec 
_entity.pdbx_mutation 
_entity.pdbx_fragment 
_entity.details 
1 polymer     man AZURIN                                                          13961.799 1   ? ? ? ? 
2 non-polymer syn 'COPPER (II) ION'                                               63.546    1   ? ? ? ? 
3 non-polymer syn 
;(2,2':6',2'-TERPYRIDINE)-(1,10-PHENANTHROLINE) RUTHENIUM (II)
;
514.543   1   ? ? ? ? 
4 non-polymer syn 'TETRA(IMIDAZOLE)DIAQUACOPPER (II)'                             367.854   1   ? ? ? ? 
5 water       nat water                                                           18.015    174 ? ? ? ? 
# 
_entity_poly.entity_id                      1 
_entity_poly.type                           'polypeptide(L)' 
_entity_poly.nstd_linkage                   no 
_entity_poly.nstd_monomer                   no 
_entity_poly.pdbx_seq_one_letter_code       
;AECSVDIQGNDQMQFNTNAITVDKSCKQFTVNLSHPGNLPKNVMGHNWVLSTAADMQGVVTDGMASGLDKDYLKPDDSRV
IAHTKLIGSGEKDSVTFDVSKLKEGEQYMFFCTFPGHSALMKGTLTLK
;
_entity_poly.pdbx_seq_one_letter_code_can   
;AECSVDIQGNDQMQFNTNAITVDKSCKQFTVNLSHPGNLPKNVMGHNWVLSTAADMQGVVTDGMASGLDKDYLKPDDSRV
IAHTKLIGSGEKDSVTFDVSKLKEGEQYMFFCTFPGHSALMKGTLTLK
;
_entity_poly.pdbx_strand_id                 A 
_entity_poly.pdbx_target_identifier         ? 
# 
loop_
_pdbx_entity_nonpoly.entity_id 
_pdbx_entity_nonpoly.name 
_pdbx_entity_nonpoly.comp_id 
2 'COPPER (II) ION'                                               CU  
3 
;(2,2':6',2'-TERPYRIDINE)-(1,10-PHENANTHROLINE) RUTHENIUM (II)
;
RTB 
4 'TETRA(IMIDAZOLE)DIAQUACOPPER (II)'                             IME 
5 water                                                           HOH 
# 
loop_
_entity_poly_seq.entity_id 
_entity_poly_seq.num 
_entity_poly_seq.mon_id 
_entity_poly_seq.hetero 
1 1   ALA n 
1 2   GLU n 
1 3   CYS n 
1 4   SER n 
1 5   VAL n 
1 6   ASP n 
1 7   ILE n 
1 8   GLN n 
1 9   GLY n 
1 10  ASN n 
1 11  ASP n 
1 12  GLN n 
1 13  MET n 
1 14  GLN n 
1 15  PHE n 
1 16  ASN n 
1 17  THR n 
1 18  ASN n 
1 19  ALA n 
1 20  ILE n 
1 21  THR n 
1 22  VAL n 
1 23  ASP n 
1 24  LYS n 
1 25  SER n 
1 26  CYS n 
1 27  LYS n 
1 28  GLN n 
1 29  PHE n 
1 30  THR n 
1 31  VAL n 
1 32  ASN n 
1 33  LEU n 
1 34  SER n 
1 35  HIS n 
1 36  PRO n 
1 37  GLY n 
1 38  ASN n 
1 39  LEU n 
1 40  PRO n 
1 41  LYS n 
1 42  ASN n 
1 43  VAL n 
1 44  MET n 
1 45  GLY n 
1 46  HIS n 
1 47  ASN n 
1 48  TRP n 
1 49  VAL n 
1 50  LEU n 
1 51  SER n 
1 52  THR n 
1 53  ALA n 
1 54  ALA n 
1 55  ASP n 
1 56  MET n 
1 57  GLN n 
1 58  GLY n 
1 59  VAL n 
1 60  VAL n 
1 61  THR n 
1 62  ASP n 
1 63  GLY n 
1 64  MET n 
1 65  ALA n 
1 66  SER n 
1 67  GLY n 
1 68  LEU n 
1 69  ASP n 
1 70  LYS n 
1 71  ASP n 
1 72  TYR n 
1 73  LEU n 
1 74  LYS n 
1 75  PRO n 
1 76  ASP n 
1 77  ASP n 
1 78  SER n 
1 79  ARG n 
1 80  VAL n 
1 81  ILE n 
1 82  ALA n 
1 83  HIS n 
1 84  THR n 
1 85  LYS n 
1 86  LEU n 
1 87  ILE n 
1 88  GLY n 
1 89  SER n 
1 90  GLY n 
1 91  GLU n 
1 92  LYS n 
1 93  ASP n 
1 94  SER n 
1 95  VAL n 
1 96  THR n 
1 97  PHE n 
1 98  ASP n 
1 99  VAL n 
1 100 SER n 
1 101 LYS n 
1 102 LEU n 
1 103 LYS n 
1 104 GLU n 
1 105 GLY n 
1 106 GLU n 
1 107 GLN n 
1 108 TYR n 
1 109 MET n 
1 110 PHE n 
1 111 PHE n 
1 112 CYS n 
1 113 THR n 
1 114 PHE n 
1 115 PRO n 
1 116 GLY n 
1 117 HIS n 
1 118 SER n 
1 119 ALA n 
1 120 LEU n 
1 121 MET n 
1 122 LYS n 
1 123 GLY n 
1 124 THR n 
1 125 LEU n 
1 126 THR n 
1 127 LEU n 
1 128 LYS n 
# 
_entity_src_gen.entity_id                          1 
_entity_src_gen.pdbx_src_id                        1 
_entity_src_gen.pdbx_alt_source_flag               sample 
_entity_src_gen.pdbx_seq_type                      ? 
_entity_src_gen.pdbx_beg_seq_num                   ? 
_entity_src_gen.pdbx_end_seq_num                   ? 
_entity_src_gen.gene_src_common_name               ? 
_entity_src_gen.gene_src_genus                     Pseudomonas 
_entity_src_gen.pdbx_gene_src_gene                 ? 
_entity_src_gen.gene_src_species                   ? 
_entity_src_gen.gene_src_strain                    ? 
_entity_src_gen.gene_src_tissue                    ? 
_entity_src_gen.gene_src_tissue_fraction           ? 
_entity_src_gen.gene_src_details                   ? 
_entity_src_gen.pdbx_gene_src_fragment             ? 
_entity_src_gen.pdbx_gene_src_scientific_name      'Pseudomonas aeruginosa' 
_entity_src_gen.pdbx_gene_src_ncbi_taxonomy_id     287 
_entity_src_gen.pdbx_gene_src_variant              ? 
_entity_src_gen.pdbx_gene_src_cell_line            ? 
_entity_src_gen.pdbx_gene_src_atcc                 ? 
_entity_src_gen.pdbx_gene_src_organ                ? 
_entity_src_gen.pdbx_gene_src_organelle            ? 
_entity_src_gen.pdbx_gene_src_cell                 ? 
_entity_src_gen.pdbx_gene_src_cellular_location    ? 
_entity_src_gen.host_org_common_name               ? 
_entity_src_gen.pdbx_host_org_scientific_name      'Escherichia coli BL21(DE3)' 
_entity_src_gen.pdbx_host_org_ncbi_taxonomy_id     469008 
_entity_src_gen.host_org_genus                     Escherichia 
_entity_src_gen.pdbx_host_org_gene                 ? 
_entity_src_gen.pdbx_host_org_organ                ? 
_entity_src_gen.host_org_species                   'Escherichia coli' 
_entity_src_gen.pdbx_host_org_tissue               ? 
_entity_src_gen.pdbx_host_org_tissue_fraction      ? 
_entity_src_gen.pdbx_host_org_strain               'BL21(DE3)' 
_entity_src_gen.pdbx_host_org_variant              ? 
_entity_src_gen.pdbx_host_org_cell_line            ? 
_entity_src_gen.pdbx_host_org_atcc                 ? 
_entity_src_gen.pdbx_host_org_culture_collection   ? 
_entity_src_gen.pdbx_host_org_cell                 ? 
_entity_src_gen.pdbx_host_org_organelle            ? 
_entity_src_gen.pdbx_host_org_cellular_location    ? 
_entity_src_gen.pdbx_host_org_vector_type          'Pet9a(ASA)' 
_entity_src_gen.pdbx_host_org_vector               ? 
_entity_src_gen.host_org_details                   ? 
_entity_src_gen.expression_system_id               ? 
_entity_src_gen.plasmid_name                       ? 
_entity_src_gen.plasmid_details                    ? 
_entity_src_gen.pdbx_description                   ? 
# 
loop_
_chem_comp.id 
_chem_comp.type 
_chem_comp.mon_nstd_flag 
_chem_comp.name 
_chem_comp.pdbx_synonyms 
_chem_comp.formula 
_chem_comp.formula_weight 
ALA 'L-peptide linking' y ALANINE                                                         ? 'C3 H7 N O2'         89.093  
ARG 'L-peptide linking' y ARGININE                                                        ? 'C6 H15 N4 O2 1'     175.209 
ASN 'L-peptide linking' y ASPARAGINE                                                      ? 'C4 H8 N2 O3'        132.118 
ASP 'L-peptide linking' y 'ASPARTIC ACID'                                                 ? 'C4 H7 N O4'         133.103 
CU  non-polymer         . 'COPPER (II) ION'                                               ? 'Cu 2'               63.546  
CYS 'L-peptide linking' y CYSTEINE                                                        ? 'C3 H7 N O2 S'       121.158 
GLN 'L-peptide linking' y GLUTAMINE                                                       ? 'C5 H10 N2 O3'       146.144 
GLU 'L-peptide linking' y 'GLUTAMIC ACID'                                                 ? 'C5 H9 N O4'         147.129 
GLY 'peptide linking'   y GLYCINE                                                         ? 'C2 H5 N O2'         75.067  
HIS 'L-peptide linking' y HISTIDINE                                                       ? 'C6 H10 N3 O2 1'     156.162 
HOH non-polymer         . WATER                                                           ? 'H2 O'               18.015  
ILE 'L-peptide linking' y ISOLEUCINE                                                      ? 'C6 H13 N O2'        131.173 
IME non-polymer         . 'TETRA(IMIDAZOLE)DIAQUACOPPER (II)'                             ? 'C12 H16 Cu N8 O2 2' 367.854 
LEU 'L-peptide linking' y LEUCINE                                                         ? 'C6 H13 N O2'        131.173 
LYS 'L-peptide linking' y LYSINE                                                          ? 'C6 H15 N2 O2 1'     147.195 
MET 'L-peptide linking' y METHIONINE                                                      ? 'C5 H11 N O2 S'      149.211 
PHE 'L-peptide linking' y PHENYLALANINE                                                   ? 'C9 H11 N O2'        165.189 
PRO 'L-peptide linking' y PROLINE                                                         ? 'C5 H9 N O2'         115.130 
RTB non-polymer         . 
;(2,2':6',2'-TERPYRIDINE)-(1,10-PHENANTHROLINE) RUTHENIUM (II)
;
? 'C27 H19 N5 Ru 2'    514.543 
SER 'L-peptide linking' y SERINE                                                          ? 'C3 H7 N O3'         105.093 
THR 'L-peptide linking' y THREONINE                                                       ? 'C4 H9 N O3'         119.119 
TRP 'L-peptide linking' y TRYPTOPHAN                                                      ? 'C11 H12 N2 O2'      204.225 
TYR 'L-peptide linking' y TYROSINE                                                        ? 'C9 H11 N O3'        181.189 
VAL 'L-peptide linking' y VALINE                                                          ? 'C5 H11 N O2'        117.146 
# 
loop_
_pdbx_poly_seq_scheme.asym_id 
_pdbx_poly_seq_scheme.entity_id 
_pdbx_poly_seq_scheme.seq_id 
_pdbx_poly_seq_scheme.mon_id 
_pdbx_poly_seq_scheme.ndb_seq_num 
_pdbx_poly_seq_scheme.pdb_seq_num 
_pdbx_poly_seq_scheme.auth_seq_num 
_pdbx_poly_seq_scheme.pdb_mon_id 
_pdbx_poly_seq_scheme.auth_mon_id 
_pdbx_poly_seq_scheme.pdb_strand_id 
_pdbx_poly_seq_scheme.pdb_ins_code 
_pdbx_poly_seq_scheme.hetero 
A 1 1   ALA 1   1   1   ALA ALA A . n 
A 1 2   GLU 2   2   2   GLU GLN A . n 
A 1 3   CYS 3   3   3   CYS CYS A . n 
A 1 4   SER 4   4   4   SER SER A . n 
A 1 5   VAL 5   5   5   VAL VAL A . n 
A 1 6   ASP 6   6   6   ASP ASP A . n 
A 1 7   ILE 7   7   7   ILE ILE A . n 
A 1 8   GLN 8   8   8   GLN GLN A . n 
A 1 9   GLY 9   9   9   GLY GLY A . n 
A 1 10  ASN 10  10  10  ASN ASN A . n 
A 1 11  ASP 11  11  11  ASP ASP A . n 
A 1 12  GLN 12  12  12  GLN GLN A . n 
A 1 13  MET 13  13  13  MET MET A . n 
A 1 14  GLN 14  14  14  GLN GLN A . n 
A 1 15  PHE 15  15  15  PHE PHE A . n 
A 1 16  ASN 16  16  16  ASN ASN A . n 
A 1 17  THR 17  17  17  THR THR A . n 
A 1 18  ASN 18  18  18  ASN ASN A . n 
A 1 19  ALA 19  19  19  ALA ALA A . n 
A 1 20  ILE 20  20  20  ILE ILE A . n 
A 1 21  THR 21  21  21  THR THR A . n 
A 1 22  VAL 22  22  22  VAL VAL A . n 
A 1 23  ASP 23  23  23  ASP ASP A . n 
A 1 24  LYS 24  24  24  LYS LYS A . n 
A 1 25  SER 25  25  25  SER SER A . n 
A 1 26  CYS 26  26  26  CYS CYS A . n 
A 1 27  LYS 27  27  27  LYS LYS A . n 
A 1 28  GLN 28  28  28  GLN GLN A . n 
A 1 29  PHE 29  29  29  PHE PHE A . n 
A 1 30  THR 30  30  30  THR THR A . n 
A 1 31  VAL 31  31  31  VAL VAL A . n 
A 1 32  ASN 32  32  32  ASN ASN A . n 
A 1 33  LEU 33  33  33  LEU LEU A . n 
A 1 34  SER 34  34  34  SER SER A . n 
A 1 35  HIS 35  35  35  HIS HIS A . n 
A 1 36  PRO 36  36  36  PRO PRO A . n 
A 1 37  GLY 37  37  37  GLY GLY A . n 
A 1 38  ASN 38  38  38  ASN ASN A . n 
A 1 39  LEU 39  39  39  LEU LEU A . n 
A 1 40  PRO 40  40  40  PRO PRO A . n 
A 1 41  LYS 41  41  41  LYS LYS A . n 
A 1 42  ASN 42  42  42  ASN ASN A . n 
A 1 43  VAL 43  43  43  VAL VAL A . n 
A 1 44  MET 44  44  44  MET MET A . n 
A 1 45  GLY 45  45  45  GLY GLY A . n 
A 1 46  HIS 46  46  46  HIS HIS A . n 
A 1 47  ASN 47  47  47  ASN ASN A . n 
A 1 48  TRP 48  48  48  TRP TRP A . n 
A 1 49  VAL 49  49  49  VAL VAL A . n 
A 1 50  LEU 50  50  50  LEU LEU A . n 
A 1 51  SER 51  51  51  SER SER A . n 
A 1 52  THR 52  52  52  THR THR A . n 
A 1 53  ALA 53  53  53  ALA ALA A . n 
A 1 54  ALA 54  54  54  ALA ALA A . n 
A 1 55  ASP 55  55  55  ASP ASP A . n 
A 1 56  MET 56  56  56  MET MET A . n 
A 1 57  GLN 57  57  57  GLN GLN A . n 
A 1 58  GLY 58  58  58  GLY GLY A . n 
A 1 59  VAL 59  59  59  VAL VAL A . n 
A 1 60  VAL 60  60  60  VAL VAL A . n 
A 1 61  THR 61  61  61  THR THR A . n 
A 1 62  ASP 62  62  62  ASP ASP A . n 
A 1 63  GLY 63  63  63  GLY GLY A . n 
A 1 64  MET 64  64  64  MET MET A . n 
A 1 65  ALA 65  65  65  ALA ALA A . n 
A 1 66  SER 66  66  66  SER SER A . n 
A 1 67  GLY 67  67  67  GLY GLY A . n 
A 1 68  LEU 68  68  68  LEU LEU A . n 
A 1 69  ASP 69  69  69  ASP ASP A . n 
A 1 70  LYS 70  70  70  LYS LYS A . n 
A 1 71  ASP 71  71  71  ASP ASP A . n 
A 1 72  TYR 72  72  72  TYR TYR A . n 
A 1 73  LEU 73  73  73  LEU LEU A . n 
A 1 74  LYS 74  74  74  LYS LYS A . n 
A 1 75  PRO 75  75  75  PRO PRO A . n 
A 1 76  ASP 76  76  76  ASP ASP A . n 
A 1 77  ASP 77  77  77  ASP ASP A . n 
A 1 78  SER 78  78  78  SER SER A . n 
A 1 79  ARG 79  79  79  ARG ARG A . n 
A 1 80  VAL 80  80  80  VAL VAL A . n 
A 1 81  ILE 81  81  81  ILE ILE A . n 
A 1 82  ALA 82  82  82  ALA ALA A . n 
A 1 83  HIS 83  83  83  HIS HIS A . n 
A 1 84  THR 84  84  84  THR THR A . n 
A 1 85  LYS 85  85  85  LYS LYS A . n 
A 1 86  LEU 86  86  86  LEU LEU A . n 
A 1 87  ILE 87  87  87  ILE ILE A . n 
A 1 88  GLY 88  88  88  GLY GLY A . n 
A 1 89  SER 89  89  89  SER SER A . n 
A 1 90  GLY 90  90  90  GLY GLY A . n 
A 1 91  GLU 91  91  91  GLU GLU A . n 
A 1 92  LYS 92  92  92  LYS LYS A . n 
A 1 93  ASP 93  93  93  ASP ASP A . n 
A 1 94  SER 94  94  94  SER SER A . n 
A 1 95  VAL 95  95  95  VAL VAL A . n 
A 1 96  THR 96  96  96  THR THR A . n 
A 1 97  PHE 97  97  97  PHE PHE A . n 
A 1 98  ASP 98  98  98  ASP ASP A . n 
A 1 99  VAL 99  99  99  VAL VAL A . n 
A 1 100 SER 100 100 100 SER SER A . n 
A 1 101 LYS 101 101 101 LYS LYS A . n 
A 1 102 LEU 102 102 102 LEU LEU A . n 
A 1 103 LYS 103 103 103 LYS LYS A . n 
A 1 104 GLU 104 104 104 GLU GLU A . n 
A 1 105 GLY 105 105 105 GLY GLY A . n 
A 1 106 GLU 106 106 106 GLU GLU A . n 
A 1 107 GLN 107 107 107 GLN GLN A . n 
A 1 108 TYR 108 108 108 TYR TYR A . n 
A 1 109 MET 109 109 109 MET MET A . n 
A 1 110 PHE 110 110 110 PHE PHE A . n 
A 1 111 PHE 111 111 111 PHE PHE A . n 
A 1 112 CYS 112 112 112 CYS CYS A . n 
A 1 113 THR 113 113 113 THR THR A . n 
A 1 114 PHE 114 114 114 PHE PHE A . n 
A 1 115 PRO 115 115 115 PRO PRO A . n 
A 1 116 GLY 116 116 116 GLY GLY A . n 
A 1 117 HIS 117 117 117 HIS HIS A . n 
A 1 118 SER 118 118 118 SER SER A . n 
A 1 119 ALA 119 119 119 ALA ALA A . n 
A 1 120 LEU 120 120 120 LEU LEU A . n 
A 1 121 MET 121 121 121 MET MET A . n 
A 1 122 LYS 122 122 122 LYS LYS A . n 
A 1 123 GLY 123 123 123 GLY GLY A . n 
A 1 124 THR 124 124 124 THR THR A . n 
A 1 125 LEU 125 125 125 LEU LEU A . n 
A 1 126 THR 126 126 126 THR THR A . n 
A 1 127 LEU 127 127 127 LEU LEU A . n 
A 1 128 LYS 128 128 128 LYS LYS A . n 
# 
loop_
_pdbx_nonpoly_scheme.asym_id 
_pdbx_nonpoly_scheme.entity_id 
_pdbx_nonpoly_scheme.mon_id 
_pdbx_nonpoly_scheme.ndb_seq_num 
_pdbx_nonpoly_scheme.pdb_seq_num 
_pdbx_nonpoly_scheme.auth_seq_num 
_pdbx_nonpoly_scheme.pdb_mon_id 
_pdbx_nonpoly_scheme.auth_mon_id 
_pdbx_nonpoly_scheme.pdb_strand_id 
_pdbx_nonpoly_scheme.pdb_ins_code 
B 2 CU  1   901  901  CU  CU  A . 
C 3 RTB 1   903  903  RTB RTB A . 
D 4 IME 1   902  902  IME CU  A . 
E 5 HOH 1   1000 1000 HOH WAT A . 
E 5 HOH 2   1001 1001 HOH WAT A . 
E 5 HOH 3   1002 1002 HOH WAT A . 
E 5 HOH 4   1003 1003 HOH WAT A . 
E 5 HOH 5   1004 1004 HOH WAT A . 
E 5 HOH 6   1005 1005 HOH WAT A . 
E 5 HOH 7   1006 1006 HOH WAT A . 
E 5 HOH 8   1007 1007 HOH WAT A . 
E 5 HOH 9   1008 1008 HOH WAT A . 
E 5 HOH 10  1009 1009 HOH WAT A . 
E 5 HOH 11  1010 1010 HOH WAT A . 
E 5 HOH 12  1011 1011 HOH WAT A . 
E 5 HOH 13  1012 1012 HOH WAT A . 
E 5 HOH 14  1013 1013 HOH WAT A . 
E 5 HOH 15  1014 1014 HOH WAT A . 
E 5 HOH 16  1015 1015 HOH WAT A . 
E 5 HOH 17  1016 1016 HOH WAT A . 
E 5 HOH 18  1017 1017 HOH WAT A . 
E 5 HOH 19  1018 1018 HOH WAT A . 
E 5 HOH 20  1019 1019 HOH WAT A . 
E 5 HOH 21  1020 1020 HOH WAT A . 
E 5 HOH 22  1021 1021 HOH WAT A . 
E 5 HOH 23  1022 1022 HOH WAT A . 
E 5 HOH 24  1023 1023 HOH WAT A . 
E 5 HOH 25  1024 1024 HOH WAT A . 
E 5 HOH 26  1025 1025 HOH WAT A . 
E 5 HOH 27  1026 1026 HOH WAT A . 
E 5 HOH 28  1027 1027 HOH WAT A . 
E 5 HOH 29  1028 1028 HOH WAT A . 
E 5 HOH 30  1029 1029 HOH WAT A . 
E 5 HOH 31  1030 1030 HOH WAT A . 
E 5 HOH 32  1031 1031 HOH WAT A . 
E 5 HOH 33  1032 1032 HOH WAT A . 
E 5 HOH 34  1033 1033 HOH WAT A . 
E 5 HOH 35  1034 1034 HOH WAT A . 
E 5 HOH 36  1035 1035 HOH WAT A . 
E 5 HOH 37  1036 1036 HOH WAT A . 
E 5 HOH 38  1037 1037 HOH WAT A . 
E 5 HOH 39  1038 1038 HOH WAT A . 
E 5 HOH 40  1039 1039 HOH WAT A . 
E 5 HOH 41  1040 1040 HOH WAT A . 
E 5 HOH 42  1041 1041 HOH WAT A . 
E 5 HOH 43  1042 1042 HOH WAT A . 
E 5 HOH 44  1043 1043 HOH WAT A . 
E 5 HOH 45  1044 1044 HOH WAT A . 
E 5 HOH 46  1045 1045 HOH WAT A . 
E 5 HOH 47  1046 1046 HOH WAT A . 
E 5 HOH 48  1047 1047 HOH WAT A . 
E 5 HOH 49  1048 1048 HOH WAT A . 
E 5 HOH 50  1049 1049 HOH WAT A . 
E 5 HOH 51  1050 1050 HOH WAT A . 
E 5 HOH 52  1051 1051 HOH WAT A . 
E 5 HOH 53  1052 1052 HOH WAT A . 
E 5 HOH 54  1053 1053 HOH WAT A . 
E 5 HOH 55  1054 1054 HOH WAT A . 
E 5 HOH 56  1055 1055 HOH WAT A . 
E 5 HOH 57  1056 1056 HOH WAT A . 
E 5 HOH 58  1057 1057 HOH WAT A . 
E 5 HOH 59  1058 1058 HOH WAT A . 
E 5 HOH 60  1059 1059 HOH WAT A . 
E 5 HOH 61  1060 1060 HOH WAT A . 
E 5 HOH 62  1061 1061 HOH WAT A . 
E 5 HOH 63  1062 1062 HOH WAT A . 
E 5 HOH 64  1063 1063 HOH WAT A . 
E 5 HOH 65  1064 1064 HOH WAT A . 
E 5 HOH 66  1065 1065 HOH WAT A . 
E 5 HOH 67  1066 1066 HOH WAT A . 
E 5 HOH 68  1067 1067 HOH WAT A . 
E 5 HOH 69  1068 1068 HOH WAT A . 
E 5 HOH 70  1069 1069 HOH WAT A . 
E 5 HOH 71  1070 1070 HOH WAT A . 
E 5 HOH 72  1071 1071 HOH WAT A . 
E 5 HOH 73  1072 1072 HOH WAT A . 
E 5 HOH 74  1073 1073 HOH WAT A . 
E 5 HOH 75  1074 1074 HOH WAT A . 
E 5 HOH 76  1075 1075 HOH WAT A . 
E 5 HOH 77  1076 1076 HOH WAT A . 
E 5 HOH 78  1077 1077 HOH WAT A . 
E 5 HOH 79  1078 1078 HOH WAT A . 
E 5 HOH 80  1079 1079 HOH WAT A . 
E 5 HOH 81  1080 1080 HOH WAT A . 
E 5 HOH 82  1081 1081 HOH WAT A . 
E 5 HOH 83  1082 1082 HOH WAT A . 
E 5 HOH 84  1083 1083 HOH WAT A . 
E 5 HOH 85  1084 1084 HOH WAT A . 
E 5 HOH 86  1085 1085 HOH WAT A . 
E 5 HOH 87  1086 1086 HOH WAT A . 
E 5 HOH 88  1087 1087 HOH WAT A . 
E 5 HOH 89  1088 1088 HOH WAT A . 
E 5 HOH 90  1089 1089 HOH WAT A . 
E 5 HOH 91  1090 1090 HOH WAT A . 
E 5 HOH 92  1091 1091 HOH WAT A . 
E 5 HOH 93  1092 1092 HOH WAT A . 
E 5 HOH 94  1093 1093 HOH WAT A . 
E 5 HOH 95  1094 1094 HOH WAT A . 
E 5 HOH 96  1095 1095 HOH WAT A . 
E 5 HOH 97  1096 1096 HOH WAT A . 
E 5 HOH 98  1097 1097 HOH WAT A . 
E 5 HOH 99  1098 1098 HOH WAT A . 
E 5 HOH 100 1099 1099 HOH WAT A . 
E 5 HOH 101 1100 1100 HOH WAT A . 
E 5 HOH 102 1101 1101 HOH WAT A . 
E 5 HOH 103 1102 1102 HOH WAT A . 
E 5 HOH 104 1103 1103 HOH WAT A . 
E 5 HOH 105 1104 1104 HOH WAT A . 
E 5 HOH 106 1105 1105 HOH WAT A . 
E 5 HOH 107 1106 1106 HOH WAT A . 
E 5 HOH 108 1107 1107 HOH WAT A . 
E 5 HOH 109 1108 1108 HOH WAT A . 
E 5 HOH 110 1109 1109 HOH WAT A . 
E 5 HOH 111 1111 1111 HOH WAT A . 
E 5 HOH 112 1112 1112 HOH WAT A . 
E 5 HOH 113 1113 1113 HOH WAT A . 
E 5 HOH 114 1114 1114 HOH WAT A . 
E 5 HOH 115 1115 1115 HOH WAT A . 
E 5 HOH 116 1116 1116 HOH WAT A . 
E 5 HOH 117 1117 1117 HOH WAT A . 
E 5 HOH 118 1118 1118 HOH WAT A . 
E 5 HOH 119 1119 1119 HOH WAT A . 
E 5 HOH 120 1120 1120 HOH WAT A . 
E 5 HOH 121 1121 1121 HOH WAT A . 
E 5 HOH 122 1122 1122 HOH WAT A . 
E 5 HOH 123 1123 1123 HOH WAT A . 
E 5 HOH 124 1124 1124 HOH WAT A . 
E 5 HOH 125 1125 1125 HOH WAT A . 
E 5 HOH 126 1126 1126 HOH WAT A . 
E 5 HOH 127 1127 1127 HOH WAT A . 
E 5 HOH 128 1128 1128 HOH WAT A . 
E 5 HOH 129 1129 1129 HOH WAT A . 
E 5 HOH 130 1130 1130 HOH WAT A . 
E 5 HOH 131 1131 1131 HOH WAT A . 
E 5 HOH 132 1132 1132 HOH WAT A . 
E 5 HOH 133 1133 1133 HOH WAT A . 
E 5 HOH 134 1134 1134 HOH WAT A . 
E 5 HOH 135 1135 1135 HOH WAT A . 
E 5 HOH 136 1136 1136 HOH WAT A . 
E 5 HOH 137 1137 1137 HOH WAT A . 
E 5 HOH 138 1138 1138 HOH WAT A . 
E 5 HOH 139 1139 1139 HOH WAT A . 
E 5 HOH 140 1140 1140 HOH WAT A . 
E 5 HOH 141 1141 1141 HOH WAT A . 
E 5 HOH 142 1142 1142 HOH WAT A . 
E 5 HOH 143 1143 1143 HOH WAT A . 
E 5 HOH 144 1144 1144 HOH WAT A . 
E 5 HOH 145 1145 1145 HOH WAT A . 
E 5 HOH 146 1146 1146 HOH WAT A . 
E 5 HOH 147 1147 1147 HOH WAT A . 
E 5 HOH 148 1148 1148 HOH WAT A . 
E 5 HOH 149 1149 1149 HOH WAT A . 
E 5 HOH 150 1150 1150 HOH WAT A . 
E 5 HOH 151 1151 1151 HOH WAT A . 
E 5 HOH 152 1152 1152 HOH WAT A . 
E 5 HOH 153 1153 1153 HOH WAT A . 
E 5 HOH 154 1154 1154 HOH WAT A . 
E 5 HOH 155 1155 1155 HOH WAT A . 
E 5 HOH 156 1156 1156 HOH WAT A . 
E 5 HOH 157 1157 1157 HOH WAT A . 
E 5 HOH 158 1158 1158 HOH WAT A . 
E 5 HOH 159 1159 1159 HOH WAT A . 
E 5 HOH 160 1160 1160 HOH WAT A . 
E 5 HOH 161 1161 1161 HOH WAT A . 
E 5 HOH 162 1162 1162 HOH WAT A . 
E 5 HOH 163 1163 1163 HOH WAT A . 
E 5 HOH 164 1164 1164 HOH WAT A . 
E 5 HOH 165 1165 1165 HOH WAT A . 
E 5 HOH 166 1166 1166 HOH WAT A . 
E 5 HOH 167 1167 1167 HOH WAT A . 
E 5 HOH 168 1168 1168 HOH WAT A . 
E 5 HOH 169 1169 1169 HOH WAT A . 
E 5 HOH 170 1170 1170 HOH WAT A . 
E 5 HOH 171 1171 1171 HOH WAT A . 
E 5 HOH 172 1172 1172 HOH WAT A . 
E 5 HOH 173 1173 1173 HOH WAT A . 
E 5 HOH 174 1174 1174 HOH WAT A . 
# 
loop_
_pdbx_unobs_or_zero_occ_atoms.id 
_pdbx_unobs_or_zero_occ_atoms.PDB_model_num 
_pdbx_unobs_or_zero_occ_atoms.polymer_flag 
_pdbx_unobs_or_zero_occ_atoms.occupancy_flag 
_pdbx_unobs_or_zero_occ_atoms.auth_asym_id 
_pdbx_unobs_or_zero_occ_atoms.auth_comp_id 
_pdbx_unobs_or_zero_occ_atoms.auth_seq_id 
_pdbx_unobs_or_zero_occ_atoms.PDB_ins_code 
_pdbx_unobs_or_zero_occ_atoms.auth_atom_id 
_pdbx_unobs_or_zero_occ_atoms.label_alt_id 
_pdbx_unobs_or_zero_occ_atoms.label_asym_id 
_pdbx_unobs_or_zero_occ_atoms.label_comp_id 
_pdbx_unobs_or_zero_occ_atoms.label_seq_id 
_pdbx_unobs_or_zero_occ_atoms.label_atom_id 
1  1 N 1 A IME 902 ? O2  ? D IME 1 O2  
2  1 N 1 A IME 902 ? CG3 ? D IME 1 CG3 
3  1 N 1 A IME 902 ? CDW ? D IME 1 CDW 
4  1 N 1 A IME 902 ? NDV ? D IME 1 NDV 
5  1 N 1 A IME 902 ? CEV ? D IME 1 CEV 
6  1 N 1 A IME 902 ? NEW ? D IME 1 NEW 
7  1 N 1 A IME 902 ? CG4 ? D IME 1 CG4 
8  1 N 1 A IME 902 ? CD6 ? D IME 1 CD6 
9  1 N 1 A IME 902 ? ND5 ? D IME 1 ND5 
10 1 N 1 A IME 902 ? CE5 ? D IME 1 CE5 
11 1 N 1 A IME 902 ? NE6 ? D IME 1 NE6 
# 
loop_
_software.name 
_software.classification 
_software.version 
_software.citation_id 
_software.pdbx_ordinal 
DENZO     'data reduction' .   ? 1 
SCALEPACK 'data scaling'   .   ? 2 
X-PLOR    'model building' .   ? 3 
CNS       refinement       1.0 ? 4 
X-PLOR    phasing          .   ? 5 
# 
_cell.entry_id           1JZF 
_cell.length_a           52.776 
_cell.length_b           61.441 
_cell.length_c           75.956 
_cell.angle_alpha        90.00 
_cell.angle_beta         90.00 
_cell.angle_gamma        90.00 
_cell.Z_PDB              8 
_cell.pdbx_unique_axis   ? 
# 
_symmetry.entry_id                         1JZF 
_symmetry.space_group_name_H-M             'I 2 2 2' 
_symmetry.pdbx_full_space_group_name_H-M   ? 
_symmetry.cell_setting                     ? 
_symmetry.Int_Tables_number                23 
# 
_exptl.entry_id          1JZF 
_exptl.method            'X-RAY DIFFRACTION' 
_exptl.crystals_number   1 
# 
_exptl_crystal.id                    1 
_exptl_crystal.density_meas          ? 
_exptl_crystal.density_Matthews      2.20 
_exptl_crystal.density_percent_sol   44.20 
_exptl_crystal.description           ? 
# 
_exptl_crystal_grow.crystal_id      1 
_exptl_crystal_grow.method          'VAPOR DIFFUSION, HANGING DROP' 
_exptl_crystal_grow.temp            293 
_exptl_crystal_grow.temp_details    ? 
_exptl_crystal_grow.pH              7.0 
_exptl_crystal_grow.pdbx_details    'PEG, Imidazole, pH 7.0, VAPOR DIFFUSION, HANGING DROP, temperature 293K' 
_exptl_crystal_grow.pdbx_pH_range   ? 
# 
_diffrn.id                     1 
_diffrn.ambient_temp           100 
_diffrn.ambient_temp_details   ? 
_diffrn.crystal_id             1 
# 
_diffrn_detector.diffrn_id              1 
_diffrn_detector.detector               CCD 
_diffrn_detector.type                   'ADSC QUANTUM 4' 
_diffrn_detector.pdbx_collection_date   2000-06-05 
_diffrn_detector.details                ? 
# 
_diffrn_radiation.diffrn_id                        1 
_diffrn_radiation.wavelength_id                    1 
_diffrn_radiation.pdbx_monochromatic_or_laue_m_l   M 
_diffrn_radiation.monochromator                    'Double Si' 
_diffrn_radiation.pdbx_diffrn_protocol             'SINGLE WAVELENGTH' 
_diffrn_radiation.pdbx_scattering_type             x-ray 
# 
_diffrn_radiation_wavelength.id           1 
_diffrn_radiation_wavelength.wavelength   1.03 
_diffrn_radiation_wavelength.wt           1.0 
# 
_diffrn_source.diffrn_id                   1 
_diffrn_source.source                      SYNCHROTRON 
_diffrn_source.type                        'SSRL BEAMLINE BL9-2' 
_diffrn_source.pdbx_synchrotron_site       SSRL 
_diffrn_source.pdbx_synchrotron_beamline   BL9-2 
_diffrn_source.pdbx_wavelength             ? 
_diffrn_source.pdbx_wavelength_list        1.03 
# 
_reflns.entry_id                     1JZF 
_reflns.observed_criterion_sigma_I   0.0 
_reflns.observed_criterion_sigma_F   0.0 
_reflns.d_resolution_low             20.0 
_reflns.d_resolution_high            1.50 
_reflns.number_obs                   19968 
_reflns.number_all                   19968 
_reflns.percent_possible_obs         98.4 
_reflns.pdbx_Rmerge_I_obs            ? 
_reflns.pdbx_Rsym_value              0.038 
_reflns.pdbx_netI_over_sigmaI        32 
_reflns.B_iso_Wilson_estimate        14.3 
_reflns.pdbx_redundancy              3.6 
_reflns.R_free_details               ? 
_reflns.limit_h_max                  ? 
_reflns.limit_h_min                  ? 
_reflns.limit_k_max                  ? 
_reflns.limit_k_min                  ? 
_reflns.limit_l_max                  ? 
_reflns.limit_l_min                  ? 
_reflns.observed_criterion_F_max     ? 
_reflns.observed_criterion_F_min     ? 
_reflns.pdbx_diffrn_id               1 
_reflns.pdbx_ordinal                 1 
# 
_reflns_shell.d_res_high             1.50 
_reflns_shell.d_res_low              1.55 
_reflns_shell.percent_possible_all   98.9 
_reflns_shell.Rmerge_I_obs           ? 
_reflns_shell.pdbx_Rsym_value        0.153 
_reflns_shell.meanI_over_sigI_obs    0.118 
_reflns_shell.pdbx_redundancy        ? 
_reflns_shell.percent_possible_obs   ? 
_reflns_shell.number_unique_all      1919 
_reflns_shell.pdbx_diffrn_id         ? 
_reflns_shell.pdbx_ordinal           1 
# 
_refine.entry_id                                 1JZF 
_refine.ls_number_reflns_obs                     19638 
_refine.ls_number_reflns_all                     19638 
_refine.pdbx_ls_sigma_I                          ? 
_refine.pdbx_ls_sigma_F                          0.0 
_refine.pdbx_data_cutoff_high_absF               641862.45 
_refine.pdbx_data_cutoff_low_absF                0.000000 
_refine.ls_d_res_low                             19.78 
_refine.ls_d_res_high                            1.50 
_refine.ls_percent_reflns_obs                    97.6 
_refine.ls_R_factor_obs                          ? 
_refine.ls_R_factor_all                          ? 
_refine.ls_R_factor_R_work                       0.218 
_refine.ls_R_factor_R_free                       0.22 
_refine.ls_R_factor_R_free_error                 0.006 
_refine.ls_R_factor_R_free_error_details         ? 
_refine.ls_percent_reflns_R_free                 7.8 
_refine.ls_number_reflns_R_free                  1539 
_refine.ls_number_parameters                     ? 
_refine.ls_number_restraints                     ? 
_refine.occupancy_min                            ? 
_refine.occupancy_max                            ? 
_refine.B_iso_mean                               15.9 
_refine.aniso_B[1][1]                            -2.06 
_refine.aniso_B[2][2]                            0.20 
_refine.aniso_B[3][3]                            1.85 
_refine.aniso_B[1][2]                            0.00 
_refine.aniso_B[1][3]                            0.00 
_refine.aniso_B[2][3]                            0.00 
_refine.solvent_model_details                    'FLAT MODEL' 
_refine.solvent_model_param_ksol                 0.352409 
_refine.solvent_model_param_bsol                 25.9323 
_refine.pdbx_ls_cross_valid_method               ? 
_refine.details                                  ? 
_refine.pdbx_starting_model                      ? 
_refine.pdbx_method_to_determine_struct          'FOURIER SYNTHESIS' 
_refine.pdbx_isotropic_thermal_model             RESTRAINED 
_refine.pdbx_stereochemistry_target_values       'Engh & Huber' 
_refine.pdbx_stereochem_target_val_spec_case     ? 
_refine.pdbx_R_Free_selection_details            RANDOM 
_refine.pdbx_overall_ESU_R_Free                  ? 
_refine.overall_SU_B                             ? 
_refine.ls_redundancy_reflns_obs                 ? 
_refine.B_iso_min                                ? 
_refine.B_iso_max                                ? 
_refine.correlation_coeff_Fo_to_Fc               ? 
_refine.correlation_coeff_Fo_to_Fc_free          ? 
_refine.overall_SU_R_Cruickshank_DPI             ? 
_refine.overall_SU_R_free                        ? 
_refine.overall_SU_ML                            ? 
_refine.pdbx_overall_ESU_R                       ? 
_refine.pdbx_data_cutoff_high_rms_absF           ? 
_refine.pdbx_refine_id                           'X-RAY DIFFRACTION' 
_refine.pdbx_diffrn_id                           1 
_refine.pdbx_TLS_residual_ADP_flag               ? 
_refine.pdbx_solvent_vdw_probe_radii             ? 
_refine.pdbx_solvent_ion_probe_radii             ? 
_refine.pdbx_solvent_shrinkage_radii             ? 
_refine.pdbx_overall_phase_error                 ? 
_refine.pdbx_overall_SU_R_free_Cruickshank_DPI   ? 
_refine.pdbx_overall_SU_R_Blow_DPI               ? 
_refine.pdbx_overall_SU_R_free_Blow_DPI          ? 
# 
_refine_analyze.entry_id                        1JZF 
_refine_analyze.Luzzati_coordinate_error_obs    0.19 
_refine_analyze.Luzzati_sigma_a_obs             0.12 
_refine_analyze.Luzzati_d_res_low_obs           5.00 
_refine_analyze.Luzzati_coordinate_error_free   0.20 
_refine_analyze.Luzzati_sigma_a_free            0.14 
_refine_analyze.Luzzati_d_res_low_free          ? 
_refine_analyze.number_disordered_residues      ? 
_refine_analyze.occupancy_sum_hydrogen          ? 
_refine_analyze.occupancy_sum_non_hydrogen      ? 
_refine_analyze.pdbx_Luzzati_d_res_high_obs     ? 
_refine_analyze.pdbx_refine_id                  'X-RAY DIFFRACTION' 
# 
_refine_hist.pdbx_refine_id                   'X-RAY DIFFRACTION' 
_refine_hist.cycle_id                         LAST 
_refine_hist.pdbx_number_atoms_protein        1015 
_refine_hist.pdbx_number_atoms_nucleic_acid   0 
_refine_hist.pdbx_number_atoms_ligand         46 
_refine_hist.number_atoms_solvent             174 
_refine_hist.number_atoms_total               1235 
_refine_hist.d_res_high                       1.50 
_refine_hist.d_res_low                        19.78 
# 
loop_
_refine_ls_restr.type 
_refine_ls_restr.dev_ideal 
_refine_ls_restr.dev_ideal_target 
_refine_ls_restr.weight 
_refine_ls_restr.number 
_refine_ls_restr.pdbx_refine_id 
_refine_ls_restr.pdbx_restraint_function 
c_bond_d           0.014 ?    ? ? 'X-RAY DIFFRACTION' ? 
c_angle_deg        1.4   ?    ? ? 'X-RAY DIFFRACTION' ? 
c_dihedral_angle_d 25.2  ?    ? ? 'X-RAY DIFFRACTION' ? 
c_improper_angle_d 1.03  ?    ? ? 'X-RAY DIFFRACTION' ? 
c_mcbond_it        0.30  1.50 ? ? 'X-RAY DIFFRACTION' ? 
c_mcangle_it       0.55  2.00 ? ? 'X-RAY DIFFRACTION' ? 
c_scbond_it        0.35  2.00 ? ? 'X-RAY DIFFRACTION' ? 
c_scangle_it       0.56  2.50 ? ? 'X-RAY DIFFRACTION' ? 
# 
_refine_ls_shell.pdbx_total_number_of_bins_used   10 
_refine_ls_shell.d_res_high                       1.50 
_refine_ls_shell.d_res_low                        1.55 
_refine_ls_shell.number_reflns_R_work             1680 
_refine_ls_shell.R_factor_R_work                  0.249 
_refine_ls_shell.percent_reflns_obs               97.2 
_refine_ls_shell.R_factor_R_free                  0.259 
_refine_ls_shell.R_factor_R_free_error            0.021 
_refine_ls_shell.percent_reflns_R_free            8.5 
_refine_ls_shell.number_reflns_R_free             157 
_refine_ls_shell.number_reflns_obs                ? 
_refine_ls_shell.redundancy_reflns_obs            ? 
_refine_ls_shell.number_reflns_all                ? 
_refine_ls_shell.pdbx_refine_id                   'X-RAY DIFFRACTION' 
_refine_ls_shell.R_factor_all                     ? 
# 
loop_
_pdbx_xplor_file.serial_no 
_pdbx_xplor_file.param_file 
_pdbx_xplor_file.topol_file 
_pdbx_xplor_file.pdbx_refine_id 
1 PROTEIN.PARAM PROTEIN.TOP  'X-RAY DIFFRACTION' 
2 PARAM19X.HEME WATER.TOP    'X-RAY DIFFRACTION' 
3 RUPHEN.PAR    RUPHEN.TOP   'X-RAY DIFFRACTION' 
4 WATER.PARAM   TOPH19X.HEME 'X-RAY DIFFRACTION' 
# 
_struct.entry_id                  1JZF 
_struct.title                     'Pseudomonas aeruginosa Oxidized Azurin(Cu2+) Ru(tpy)(phen)(His83)' 
_struct.pdbx_model_details        ? 
_struct.pdbx_CASP_flag            ? 
_struct.pdbx_model_type_details   ? 
# 
_struct_keywords.entry_id        1JZF 
_struct_keywords.pdbx_keywords   'ELECTRON TRANSPORT' 
_struct_keywords.text            'Blue-copper, Electron Transfer, Tunneling, Ruthenium, Cu2+, ELECTRON TRANSPORT' 
# 
loop_
_struct_asym.id 
_struct_asym.pdbx_blank_PDB_chainid_flag 
_struct_asym.pdbx_modified 
_struct_asym.entity_id 
_struct_asym.details 
A N N 1 ? 
B N N 2 ? 
C N N 3 ? 
D N N 4 ? 
E N N 5 ? 
# 
_struct_ref.id                         1 
_struct_ref.db_name                    UNP 
_struct_ref.db_code                    AZUR_PSEAE 
_struct_ref.entity_id                  1 
_struct_ref.pdbx_seq_one_letter_code   
;AECSVDIQGNDQMQFNTNAITVDKSCKQFTVNLSHPGNLPKNVMGHNWVLSTAADMQGVVTDGMASGLDKDYLKPDDSRV
IAHTKLIGSGEKDSVTFDVSKLKEGEQYMFFCTFPGHSALMKGTLTLK
;
_struct_ref.pdbx_align_begin           21 
_struct_ref.pdbx_db_accession          P00282 
_struct_ref.pdbx_db_isoform            ? 
# 
_struct_ref_seq.align_id                      1 
_struct_ref_seq.ref_id                        1 
_struct_ref_seq.pdbx_PDB_id_code              1JZF 
_struct_ref_seq.pdbx_strand_id                A 
_struct_ref_seq.seq_align_beg                 1 
_struct_ref_seq.pdbx_seq_align_beg_ins_code   ? 
_struct_ref_seq.seq_align_end                 128 
_struct_ref_seq.pdbx_seq_align_end_ins_code   ? 
_struct_ref_seq.pdbx_db_accession             P00282 
_struct_ref_seq.db_align_beg                  21 
_struct_ref_seq.pdbx_db_align_beg_ins_code    ? 
_struct_ref_seq.db_align_end                  148 
_struct_ref_seq.pdbx_db_align_end_ins_code    ? 
_struct_ref_seq.pdbx_auth_seq_align_beg       1 
_struct_ref_seq.pdbx_auth_seq_align_end       128 
# 
_pdbx_struct_assembly.id                   1 
_pdbx_struct_assembly.details              author_defined_assembly 
_pdbx_struct_assembly.method_details       ? 
_pdbx_struct_assembly.oligomeric_details   monomeric 
_pdbx_struct_assembly.oligomeric_count     1 
# 
_pdbx_struct_assembly_gen.assembly_id       1 
_pdbx_struct_assembly_gen.oper_expression   1 
_pdbx_struct_assembly_gen.asym_id_list      A,B,C,D,E 
# 
_pdbx_struct_oper_list.id                   1 
_pdbx_struct_oper_list.type                 'identity operation' 
_pdbx_struct_oper_list.name                 1_555 
_pdbx_struct_oper_list.symmetry_operation   x,y,z 
_pdbx_struct_oper_list.matrix[1][1]         1.0000000000 
_pdbx_struct_oper_list.matrix[1][2]         0.0000000000 
_pdbx_struct_oper_list.matrix[1][3]         0.0000000000 
_pdbx_struct_oper_list.vector[1]            0.0000000000 
_pdbx_struct_oper_list.matrix[2][1]         0.0000000000 
_pdbx_struct_oper_list.matrix[2][2]         1.0000000000 
_pdbx_struct_oper_list.matrix[2][3]         0.0000000000 
_pdbx_struct_oper_list.vector[2]            0.0000000000 
_pdbx_struct_oper_list.matrix[3][1]         0.0000000000 
_pdbx_struct_oper_list.matrix[3][2]         0.0000000000 
_pdbx_struct_oper_list.matrix[3][3]         1.0000000000 
_pdbx_struct_oper_list.vector[3]            0.0000000000 
# 
_struct_biol.id                    1 
_struct_biol.details               'The biological assembly is a monomer' 
_struct_biol.pdbx_parent_biol_id   ? 
# 
loop_
_struct_conf.conf_type_id 
_struct_conf.id 
_struct_conf.pdbx_PDB_helix_id 
_struct_conf.beg_label_comp_id 
_struct_conf.beg_label_asym_id 
_struct_conf.beg_label_seq_id 
_struct_conf.pdbx_beg_PDB_ins_code 
_struct_conf.end_label_comp_id 
_struct_conf.end_label_asym_id 
_struct_conf.end_label_seq_id 
_struct_conf.pdbx_end_PDB_ins_code 
_struct_conf.beg_auth_comp_id 
_struct_conf.beg_auth_asym_id 
_struct_conf.beg_auth_seq_id 
_struct_conf.end_auth_comp_id 
_struct_conf.end_auth_asym_id 
_struct_conf.end_auth_seq_id 
_struct_conf.pdbx_PDB_helix_class 
_struct_conf.details 
_struct_conf.pdbx_PDB_helix_length 
HELX_P HELX_P1 1 PRO A 40  ? GLY A 45  ? PRO A 40  GLY A 45  1 ? 6  
HELX_P HELX_P2 2 ASP A 55  ? ALA A 65  ? ASP A 55  ALA A 65  1 ? 11 
HELX_P HELX_P3 3 SER A 66  ? ASP A 71  ? SER A 66  ASP A 71  5 ? 6  
HELX_P HELX_P4 4 SER A 100 ? LEU A 102 ? SER A 100 LEU A 102 5 ? 3  
HELX_P HELX_P5 5 GLY A 116 ? LEU A 120 ? GLY A 116 LEU A 120 5 ? 5  
# 
_struct_conf_type.id          HELX_P 
_struct_conf_type.criteria    ? 
_struct_conf_type.reference   ? 
# 
loop_
_struct_conn.id 
_struct_conn.conn_type_id 
_struct_conn.pdbx_leaving_atom_flag 
_struct_conn.pdbx_PDB_id 
_struct_conn.ptnr1_label_asym_id 
_struct_conn.ptnr1_label_comp_id 
_struct_conn.ptnr1_label_seq_id 
_struct_conn.ptnr1_label_atom_id 
_struct_conn.pdbx_ptnr1_label_alt_id 
_struct_conn.pdbx_ptnr1_PDB_ins_code 
_struct_conn.pdbx_ptnr1_standard_comp_id 
_struct_conn.ptnr1_symmetry 
_struct_conn.ptnr2_label_asym_id 
_struct_conn.ptnr2_label_comp_id 
_struct_conn.ptnr2_label_seq_id 
_struct_conn.ptnr2_label_atom_id 
_struct_conn.pdbx_ptnr2_label_alt_id 
_struct_conn.pdbx_ptnr2_PDB_ins_code 
_struct_conn.ptnr1_auth_asym_id 
_struct_conn.ptnr1_auth_comp_id 
_struct_conn.ptnr1_auth_seq_id 
_struct_conn.ptnr2_auth_asym_id 
_struct_conn.ptnr2_auth_comp_id 
_struct_conn.ptnr2_auth_seq_id 
_struct_conn.ptnr2_symmetry 
_struct_conn.pdbx_ptnr3_label_atom_id 
_struct_conn.pdbx_ptnr3_label_seq_id 
_struct_conn.pdbx_ptnr3_label_comp_id 
_struct_conn.pdbx_ptnr3_label_asym_id 
_struct_conn.pdbx_ptnr3_label_alt_id 
_struct_conn.pdbx_ptnr3_PDB_ins_code 
_struct_conn.details 
_struct_conn.pdbx_dist_value 
_struct_conn.pdbx_value_order 
_struct_conn.pdbx_role 
disulf1 disulf ? ? A CYS 3   SG  ? ? ? 1_555 A CYS 26 SG ? ? A CYS 3   A CYS 26  1_555 ? ? ? ? ? ? ? 2.031 ? ? 
metalc1 metalc ? ? A GLY 45  O   ? ? ? 1_555 B CU  .  CU ? ? A GLY 45  A CU  901 1_555 ? ? ? ? ? ? ? 2.597 ? ? 
metalc2 metalc ? ? A HIS 46  ND1 ? ? ? 1_555 B CU  .  CU ? ? A HIS 46  A CU  901 1_555 ? ? ? ? ? ? ? 2.023 ? ? 
metalc3 metalc ? ? A HIS 83  NE2 ? ? ? 1_555 C RTB .  RU ? ? A HIS 83  A RTB 903 1_555 ? ? ? ? ? ? ? 2.024 ? ? 
metalc4 metalc ? ? A CYS 112 SG  ? ? ? 1_555 B CU  .  CU ? ? A CYS 112 A CU  901 1_555 ? ? ? ? ? ? ? 2.205 ? ? 
metalc5 metalc ? ? A HIS 117 ND1 ? ? ? 1_555 B CU  .  CU ? ? A HIS 117 A CU  901 1_555 ? ? ? ? ? ? ? 2.080 ? ? 
metalc6 metalc ? ? A MET 121 SD  ? ? ? 1_555 B CU  .  CU ? ? A MET 121 A CU  901 1_555 ? ? ? ? ? ? ? 3.317 ? ? 
# 
loop_
_struct_conn_type.id 
_struct_conn_type.criteria 
_struct_conn_type.reference 
disulf ? ? 
metalc ? ? 
# 
loop_
_pdbx_struct_conn_angle.id 
_pdbx_struct_conn_angle.ptnr1_label_atom_id 
_pdbx_struct_conn_angle.ptnr1_label_alt_id 
_pdbx_struct_conn_angle.ptnr1_label_asym_id 
_pdbx_struct_conn_angle.ptnr1_label_comp_id 
_pdbx_struct_conn_angle.ptnr1_label_seq_id 
_pdbx_struct_conn_angle.ptnr1_auth_atom_id 
_pdbx_struct_conn_angle.ptnr1_auth_asym_id 
_pdbx_struct_conn_angle.ptnr1_auth_comp_id 
_pdbx_struct_conn_angle.ptnr1_auth_seq_id 
_pdbx_struct_conn_angle.ptnr1_PDB_ins_code 
_pdbx_struct_conn_angle.ptnr1_symmetry 
_pdbx_struct_conn_angle.ptnr2_label_atom_id 
_pdbx_struct_conn_angle.ptnr2_label_alt_id 
_pdbx_struct_conn_angle.ptnr2_label_asym_id 
_pdbx_struct_conn_angle.ptnr2_label_comp_id 
_pdbx_struct_conn_angle.ptnr2_label_seq_id 
_pdbx_struct_conn_angle.ptnr2_auth_atom_id 
_pdbx_struct_conn_angle.ptnr2_auth_asym_id 
_pdbx_struct_conn_angle.ptnr2_auth_comp_id 
_pdbx_struct_conn_angle.ptnr2_auth_seq_id 
_pdbx_struct_conn_angle.ptnr2_PDB_ins_code 
_pdbx_struct_conn_angle.ptnr2_symmetry 
_pdbx_struct_conn_angle.ptnr3_label_atom_id 
_pdbx_struct_conn_angle.ptnr3_label_alt_id 
_pdbx_struct_conn_angle.ptnr3_label_asym_id 
_pdbx_struct_conn_angle.ptnr3_label_comp_id 
_pdbx_struct_conn_angle.ptnr3_label_seq_id 
_pdbx_struct_conn_angle.ptnr3_auth_atom_id 
_pdbx_struct_conn_angle.ptnr3_auth_asym_id 
_pdbx_struct_conn_angle.ptnr3_auth_comp_id 
_pdbx_struct_conn_angle.ptnr3_auth_seq_id 
_pdbx_struct_conn_angle.ptnr3_PDB_ins_code 
_pdbx_struct_conn_angle.ptnr3_symmetry 
_pdbx_struct_conn_angle.value 
_pdbx_struct_conn_angle.value_esd 
1  O   ? A GLY 45  ? A GLY 45  ? 1_555 CU ? B CU  . ? A CU  901 ? 1_555 ND1 ? A HIS 46  ? A HIS 46  ? 1_555 80.3  ? 
2  O   ? A GLY 45  ? A GLY 45  ? 1_555 CU ? B CU  . ? A CU  901 ? 1_555 SG  ? A CYS 112 ? A CYS 112 ? 1_555 96.5  ? 
3  ND1 ? A HIS 46  ? A HIS 46  ? 1_555 CU ? B CU  . ? A CU  901 ? 1_555 SG  ? A CYS 112 ? A CYS 112 ? 1_555 132.3 ? 
4  O   ? A GLY 45  ? A GLY 45  ? 1_555 CU ? B CU  . ? A CU  901 ? 1_555 ND1 ? A HIS 117 ? A HIS 117 ? 1_555 91.9  ? 
5  ND1 ? A HIS 46  ? A HIS 46  ? 1_555 CU ? B CU  . ? A CU  901 ? 1_555 ND1 ? A HIS 117 ? A HIS 117 ? 1_555 104.7 ? 
6  SG  ? A CYS 112 ? A CYS 112 ? 1_555 CU ? B CU  . ? A CU  901 ? 1_555 ND1 ? A HIS 117 ? A HIS 117 ? 1_555 123.0 ? 
7  O   ? A GLY 45  ? A GLY 45  ? 1_555 CU ? B CU  . ? A CU  901 ? 1_555 SD  ? A MET 121 ? A MET 121 ? 1_555 150.4 ? 
8  ND1 ? A HIS 46  ? A HIS 46  ? 1_555 CU ? B CU  . ? A CU  901 ? 1_555 SD  ? A MET 121 ? A MET 121 ? 1_555 72.0  ? 
9  SG  ? A CYS 112 ? A CYS 112 ? 1_555 CU ? B CU  . ? A CU  901 ? 1_555 SD  ? A MET 121 ? A MET 121 ? 1_555 109.6 ? 
10 ND1 ? A HIS 117 ? A HIS 117 ? 1_555 CU ? B CU  . ? A CU  901 ? 1_555 SD  ? A MET 121 ? A MET 121 ? 1_555 85.4  ? 
11 NE2 ? A HIS 83  ? A HIS 83  ? 1_555 RU ? C RTB . ? A RTB 903 ? 1_555 N2  ? C RTB .   ? A RTB 903 ? 1_555 173.2 ? 
12 NE2 ? A HIS 83  ? A HIS 83  ? 1_555 RU ? C RTB . ? A RTB 903 ? 1_555 N3  ? C RTB .   ? A RTB 903 ? 1_555 89.7  ? 
13 N2  ? C RTB .   ? A RTB 903 ? 1_555 RU ? C RTB . ? A RTB 903 ? 1_555 N3  ? C RTB .   ? A RTB 903 ? 1_555 94.5  ? 
14 NE2 ? A HIS 83  ? A HIS 83  ? 1_555 RU ? C RTB . ? A RTB 903 ? 1_555 N4  ? C RTB .   ? A RTB 903 ? 1_555 92.9  ? 
15 N2  ? C RTB .   ? A RTB 903 ? 1_555 RU ? C RTB . ? A RTB 903 ? 1_555 N4  ? C RTB .   ? A RTB 903 ? 1_555 82.9  ? 
16 N3  ? C RTB .   ? A RTB 903 ? 1_555 RU ? C RTB . ? A RTB 903 ? 1_555 N4  ? C RTB .   ? A RTB 903 ? 1_555 177.1 ? 
17 NE2 ? A HIS 83  ? A HIS 83  ? 1_555 RU ? C RTB . ? A RTB 903 ? 1_555 N5  ? C RTB .   ? A RTB 903 ? 1_555 88.4  ? 
18 N2  ? C RTB .   ? A RTB 903 ? 1_555 RU ? C RTB . ? A RTB 903 ? 1_555 N5  ? C RTB .   ? A RTB 903 ? 1_555 87.0  ? 
19 N3  ? C RTB .   ? A RTB 903 ? 1_555 RU ? C RTB . ? A RTB 903 ? 1_555 N5  ? C RTB .   ? A RTB 903 ? 1_555 80.0  ? 
20 N4  ? C RTB .   ? A RTB 903 ? 1_555 RU ? C RTB . ? A RTB 903 ? 1_555 N5  ? C RTB .   ? A RTB 903 ? 1_555 98.7  ? 
21 NE2 ? A HIS 83  ? A HIS 83  ? 1_555 RU ? C RTB . ? A RTB 903 ? 1_555 N6  ? C RTB .   ? A RTB 903 ? 1_555 91.7  ? 
22 N2  ? C RTB .   ? A RTB 903 ? 1_555 RU ? C RTB . ? A RTB 903 ? 1_555 N6  ? C RTB .   ? A RTB 903 ? 1_555 94.4  ? 
23 N3  ? C RTB .   ? A RTB 903 ? 1_555 RU ? C RTB . ? A RTB 903 ? 1_555 N6  ? C RTB .   ? A RTB 903 ? 1_555 80.7  ? 
24 N4  ? C RTB .   ? A RTB 903 ? 1_555 RU ? C RTB . ? A RTB 903 ? 1_555 N6  ? C RTB .   ? A RTB 903 ? 1_555 100.6 ? 
25 N5  ? C RTB .   ? A RTB 903 ? 1_555 RU ? C RTB . ? A RTB 903 ? 1_555 N6  ? C RTB .   ? A RTB 903 ? 1_555 160.7 ? 
# 
_pdbx_modification_feature.ordinal                            1 
_pdbx_modification_feature.label_comp_id                      CYS 
_pdbx_modification_feature.label_asym_id                      A 
_pdbx_modification_feature.label_seq_id                       3 
_pdbx_modification_feature.label_alt_id                       ? 
_pdbx_modification_feature.modified_residue_label_comp_id     CYS 
_pdbx_modification_feature.modified_residue_label_asym_id     A 
_pdbx_modification_feature.modified_residue_label_seq_id      26 
_pdbx_modification_feature.modified_residue_label_alt_id      ? 
_pdbx_modification_feature.auth_comp_id                       CYS 
_pdbx_modification_feature.auth_asym_id                       A 
_pdbx_modification_feature.auth_seq_id                        3 
_pdbx_modification_feature.PDB_ins_code                       ? 
_pdbx_modification_feature.symmetry                           1_555 
_pdbx_modification_feature.modified_residue_auth_comp_id      CYS 
_pdbx_modification_feature.modified_residue_auth_asym_id      A 
_pdbx_modification_feature.modified_residue_auth_seq_id       26 
_pdbx_modification_feature.modified_residue_PDB_ins_code      ? 
_pdbx_modification_feature.modified_residue_symmetry          1_555 
_pdbx_modification_feature.comp_id_linking_atom               SG 
_pdbx_modification_feature.modified_residue_id_linking_atom   SG 
_pdbx_modification_feature.modified_residue_id                . 
_pdbx_modification_feature.ref_pcm_id                         . 
_pdbx_modification_feature.ref_comp_id                        . 
_pdbx_modification_feature.type                               None 
_pdbx_modification_feature.category                           'Disulfide bridge' 
# 
loop_
_struct_sheet.id 
_struct_sheet.type 
_struct_sheet.number_strands 
_struct_sheet.details 
A ? 3 ? 
B ? 5 ? 
# 
loop_
_struct_sheet_order.sheet_id 
_struct_sheet_order.range_id_1 
_struct_sheet_order.range_id_2 
_struct_sheet_order.offset 
_struct_sheet_order.sense 
A 1 2 ? parallel      
A 2 3 ? anti-parallel 
B 1 2 ? parallel      
B 2 3 ? anti-parallel 
B 3 4 ? anti-parallel 
B 4 5 ? anti-parallel 
# 
loop_
_struct_sheet_range.sheet_id 
_struct_sheet_range.id 
_struct_sheet_range.beg_label_comp_id 
_struct_sheet_range.beg_label_asym_id 
_struct_sheet_range.beg_label_seq_id 
_struct_sheet_range.pdbx_beg_PDB_ins_code 
_struct_sheet_range.end_label_comp_id 
_struct_sheet_range.end_label_asym_id 
_struct_sheet_range.end_label_seq_id 
_struct_sheet_range.pdbx_end_PDB_ins_code 
_struct_sheet_range.beg_auth_comp_id 
_struct_sheet_range.beg_auth_asym_id 
_struct_sheet_range.beg_auth_seq_id 
_struct_sheet_range.end_auth_comp_id 
_struct_sheet_range.end_auth_asym_id 
_struct_sheet_range.end_auth_seq_id 
A 1 SER A 4   ? GLN A 8   ? SER A 4   GLN A 8   
A 2 GLN A 28  ? SER A 34  ? GLN A 28  SER A 34  
A 3 LYS A 92  ? ASP A 98  ? LYS A 92  ASP A 98  
B 1 ALA A 19  ? ASP A 23  ? ALA A 19  ASP A 23  
B 2 LYS A 122 ? LYS A 128 ? LYS A 122 LYS A 128 
B 3 TYR A 108 ? PHE A 111 ? TYR A 108 PHE A 111 
B 4 VAL A 49  ? THR A 52  ? VAL A 49  THR A 52  
B 5 ALA A 82  ? HIS A 83  ? ALA A 82  HIS A 83  
# 
loop_
_pdbx_struct_sheet_hbond.sheet_id 
_pdbx_struct_sheet_hbond.range_id_1 
_pdbx_struct_sheet_hbond.range_id_2 
_pdbx_struct_sheet_hbond.range_1_label_atom_id 
_pdbx_struct_sheet_hbond.range_1_label_comp_id 
_pdbx_struct_sheet_hbond.range_1_label_asym_id 
_pdbx_struct_sheet_hbond.range_1_label_seq_id 
_pdbx_struct_sheet_hbond.range_1_PDB_ins_code 
_pdbx_struct_sheet_hbond.range_1_auth_atom_id 
_pdbx_struct_sheet_hbond.range_1_auth_comp_id 
_pdbx_struct_sheet_hbond.range_1_auth_asym_id 
_pdbx_struct_sheet_hbond.range_1_auth_seq_id 
_pdbx_struct_sheet_hbond.range_2_label_atom_id 
_pdbx_struct_sheet_hbond.range_2_label_comp_id 
_pdbx_struct_sheet_hbond.range_2_label_asym_id 
_pdbx_struct_sheet_hbond.range_2_label_seq_id 
_pdbx_struct_sheet_hbond.range_2_PDB_ins_code 
_pdbx_struct_sheet_hbond.range_2_auth_atom_id 
_pdbx_struct_sheet_hbond.range_2_auth_comp_id 
_pdbx_struct_sheet_hbond.range_2_auth_asym_id 
_pdbx_struct_sheet_hbond.range_2_auth_seq_id 
A 1 2 N VAL A 5   ? N VAL A 5   O ASN A 32  ? O ASN A 32  
A 2 3 N LEU A 33  ? N LEU A 33  O ASP A 93  ? O ASP A 93  
B 1 2 N VAL A 22  ? N VAL A 22  O THR A 126 ? O THR A 126 
B 2 3 O GLY A 123 ? O GLY A 123 N PHE A 110 ? N PHE A 110 
B 3 4 O MET A 109 ? O MET A 109 N SER A 51  ? N SER A 51  
B 4 5 N LEU A 50  ? N LEU A 50  O ALA A 82  ? O ALA A 82  
# 
loop_
_struct_site.id 
_struct_site.pdbx_evidence_code 
_struct_site.pdbx_auth_asym_id 
_struct_site.pdbx_auth_comp_id 
_struct_site.pdbx_auth_seq_id 
_struct_site.pdbx_auth_ins_code 
_struct_site.pdbx_num_residues 
_struct_site.details 
AC1 Software A CU  901 ? 5  'BINDING SITE FOR RESIDUE CU A 901'  
AC2 Software A RTB 903 ? 9  'BINDING SITE FOR RESIDUE RTB A 903' 
AC3 Software A IME 902 ? 11 'BINDING SITE FOR RESIDUE IME A 902' 
# 
loop_
_struct_site_gen.id 
_struct_site_gen.site_id 
_struct_site_gen.pdbx_num_res 
_struct_site_gen.label_comp_id 
_struct_site_gen.label_asym_id 
_struct_site_gen.label_seq_id 
_struct_site_gen.pdbx_auth_ins_code 
_struct_site_gen.auth_comp_id 
_struct_site_gen.auth_asym_id 
_struct_site_gen.auth_seq_id 
_struct_site_gen.label_atom_id 
_struct_site_gen.label_alt_id 
_struct_site_gen.symmetry 
_struct_site_gen.details 
1  AC1 5  GLY A 45  ? GLY A 45  . ? 1_555 ? 
2  AC1 5  HIS A 46  ? HIS A 46  . ? 1_555 ? 
3  AC1 5  CYS A 112 ? CYS A 112 . ? 1_555 ? 
4  AC1 5  HIS A 117 ? HIS A 117 . ? 1_555 ? 
5  AC1 5  MET A 121 ? MET A 121 . ? 1_555 ? 
6  AC2 9  HIS A 35  ? HIS A 35  . ? 8_555 ? 
7  AC2 9  GLY A 37  ? GLY A 37  . ? 8_555 ? 
8  AC2 9  ASN A 38  ? ASN A 38  . ? 8_555 ? 
9  AC2 9  LYS A 74  ? LYS A 74  . ? 1_555 ? 
10 AC2 9  ASP A 76  ? ASP A 76  . ? 1_555 ? 
11 AC2 9  ASP A 77  ? ASP A 77  . ? 1_555 ? 
12 AC2 9  VAL A 80  ? VAL A 80  . ? 1_555 ? 
13 AC2 9  HIS A 83  ? HIS A 83  . ? 1_555 ? 
14 AC2 9  GLY A 90  ? GLY A 90  . ? 8_555 ? 
15 AC3 11 LYS A 24  ? LYS A 24  . ? 1_555 ? 
16 AC3 11 LYS A 24  ? LYS A 24  . ? 3_655 ? 
17 AC3 11 CYS A 26  ? CYS A 26  . ? 1_555 ? 
18 AC3 11 LYS A 27  ? LYS A 27  . ? 1_555 ? 
19 AC3 11 ASP A 98  ? ASP A 98  . ? 1_555 ? 
20 AC3 11 VAL A 99  ? VAL A 99  . ? 1_555 ? 
21 AC3 11 VAL A 99  ? VAL A 99  . ? 3_655 ? 
22 AC3 11 SER A 100 ? SER A 100 . ? 1_555 ? 
23 AC3 11 SER A 100 ? SER A 100 . ? 3_655 ? 
24 AC3 11 LEU A 102 ? LEU A 102 . ? 3_655 ? 
25 AC3 11 LEU A 102 ? LEU A 102 . ? 1_555 ? 
# 
_pdbx_entry_details.entry_id                   1JZF 
_pdbx_entry_details.compound_details           ? 
_pdbx_entry_details.source_details             ? 
_pdbx_entry_details.nonpolymer_details         ? 
_pdbx_entry_details.sequence_details           ? 
_pdbx_entry_details.has_ligand_of_interest     ? 
_pdbx_entry_details.has_protein_modification   Y 
# 
_pdbx_validate_rmsd_bond.id                        1 
_pdbx_validate_rmsd_bond.PDB_model_num             1 
_pdbx_validate_rmsd_bond.auth_atom_id_1            CD 
_pdbx_validate_rmsd_bond.auth_asym_id_1            A 
_pdbx_validate_rmsd_bond.auth_comp_id_1            GLU 
_pdbx_validate_rmsd_bond.auth_seq_id_1             2 
_pdbx_validate_rmsd_bond.PDB_ins_code_1            ? 
_pdbx_validate_rmsd_bond.label_alt_id_1            ? 
_pdbx_validate_rmsd_bond.auth_atom_id_2            OE2 
_pdbx_validate_rmsd_bond.auth_asym_id_2            A 
_pdbx_validate_rmsd_bond.auth_comp_id_2            GLU 
_pdbx_validate_rmsd_bond.auth_seq_id_2             2 
_pdbx_validate_rmsd_bond.PDB_ins_code_2            ? 
_pdbx_validate_rmsd_bond.label_alt_id_2            ? 
_pdbx_validate_rmsd_bond.bond_value                1.328 
_pdbx_validate_rmsd_bond.bond_target_value         1.252 
_pdbx_validate_rmsd_bond.bond_deviation            0.076 
_pdbx_validate_rmsd_bond.bond_standard_deviation   0.011 
_pdbx_validate_rmsd_bond.linker_flag               N 
# 
loop_
_pdbx_validate_torsion.id 
_pdbx_validate_torsion.PDB_model_num 
_pdbx_validate_torsion.auth_comp_id 
_pdbx_validate_torsion.auth_asym_id 
_pdbx_validate_torsion.auth_seq_id 
_pdbx_validate_torsion.PDB_ins_code 
_pdbx_validate_torsion.label_alt_id 
_pdbx_validate_torsion.phi 
_pdbx_validate_torsion.psi 
1 1 CYS A 3   ? ? -99.13  30.90   
2 1 ASN A 10  ? ? -113.13 -169.94 
3 1 MET A 44  ? ? -140.91 43.25   
4 1 MET A 44  ? ? -140.81 43.25   
5 1 PRO A 115 ? ? -39.24  117.36  
# 
loop_
_pdbx_struct_special_symmetry.id 
_pdbx_struct_special_symmetry.PDB_model_num 
_pdbx_struct_special_symmetry.auth_asym_id 
_pdbx_struct_special_symmetry.auth_comp_id 
_pdbx_struct_special_symmetry.auth_seq_id 
_pdbx_struct_special_symmetry.PDB_ins_code 
_pdbx_struct_special_symmetry.label_asym_id 
_pdbx_struct_special_symmetry.label_comp_id 
_pdbx_struct_special_symmetry.label_seq_id 
1 1 A IME 902  ? D IME . 
2 1 A IME 902  ? D IME . 
3 1 A HOH 1058 ? E HOH . 
4 1 A HOH 1108 ? E HOH . 
5 1 A HOH 1111 ? E HOH . 
6 1 A HOH 1118 ? E HOH . 
7 1 A HOH 1174 ? E HOH . 
# 
loop_
_chem_comp_atom.comp_id 
_chem_comp_atom.atom_id 
_chem_comp_atom.type_symbol 
_chem_comp_atom.pdbx_aromatic_flag 
_chem_comp_atom.pdbx_stereo_config 
_chem_comp_atom.pdbx_ordinal 
ALA N    N  N N 1   
ALA CA   C  N S 2   
ALA C    C  N N 3   
ALA O    O  N N 4   
ALA CB   C  N N 5   
ALA OXT  O  N N 6   
ALA H    H  N N 7   
ALA H2   H  N N 8   
ALA HA   H  N N 9   
ALA HB1  H  N N 10  
ALA HB2  H  N N 11  
ALA HB3  H  N N 12  
ALA HXT  H  N N 13  
ARG N    N  N N 14  
ARG CA   C  N S 15  
ARG C    C  N N 16  
ARG O    O  N N 17  
ARG CB   C  N N 18  
ARG CG   C  N N 19  
ARG CD   C  N N 20  
ARG NE   N  N N 21  
ARG CZ   C  N N 22  
ARG NH1  N  N N 23  
ARG NH2  N  N N 24  
ARG OXT  O  N N 25  
ARG H    H  N N 26  
ARG H2   H  N N 27  
ARG HA   H  N N 28  
ARG HB2  H  N N 29  
ARG HB3  H  N N 30  
ARG HG2  H  N N 31  
ARG HG3  H  N N 32  
ARG HD2  H  N N 33  
ARG HD3  H  N N 34  
ARG HE   H  N N 35  
ARG HH11 H  N N 36  
ARG HH12 H  N N 37  
ARG HH21 H  N N 38  
ARG HH22 H  N N 39  
ARG HXT  H  N N 40  
ASN N    N  N N 41  
ASN CA   C  N S 42  
ASN C    C  N N 43  
ASN O    O  N N 44  
ASN CB   C  N N 45  
ASN CG   C  N N 46  
ASN OD1  O  N N 47  
ASN ND2  N  N N 48  
ASN OXT  O  N N 49  
ASN H    H  N N 50  
ASN H2   H  N N 51  
ASN HA   H  N N 52  
ASN HB2  H  N N 53  
ASN HB3  H  N N 54  
ASN HD21 H  N N 55  
ASN HD22 H  N N 56  
ASN HXT  H  N N 57  
ASP N    N  N N 58  
ASP CA   C  N S 59  
ASP C    C  N N 60  
ASP O    O  N N 61  
ASP CB   C  N N 62  
ASP CG   C  N N 63  
ASP OD1  O  N N 64  
ASP OD2  O  N N 65  
ASP OXT  O  N N 66  
ASP H    H  N N 67  
ASP H2   H  N N 68  
ASP HA   H  N N 69  
ASP HB2  H  N N 70  
ASP HB3  H  N N 71  
ASP HD2  H  N N 72  
ASP HXT  H  N N 73  
CU  CU   CU N N 74  
CYS N    N  N N 75  
CYS CA   C  N R 76  
CYS C    C  N N 77  
CYS O    O  N N 78  
CYS CB   C  N N 79  
CYS SG   S  N N 80  
CYS OXT  O  N N 81  
CYS H    H  N N 82  
CYS H2   H  N N 83  
CYS HA   H  N N 84  
CYS HB2  H  N N 85  
CYS HB3  H  N N 86  
CYS HG   H  N N 87  
CYS HXT  H  N N 88  
GLN N    N  N N 89  
GLN CA   C  N S 90  
GLN C    C  N N 91  
GLN O    O  N N 92  
GLN CB   C  N N 93  
GLN CG   C  N N 94  
GLN CD   C  N N 95  
GLN OE1  O  N N 96  
GLN NE2  N  N N 97  
GLN OXT  O  N N 98  
GLN H    H  N N 99  
GLN H2   H  N N 100 
GLN HA   H  N N 101 
GLN HB2  H  N N 102 
GLN HB3  H  N N 103 
GLN HG2  H  N N 104 
GLN HG3  H  N N 105 
GLN HE21 H  N N 106 
GLN HE22 H  N N 107 
GLN HXT  H  N N 108 
GLU N    N  N N 109 
GLU CA   C  N S 110 
GLU C    C  N N 111 
GLU O    O  N N 112 
GLU CB   C  N N 113 
GLU CG   C  N N 114 
GLU CD   C  N N 115 
GLU OE1  O  N N 116 
GLU OE2  O  N N 117 
GLU OXT  O  N N 118 
GLU H    H  N N 119 
GLU H2   H  N N 120 
GLU HA   H  N N 121 
GLU HB2  H  N N 122 
GLU HB3  H  N N 123 
GLU HG2  H  N N 124 
GLU HG3  H  N N 125 
GLU HE2  H  N N 126 
GLU HXT  H  N N 127 
GLY N    N  N N 128 
GLY CA   C  N N 129 
GLY C    C  N N 130 
GLY O    O  N N 131 
GLY OXT  O  N N 132 
GLY H    H  N N 133 
GLY H2   H  N N 134 
GLY HA2  H  N N 135 
GLY HA3  H  N N 136 
GLY HXT  H  N N 137 
HIS N    N  N N 138 
HIS CA   C  N S 139 
HIS C    C  N N 140 
HIS O    O  N N 141 
HIS CB   C  N N 142 
HIS CG   C  Y N 143 
HIS ND1  N  Y N 144 
HIS CD2  C  Y N 145 
HIS CE1  C  Y N 146 
HIS NE2  N  Y N 147 
HIS OXT  O  N N 148 
HIS H    H  N N 149 
HIS H2   H  N N 150 
HIS HA   H  N N 151 
HIS HB2  H  N N 152 
HIS HB3  H  N N 153 
HIS HD1  H  N N 154 
HIS HD2  H  N N 155 
HIS HE1  H  N N 156 
HIS HE2  H  N N 157 
HIS HXT  H  N N 158 
HOH O    O  N N 159 
HOH H1   H  N N 160 
HOH H2   H  N N 161 
ILE N    N  N N 162 
ILE CA   C  N S 163 
ILE C    C  N N 164 
ILE O    O  N N 165 
ILE CB   C  N S 166 
ILE CG1  C  N N 167 
ILE CG2  C  N N 168 
ILE CD1  C  N N 169 
ILE OXT  O  N N 170 
ILE H    H  N N 171 
ILE H2   H  N N 172 
ILE HA   H  N N 173 
ILE HB   H  N N 174 
ILE HG12 H  N N 175 
ILE HG13 H  N N 176 
ILE HG21 H  N N 177 
ILE HG22 H  N N 178 
ILE HG23 H  N N 179 
ILE HD11 H  N N 180 
ILE HD12 H  N N 181 
ILE HD13 H  N N 182 
ILE HXT  H  N N 183 
IME CU   CU N N 184 
IME O1   O  N N 185 
IME O2   O  N N 186 
IME CG1  C  Y N 187 
IME CDC  C  Y N 188 
IME NDB  N  Y N 189 
IME CEB  C  Y N 190 
IME NEC  N  Y N 191 
IME CG2  C  Y N 192 
IME CDM  C  Y N 193 
IME NDL  N  Y N 194 
IME CEL  C  Y N 195 
IME NEM  N  Y N 196 
IME CG3  C  Y N 197 
IME CDW  C  Y N 198 
IME NDV  N  Y N 199 
IME CEV  C  Y N 200 
IME NEW  N  Y N 201 
IME CG4  C  Y N 202 
IME CD6  C  Y N 203 
IME ND5  N  Y N 204 
IME CE5  C  Y N 205 
IME NE6  N  Y N 206 
IME HO1  H  N N 207 
IME HO2  H  N N 208 
IME HG1  H  N N 209 
IME HD21 H  N N 210 
IME HE11 H  N N 211 
IME HG2  H  N N 212 
IME HD22 H  N N 213 
IME HE12 H  N N 214 
IME HG3  H  N N 215 
IME HD23 H  N N 216 
IME HE13 H  N N 217 
IME HG4  H  N N 218 
IME HD24 H  N N 219 
IME HE14 H  N N 220 
IME H15  H  N N 221 
IME H16  H  N N 222 
LEU N    N  N N 223 
LEU CA   C  N S 224 
LEU C    C  N N 225 
LEU O    O  N N 226 
LEU CB   C  N N 227 
LEU CG   C  N N 228 
LEU CD1  C  N N 229 
LEU CD2  C  N N 230 
LEU OXT  O  N N 231 
LEU H    H  N N 232 
LEU H2   H  N N 233 
LEU HA   H  N N 234 
LEU HB2  H  N N 235 
LEU HB3  H  N N 236 
LEU HG   H  N N 237 
LEU HD11 H  N N 238 
LEU HD12 H  N N 239 
LEU HD13 H  N N 240 
LEU HD21 H  N N 241 
LEU HD22 H  N N 242 
LEU HD23 H  N N 243 
LEU HXT  H  N N 244 
LYS N    N  N N 245 
LYS CA   C  N S 246 
LYS C    C  N N 247 
LYS O    O  N N 248 
LYS CB   C  N N 249 
LYS CG   C  N N 250 
LYS CD   C  N N 251 
LYS CE   C  N N 252 
LYS NZ   N  N N 253 
LYS OXT  O  N N 254 
LYS H    H  N N 255 
LYS H2   H  N N 256 
LYS HA   H  N N 257 
LYS HB2  H  N N 258 
LYS HB3  H  N N 259 
LYS HG2  H  N N 260 
LYS HG3  H  N N 261 
LYS HD2  H  N N 262 
LYS HD3  H  N N 263 
LYS HE2  H  N N 264 
LYS HE3  H  N N 265 
LYS HZ1  H  N N 266 
LYS HZ2  H  N N 267 
LYS HZ3  H  N N 268 
LYS HXT  H  N N 269 
MET N    N  N N 270 
MET CA   C  N S 271 
MET C    C  N N 272 
MET O    O  N N 273 
MET CB   C  N N 274 
MET CG   C  N N 275 
MET SD   S  N N 276 
MET CE   C  N N 277 
MET OXT  O  N N 278 
MET H    H  N N 279 
MET H2   H  N N 280 
MET HA   H  N N 281 
MET HB2  H  N N 282 
MET HB3  H  N N 283 
MET HG2  H  N N 284 
MET HG3  H  N N 285 
MET HE1  H  N N 286 
MET HE2  H  N N 287 
MET HE3  H  N N 288 
MET HXT  H  N N 289 
PHE N    N  N N 290 
PHE CA   C  N S 291 
PHE C    C  N N 292 
PHE O    O  N N 293 
PHE CB   C  N N 294 
PHE CG   C  Y N 295 
PHE CD1  C  Y N 296 
PHE CD2  C  Y N 297 
PHE CE1  C  Y N 298 
PHE CE2  C  Y N 299 
PHE CZ   C  Y N 300 
PHE OXT  O  N N 301 
PHE H    H  N N 302 
PHE H2   H  N N 303 
PHE HA   H  N N 304 
PHE HB2  H  N N 305 
PHE HB3  H  N N 306 
PHE HD1  H  N N 307 
PHE HD2  H  N N 308 
PHE HE1  H  N N 309 
PHE HE2  H  N N 310 
PHE HZ   H  N N 311 
PHE HXT  H  N N 312 
PRO N    N  N N 313 
PRO CA   C  N S 314 
PRO C    C  N N 315 
PRO O    O  N N 316 
PRO CB   C  N N 317 
PRO CG   C  N N 318 
PRO CD   C  N N 319 
PRO OXT  O  N N 320 
PRO H    H  N N 321 
PRO HA   H  N N 322 
PRO HB2  H  N N 323 
PRO HB3  H  N N 324 
PRO HG2  H  N N 325 
PRO HG3  H  N N 326 
PRO HD2  H  N N 327 
PRO HD3  H  N N 328 
PRO HXT  H  N N 329 
RTB RU   RU N N 330 
RTB N2   N  Y N 331 
RTB N3   N  Y N 332 
RTB N4   N  Y N 333 
RTB N5   N  Y N 334 
RTB N6   N  Y N 335 
RTB C7   C  Y N 336 
RTB C8   C  Y N 337 
RTB C9   C  Y N 338 
RTB C10  C  Y N 339 
RTB C11  C  Y N 340 
RTB C12  C  Y N 341 
RTB C13  C  Y N 342 
RTB C14  C  Y N 343 
RTB C15  C  Y N 344 
RTB C16  C  Y N 345 
RTB C17  C  Y N 346 
RTB C18  C  Y N 347 
RTB C19  C  Y N 348 
RTB C20  C  Y N 349 
RTB C21  C  Y N 350 
RTB C22  C  Y N 351 
RTB C23  C  Y N 352 
RTB C24  C  Y N 353 
RTB C25  C  Y N 354 
RTB C26  C  Y N 355 
RTB C27  C  Y N 356 
RTB C28  C  Y N 357 
RTB C29  C  Y N 358 
RTB C30  C  Y N 359 
RTB C31  C  Y N 360 
RTB C32  C  Y N 361 
RTB C33  C  Y N 362 
RTB H71  H  N N 363 
RTB H81  H  N N 364 
RTB H91  H  N N 365 
RTB H131 H  N N 366 
RTB H141 H  N N 367 
RTB H151 H  N N 368 
RTB H171 H  N N 369 
RTB H181 H  N N 370 
RTB H191 H  N N 371 
RTB H231 H  N N 372 
RTB H241 H  N N 373 
RTB H251 H  N N 374 
RTB H261 H  N N 375 
RTB H281 H  N N 376 
RTB H291 H  N N 377 
RTB H301 H  N N 378 
RTB H311 H  N N 379 
RTB H321 H  N N 380 
RTB H331 H  N N 381 
SER N    N  N N 382 
SER CA   C  N S 383 
SER C    C  N N 384 
SER O    O  N N 385 
SER CB   C  N N 386 
SER OG   O  N N 387 
SER OXT  O  N N 388 
SER H    H  N N 389 
SER H2   H  N N 390 
SER HA   H  N N 391 
SER HB2  H  N N 392 
SER HB3  H  N N 393 
SER HG   H  N N 394 
SER HXT  H  N N 395 
THR N    N  N N 396 
THR CA   C  N S 397 
THR C    C  N N 398 
THR O    O  N N 399 
THR CB   C  N R 400 
THR OG1  O  N N 401 
THR CG2  C  N N 402 
THR OXT  O  N N 403 
THR H    H  N N 404 
THR H2   H  N N 405 
THR HA   H  N N 406 
THR HB   H  N N 407 
THR HG1  H  N N 408 
THR HG21 H  N N 409 
THR HG22 H  N N 410 
THR HG23 H  N N 411 
THR HXT  H  N N 412 
TRP N    N  N N 413 
TRP CA   C  N S 414 
TRP C    C  N N 415 
TRP O    O  N N 416 
TRP CB   C  N N 417 
TRP CG   C  Y N 418 
TRP CD1  C  Y N 419 
TRP CD2  C  Y N 420 
TRP NE1  N  Y N 421 
TRP CE2  C  Y N 422 
TRP CE3  C  Y N 423 
TRP CZ2  C  Y N 424 
TRP CZ3  C  Y N 425 
TRP CH2  C  Y N 426 
TRP OXT  O  N N 427 
TRP H    H  N N 428 
TRP H2   H  N N 429 
TRP HA   H  N N 430 
TRP HB2  H  N N 431 
TRP HB3  H  N N 432 
TRP HD1  H  N N 433 
TRP HE1  H  N N 434 
TRP HE3  H  N N 435 
TRP HZ2  H  N N 436 
TRP HZ3  H  N N 437 
TRP HH2  H  N N 438 
TRP HXT  H  N N 439 
TYR N    N  N N 440 
TYR CA   C  N S 441 
TYR C    C  N N 442 
TYR O    O  N N 443 
TYR CB   C  N N 444 
TYR CG   C  Y N 445 
TYR CD1  C  Y N 446 
TYR CD2  C  Y N 447 
TYR CE1  C  Y N 448 
TYR CE2  C  Y N 449 
TYR CZ   C  Y N 450 
TYR OH   O  N N 451 
TYR OXT  O  N N 452 
TYR H    H  N N 453 
TYR H2   H  N N 454 
TYR HA   H  N N 455 
TYR HB2  H  N N 456 
TYR HB3  H  N N 457 
TYR HD1  H  N N 458 
TYR HD2  H  N N 459 
TYR HE1  H  N N 460 
TYR HE2  H  N N 461 
TYR HH   H  N N 462 
TYR HXT  H  N N 463 
VAL N    N  N N 464 
VAL CA   C  N S 465 
VAL C    C  N N 466 
VAL O    O  N N 467 
VAL CB   C  N N 468 
VAL CG1  C  N N 469 
VAL CG2  C  N N 470 
VAL OXT  O  N N 471 
VAL H    H  N N 472 
VAL H2   H  N N 473 
VAL HA   H  N N 474 
VAL HB   H  N N 475 
VAL HG11 H  N N 476 
VAL HG12 H  N N 477 
VAL HG13 H  N N 478 
VAL HG21 H  N N 479 
VAL HG22 H  N N 480 
VAL HG23 H  N N 481 
VAL HXT  H  N N 482 
# 
loop_
_chem_comp_bond.comp_id 
_chem_comp_bond.atom_id_1 
_chem_comp_bond.atom_id_2 
_chem_comp_bond.value_order 
_chem_comp_bond.pdbx_aromatic_flag 
_chem_comp_bond.pdbx_stereo_config 
_chem_comp_bond.pdbx_ordinal 
ALA N   CA   sing N N 1   
ALA N   H    sing N N 2   
ALA N   H2   sing N N 3   
ALA CA  C    sing N N 4   
ALA CA  CB   sing N N 5   
ALA CA  HA   sing N N 6   
ALA C   O    doub N N 7   
ALA C   OXT  sing N N 8   
ALA CB  HB1  sing N N 9   
ALA CB  HB2  sing N N 10  
ALA CB  HB3  sing N N 11  
ALA OXT HXT  sing N N 12  
ARG N   CA   sing N N 13  
ARG N   H    sing N N 14  
ARG N   H2   sing N N 15  
ARG CA  C    sing N N 16  
ARG CA  CB   sing N N 17  
ARG CA  HA   sing N N 18  
ARG C   O    doub N N 19  
ARG C   OXT  sing N N 20  
ARG CB  CG   sing N N 21  
ARG CB  HB2  sing N N 22  
ARG CB  HB3  sing N N 23  
ARG CG  CD   sing N N 24  
ARG CG  HG2  sing N N 25  
ARG CG  HG3  sing N N 26  
ARG CD  NE   sing N N 27  
ARG CD  HD2  sing N N 28  
ARG CD  HD3  sing N N 29  
ARG NE  CZ   sing N N 30  
ARG NE  HE   sing N N 31  
ARG CZ  NH1  sing N N 32  
ARG CZ  NH2  doub N N 33  
ARG NH1 HH11 sing N N 34  
ARG NH1 HH12 sing N N 35  
ARG NH2 HH21 sing N N 36  
ARG NH2 HH22 sing N N 37  
ARG OXT HXT  sing N N 38  
ASN N   CA   sing N N 39  
ASN N   H    sing N N 40  
ASN N   H2   sing N N 41  
ASN CA  C    sing N N 42  
ASN CA  CB   sing N N 43  
ASN CA  HA   sing N N 44  
ASN C   O    doub N N 45  
ASN C   OXT  sing N N 46  
ASN CB  CG   sing N N 47  
ASN CB  HB2  sing N N 48  
ASN CB  HB3  sing N N 49  
ASN CG  OD1  doub N N 50  
ASN CG  ND2  sing N N 51  
ASN ND2 HD21 sing N N 52  
ASN ND2 HD22 sing N N 53  
ASN OXT HXT  sing N N 54  
ASP N   CA   sing N N 55  
ASP N   H    sing N N 56  
ASP N   H2   sing N N 57  
ASP CA  C    sing N N 58  
ASP CA  CB   sing N N 59  
ASP CA  HA   sing N N 60  
ASP C   O    doub N N 61  
ASP C   OXT  sing N N 62  
ASP CB  CG   sing N N 63  
ASP CB  HB2  sing N N 64  
ASP CB  HB3  sing N N 65  
ASP CG  OD1  doub N N 66  
ASP CG  OD2  sing N N 67  
ASP OD2 HD2  sing N N 68  
ASP OXT HXT  sing N N 69  
CYS N   CA   sing N N 70  
CYS N   H    sing N N 71  
CYS N   H2   sing N N 72  
CYS CA  C    sing N N 73  
CYS CA  CB   sing N N 74  
CYS CA  HA   sing N N 75  
CYS C   O    doub N N 76  
CYS C   OXT  sing N N 77  
CYS CB  SG   sing N N 78  
CYS CB  HB2  sing N N 79  
CYS CB  HB3  sing N N 80  
CYS SG  HG   sing N N 81  
CYS OXT HXT  sing N N 82  
GLN N   CA   sing N N 83  
GLN N   H    sing N N 84  
GLN N   H2   sing N N 85  
GLN CA  C    sing N N 86  
GLN CA  CB   sing N N 87  
GLN CA  HA   sing N N 88  
GLN C   O    doub N N 89  
GLN C   OXT  sing N N 90  
GLN CB  CG   sing N N 91  
GLN CB  HB2  sing N N 92  
GLN CB  HB3  sing N N 93  
GLN CG  CD   sing N N 94  
GLN CG  HG2  sing N N 95  
GLN CG  HG3  sing N N 96  
GLN CD  OE1  doub N N 97  
GLN CD  NE2  sing N N 98  
GLN NE2 HE21 sing N N 99  
GLN NE2 HE22 sing N N 100 
GLN OXT HXT  sing N N 101 
GLU N   CA   sing N N 102 
GLU N   H    sing N N 103 
GLU N   H2   sing N N 104 
GLU CA  C    sing N N 105 
GLU CA  CB   sing N N 106 
GLU CA  HA   sing N N 107 
GLU C   O    doub N N 108 
GLU C   OXT  sing N N 109 
GLU CB  CG   sing N N 110 
GLU CB  HB2  sing N N 111 
GLU CB  HB3  sing N N 112 
GLU CG  CD   sing N N 113 
GLU CG  HG2  sing N N 114 
GLU CG  HG3  sing N N 115 
GLU CD  OE1  doub N N 116 
GLU CD  OE2  sing N N 117 
GLU OE2 HE2  sing N N 118 
GLU OXT HXT  sing N N 119 
GLY N   CA   sing N N 120 
GLY N   H    sing N N 121 
GLY N   H2   sing N N 122 
GLY CA  C    sing N N 123 
GLY CA  HA2  sing N N 124 
GLY CA  HA3  sing N N 125 
GLY C   O    doub N N 126 
GLY C   OXT  sing N N 127 
GLY OXT HXT  sing N N 128 
HIS N   CA   sing N N 129 
HIS N   H    sing N N 130 
HIS N   H2   sing N N 131 
HIS CA  C    sing N N 132 
HIS CA  CB   sing N N 133 
HIS CA  HA   sing N N 134 
HIS C   O    doub N N 135 
HIS C   OXT  sing N N 136 
HIS CB  CG   sing N N 137 
HIS CB  HB2  sing N N 138 
HIS CB  HB3  sing N N 139 
HIS CG  ND1  sing Y N 140 
HIS CG  CD2  doub Y N 141 
HIS ND1 CE1  doub Y N 142 
HIS ND1 HD1  sing N N 143 
HIS CD2 NE2  sing Y N 144 
HIS CD2 HD2  sing N N 145 
HIS CE1 NE2  sing Y N 146 
HIS CE1 HE1  sing N N 147 
HIS NE2 HE2  sing N N 148 
HIS OXT HXT  sing N N 149 
HOH O   H1   sing N N 150 
HOH O   H2   sing N N 151 
ILE N   CA   sing N N 152 
ILE N   H    sing N N 153 
ILE N   H2   sing N N 154 
ILE CA  C    sing N N 155 
ILE CA  CB   sing N N 156 
ILE CA  HA   sing N N 157 
ILE C   O    doub N N 158 
ILE C   OXT  sing N N 159 
ILE CB  CG1  sing N N 160 
ILE CB  CG2  sing N N 161 
ILE CB  HB   sing N N 162 
ILE CG1 CD1  sing N N 163 
ILE CG1 HG12 sing N N 164 
ILE CG1 HG13 sing N N 165 
ILE CG2 HG21 sing N N 166 
ILE CG2 HG22 sing N N 167 
ILE CG2 HG23 sing N N 168 
ILE CD1 HD11 sing N N 169 
ILE CD1 HD12 sing N N 170 
ILE CD1 HD13 sing N N 171 
ILE OXT HXT  sing N N 172 
IME CU  O1   sing N N 173 
IME CU  O2   sing N N 174 
IME CU  NEC  sing N N 175 
IME CU  NEM  sing N N 176 
IME CU  NEW  sing N N 177 
IME CU  NE6  sing N N 178 
IME O1  HO1  sing N N 179 
IME O2  HO2  sing N N 180 
IME CG1 CDC  doub Y N 181 
IME CG1 NDB  sing Y N 182 
IME CG1 HG1  sing N N 183 
IME CDC NEC  sing Y N 184 
IME CDC HD21 sing N N 185 
IME NDB CEB  doub Y N 186 
IME CEB NEC  sing Y N 187 
IME CEB HE11 sing N N 188 
IME CG2 CDM  doub Y N 189 
IME CG2 NDL  sing Y N 190 
IME CG2 HG2  sing N N 191 
IME CDM NEM  sing Y N 192 
IME CDM HD22 sing N N 193 
IME NDL CEL  doub Y N 194 
IME CEL NEM  sing Y N 195 
IME CEL HE12 sing N N 196 
IME CG3 CDW  doub Y N 197 
IME CG3 NDV  sing Y N 198 
IME CG3 HG3  sing N N 199 
IME CDW NEW  sing Y N 200 
IME CDW HD23 sing N N 201 
IME NDV CEV  doub Y N 202 
IME CEV NEW  sing Y N 203 
IME CEV HE13 sing N N 204 
IME CG4 CD6  doub Y N 205 
IME CG4 ND5  sing Y N 206 
IME CG4 HG4  sing N N 207 
IME CD6 NE6  sing Y N 208 
IME CD6 HD24 sing N N 209 
IME ND5 CE5  doub Y N 210 
IME CE5 NE6  sing Y N 211 
IME CE5 HE14 sing N N 212 
IME O1  H15  sing N N 213 
IME O2  H16  sing N N 214 
LEU N   CA   sing N N 215 
LEU N   H    sing N N 216 
LEU N   H2   sing N N 217 
LEU CA  C    sing N N 218 
LEU CA  CB   sing N N 219 
LEU CA  HA   sing N N 220 
LEU C   O    doub N N 221 
LEU C   OXT  sing N N 222 
LEU CB  CG   sing N N 223 
LEU CB  HB2  sing N N 224 
LEU CB  HB3  sing N N 225 
LEU CG  CD1  sing N N 226 
LEU CG  CD2  sing N N 227 
LEU CG  HG   sing N N 228 
LEU CD1 HD11 sing N N 229 
LEU CD1 HD12 sing N N 230 
LEU CD1 HD13 sing N N 231 
LEU CD2 HD21 sing N N 232 
LEU CD2 HD22 sing N N 233 
LEU CD2 HD23 sing N N 234 
LEU OXT HXT  sing N N 235 
LYS N   CA   sing N N 236 
LYS N   H    sing N N 237 
LYS N   H2   sing N N 238 
LYS CA  C    sing N N 239 
LYS CA  CB   sing N N 240 
LYS CA  HA   sing N N 241 
LYS C   O    doub N N 242 
LYS C   OXT  sing N N 243 
LYS CB  CG   sing N N 244 
LYS CB  HB2  sing N N 245 
LYS CB  HB3  sing N N 246 
LYS CG  CD   sing N N 247 
LYS CG  HG2  sing N N 248 
LYS CG  HG3  sing N N 249 
LYS CD  CE   sing N N 250 
LYS CD  HD2  sing N N 251 
LYS CD  HD3  sing N N 252 
LYS CE  NZ   sing N N 253 
LYS CE  HE2  sing N N 254 
LYS CE  HE3  sing N N 255 
LYS NZ  HZ1  sing N N 256 
LYS NZ  HZ2  sing N N 257 
LYS NZ  HZ3  sing N N 258 
LYS OXT HXT  sing N N 259 
MET N   CA   sing N N 260 
MET N   H    sing N N 261 
MET N   H2   sing N N 262 
MET CA  C    sing N N 263 
MET CA  CB   sing N N 264 
MET CA  HA   sing N N 265 
MET C   O    doub N N 266 
MET C   OXT  sing N N 267 
MET CB  CG   sing N N 268 
MET CB  HB2  sing N N 269 
MET CB  HB3  sing N N 270 
MET CG  SD   sing N N 271 
MET CG  HG2  sing N N 272 
MET CG  HG3  sing N N 273 
MET SD  CE   sing N N 274 
MET CE  HE1  sing N N 275 
MET CE  HE2  sing N N 276 
MET CE  HE3  sing N N 277 
MET OXT HXT  sing N N 278 
PHE N   CA   sing N N 279 
PHE N   H    sing N N 280 
PHE N   H2   sing N N 281 
PHE CA  C    sing N N 282 
PHE CA  CB   sing N N 283 
PHE CA  HA   sing N N 284 
PHE C   O    doub N N 285 
PHE C   OXT  sing N N 286 
PHE CB  CG   sing N N 287 
PHE CB  HB2  sing N N 288 
PHE CB  HB3  sing N N 289 
PHE CG  CD1  doub Y N 290 
PHE CG  CD2  sing Y N 291 
PHE CD1 CE1  sing Y N 292 
PHE CD1 HD1  sing N N 293 
PHE CD2 CE2  doub Y N 294 
PHE CD2 HD2  sing N N 295 
PHE CE1 CZ   doub Y N 296 
PHE CE1 HE1  sing N N 297 
PHE CE2 CZ   sing Y N 298 
PHE CE2 HE2  sing N N 299 
PHE CZ  HZ   sing N N 300 
PHE OXT HXT  sing N N 301 
PRO N   CA   sing N N 302 
PRO N   CD   sing N N 303 
PRO N   H    sing N N 304 
PRO CA  C    sing N N 305 
PRO CA  CB   sing N N 306 
PRO CA  HA   sing N N 307 
PRO C   O    doub N N 308 
PRO C   OXT  sing N N 309 
PRO CB  CG   sing N N 310 
PRO CB  HB2  sing N N 311 
PRO CB  HB3  sing N N 312 
PRO CG  CD   sing N N 313 
PRO CG  HG2  sing N N 314 
PRO CG  HG3  sing N N 315 
PRO CD  HD2  sing N N 316 
PRO CD  HD3  sing N N 317 
PRO OXT HXT  sing N N 318 
RTB RU  N2   sing N N 319 
RTB RU  N3   sing N N 320 
RTB RU  N4   sing N N 321 
RTB RU  N5   sing N N 322 
RTB RU  N6   sing N N 323 
RTB N2  C7   sing Y N 324 
RTB N2  C11  doub Y N 325 
RTB N3  C12  sing Y N 326 
RTB N3  C16  doub Y N 327 
RTB N4  C17  sing Y N 328 
RTB N4  C21  doub Y N 329 
RTB N5  C22  doub Y N 330 
RTB N5  C23  sing Y N 331 
RTB N6  C27  sing Y N 332 
RTB N6  C28  doub Y N 333 
RTB C7  C8   doub Y N 334 
RTB C7  H71  sing N N 335 
RTB C8  C9   sing Y N 336 
RTB C8  H81  sing N N 337 
RTB C9  C10  doub Y N 338 
RTB C9  H91  sing N N 339 
RTB C10 C11  sing Y N 340 
RTB C10 C33  sing Y N 341 
RTB C11 C21  sing Y N 342 
RTB C12 C13  doub Y N 343 
RTB C12 C22  sing N N 344 
RTB C13 C14  sing Y N 345 
RTB C13 H131 sing N N 346 
RTB C14 C15  doub Y N 347 
RTB C14 H141 sing N N 348 
RTB C15 C16  sing Y N 349 
RTB C15 H151 sing N N 350 
RTB C16 C27  sing N N 351 
RTB C17 C18  doub Y N 352 
RTB C17 H171 sing N N 353 
RTB C18 C19  sing Y N 354 
RTB C18 H181 sing N N 355 
RTB C19 C20  doub Y N 356 
RTB C19 H191 sing N N 357 
RTB C20 C21  sing Y N 358 
RTB C20 C32  sing Y N 359 
RTB C22 C26  sing Y N 360 
RTB C23 C24  doub Y N 361 
RTB C23 H231 sing N N 362 
RTB C24 C25  sing Y N 363 
RTB C24 H241 sing N N 364 
RTB C25 C26  doub Y N 365 
RTB C25 H251 sing N N 366 
RTB C26 H261 sing N N 367 
RTB C27 C31  doub Y N 368 
RTB C28 C29  sing Y N 369 
RTB C28 H281 sing N N 370 
RTB C29 C30  doub Y N 371 
RTB C29 H291 sing N N 372 
RTB C30 C31  sing Y N 373 
RTB C30 H301 sing N N 374 
RTB C31 H311 sing N N 375 
RTB C32 C33  doub Y N 376 
RTB C32 H321 sing N N 377 
RTB C33 H331 sing N N 378 
SER N   CA   sing N N 379 
SER N   H    sing N N 380 
SER N   H2   sing N N 381 
SER CA  C    sing N N 382 
SER CA  CB   sing N N 383 
SER CA  HA   sing N N 384 
SER C   O    doub N N 385 
SER C   OXT  sing N N 386 
SER CB  OG   sing N N 387 
SER CB  HB2  sing N N 388 
SER CB  HB3  sing N N 389 
SER OG  HG   sing N N 390 
SER OXT HXT  sing N N 391 
THR N   CA   sing N N 392 
THR N   H    sing N N 393 
THR N   H2   sing N N 394 
THR CA  C    sing N N 395 
THR CA  CB   sing N N 396 
THR CA  HA   sing N N 397 
THR C   O    doub N N 398 
THR C   OXT  sing N N 399 
THR CB  OG1  sing N N 400 
THR CB  CG2  sing N N 401 
THR CB  HB   sing N N 402 
THR OG1 HG1  sing N N 403 
THR CG2 HG21 sing N N 404 
THR CG2 HG22 sing N N 405 
THR CG2 HG23 sing N N 406 
THR OXT HXT  sing N N 407 
TRP N   CA   sing N N 408 
TRP N   H    sing N N 409 
TRP N   H2   sing N N 410 
TRP CA  C    sing N N 411 
TRP CA  CB   sing N N 412 
TRP CA  HA   sing N N 413 
TRP C   O    doub N N 414 
TRP C   OXT  sing N N 415 
TRP CB  CG   sing N N 416 
TRP CB  HB2  sing N N 417 
TRP CB  HB3  sing N N 418 
TRP CG  CD1  doub Y N 419 
TRP CG  CD2  sing Y N 420 
TRP CD1 NE1  sing Y N 421 
TRP CD1 HD1  sing N N 422 
TRP CD2 CE2  doub Y N 423 
TRP CD2 CE3  sing Y N 424 
TRP NE1 CE2  sing Y N 425 
TRP NE1 HE1  sing N N 426 
TRP CE2 CZ2  sing Y N 427 
TRP CE3 CZ3  doub Y N 428 
TRP CE3 HE3  sing N N 429 
TRP CZ2 CH2  doub Y N 430 
TRP CZ2 HZ2  sing N N 431 
TRP CZ3 CH2  sing Y N 432 
TRP CZ3 HZ3  sing N N 433 
TRP CH2 HH2  sing N N 434 
TRP OXT HXT  sing N N 435 
TYR N   CA   sing N N 436 
TYR N   H    sing N N 437 
TYR N   H2   sing N N 438 
TYR CA  C    sing N N 439 
TYR CA  CB   sing N N 440 
TYR CA  HA   sing N N 441 
TYR C   O    doub N N 442 
TYR C   OXT  sing N N 443 
TYR CB  CG   sing N N 444 
TYR CB  HB2  sing N N 445 
TYR CB  HB3  sing N N 446 
TYR CG  CD1  doub Y N 447 
TYR CG  CD2  sing Y N 448 
TYR CD1 CE1  sing Y N 449 
TYR CD1 HD1  sing N N 450 
TYR CD2 CE2  doub Y N 451 
TYR CD2 HD2  sing N N 452 
TYR CE1 CZ   doub Y N 453 
TYR CE1 HE1  sing N N 454 
TYR CE2 CZ   sing Y N 455 
TYR CE2 HE2  sing N N 456 
TYR CZ  OH   sing N N 457 
TYR OH  HH   sing N N 458 
TYR OXT HXT  sing N N 459 
VAL N   CA   sing N N 460 
VAL N   H    sing N N 461 
VAL N   H2   sing N N 462 
VAL CA  C    sing N N 463 
VAL CA  CB   sing N N 464 
VAL CA  HA   sing N N 465 
VAL C   O    doub N N 466 
VAL C   OXT  sing N N 467 
VAL CB  CG1  sing N N 468 
VAL CB  CG2  sing N N 469 
VAL CB  HB   sing N N 470 
VAL CG1 HG11 sing N N 471 
VAL CG1 HG12 sing N N 472 
VAL CG1 HG13 sing N N 473 
VAL CG2 HG21 sing N N 474 
VAL CG2 HG22 sing N N 475 
VAL CG2 HG23 sing N N 476 
VAL OXT HXT  sing N N 477 
# 
_atom_sites.entry_id                    1JZF 
_atom_sites.fract_transf_matrix[1][1]   -0.01445900 
_atom_sites.fract_transf_matrix[1][2]   0.01222791 
_atom_sites.fract_transf_matrix[1][3]   0.00066500 
_atom_sites.fract_transf_matrix[2][1]   -0.00574099 
_atom_sites.fract_transf_matrix[2][2]   -0.00602786 
_atom_sites.fract_transf_matrix[2][3]   -0.01398621 
_atom_sites.fract_transf_matrix[3][1]   -0.00713008 
_atom_sites.fract_transf_matrix[3][2]   -0.00879637 
_atom_sites.fract_transf_matrix[3][3]   0.00671783 
_atom_sites.fract_transf_vector[1]      0.208552 
_atom_sites.fract_transf_vector[2]      0.176365 
_atom_sites.fract_transf_vector[3]      0.122281 
# 
loop_
_atom_type.symbol 
C  
CU 
N  
O  
RU 
S  
# 
loop_
_atom_site.group_PDB 
_atom_site.id 
_atom_site.type_symbol 
_atom_site.label_atom_id 
_atom_site.label_alt_id 
_atom_site.label_comp_id 
_atom_site.label_asym_id 
_atom_site.label_entity_id 
_atom_site.label_seq_id 
_atom_site.pdbx_PDB_ins_code 
_atom_site.Cartn_x 
_atom_site.Cartn_y 
_atom_site.Cartn_z 
_atom_site.occupancy 
_atom_site.B_iso_or_equiv 
_atom_site.pdbx_formal_charge 
_atom_site.auth_seq_id 
_atom_site.auth_comp_id 
_atom_site.auth_asym_id 
_atom_site.auth_atom_id 
_atom_site.pdbx_PDB_model_num 
ATOM   1    N  N   . ALA A 1 1   ? -3.796  2.611   -22.021 1.00 20.89 ? 1    ALA A N   1 
ATOM   2    C  CA  . ALA A 1 1   ? -3.298  2.841   -20.640 1.00 20.81 ? 1    ALA A CA  1 
ATOM   3    C  C   . ALA A 1 1   ? -3.260  1.562   -19.813 1.00 20.60 ? 1    ALA A C   1 
ATOM   4    O  O   . ALA A 1 1   ? -4.139  0.711   -19.926 1.00 20.81 ? 1    ALA A O   1 
ATOM   5    C  CB  . ALA A 1 1   ? -4.166  3.881   -19.947 1.00 20.91 ? 1    ALA A CB  1 
ATOM   6    N  N   . GLU A 1 2   ? -2.218  1.419   -19.000 1.00 20.36 ? 2    GLU A N   1 
ATOM   7    C  CA  . GLU A 1 2   ? -2.068  0.266   -18.129 1.00 20.00 ? 2    GLU A CA  1 
ATOM   8    C  C   . GLU A 1 2   ? -2.668  0.714   -16.794 1.00 19.37 ? 2    GLU A C   1 
ATOM   9    O  O   . GLU A 1 2   ? -2.068  1.515   -16.073 1.00 19.42 ? 2    GLU A O   1 
ATOM   10   C  CB  . GLU A 1 2   ? -0.590  -0.086  -17.971 1.00 20.67 ? 2    GLU A CB  1 
ATOM   11   C  CG  . GLU A 1 2   ? -0.323  -1.477  -17.418 1.00 21.55 ? 2    GLU A CG  1 
ATOM   12   C  CD  . GLU A 1 2   ? 1.127   -1.902  -17.577 1.00 22.17 ? 2    GLU A CD  1 
ATOM   13   O  OE1 . GLU A 1 2   ? 1.985   -1.107  -17.968 1.00 22.61 ? 2    GLU A OE1 1 
ATOM   14   O  OE2 . GLU A 1 2   ? 1.408   -3.166  -17.283 1.00 22.72 ? 2    GLU A OE2 1 
ATOM   15   N  N   . CYS A 1 3   ? -3.857  0.216   -16.503 1.00 18.51 ? 3    CYS A N   1 
ATOM   16   C  CA  . CYS A 1 3   ? -4.568  0.589   -15.283 1.00 17.81 ? 3    CYS A CA  1 
ATOM   17   C  C   . CYS A 1 3   ? -4.454  -0.409  -14.136 1.00 17.30 ? 3    CYS A C   1 
ATOM   18   O  O   . CYS A 1 3   ? -5.363  -0.532  -13.312 1.00 17.02 ? 3    CYS A O   1 
ATOM   19   C  CB  . CYS A 1 3   ? -6.033  0.870   -15.614 1.00 17.82 ? 3    CYS A CB  1 
ATOM   20   S  SG  . CYS A 1 3   ? -6.226  2.053   -16.985 1.00 17.96 ? 3    CYS A SG  1 
ATOM   21   N  N   . SER A 1 4   ? -3.324  -1.104  -14.078 1.00 16.78 ? 4    SER A N   1 
ATOM   22   C  CA  . SER A 1 4   ? -3.065  -2.075  -13.024 1.00 16.30 ? 4    SER A CA  1 
ATOM   23   C  C   . SER A 1 4   ? -1.565  -2.286  -12.867 1.00 15.90 ? 4    SER A C   1 
ATOM   24   O  O   . SER A 1 4   ? -0.785  -1.984  -13.772 1.00 15.95 ? 4    SER A O   1 
ATOM   25   C  CB  . SER A 1 4   ? -3.753  -3.410  -13.327 1.00 16.49 ? 4    SER A CB  1 
ATOM   26   O  OG  . SER A 1 4   ? -3.178  -4.042  -14.455 1.00 16.98 ? 4    SER A OG  1 
ATOM   27   N  N   . VAL A 1 5   ? -1.169  -2.788  -11.703 1.00 15.39 ? 5    VAL A N   1 
ATOM   28   C  CA  . VAL A 1 5   ? 0.235   -3.050  -11.423 1.00 14.81 ? 5    VAL A CA  1 
ATOM   29   C  C   . VAL A 1 5   ? 0.374   -4.207  -10.441 1.00 14.53 ? 5    VAL A C   1 
ATOM   30   O  O   . VAL A 1 5   ? -0.393  -4.322  -9.482  1.00 14.27 ? 5    VAL A O   1 
ATOM   31   C  CB  . VAL A 1 5   ? 0.958   -1.785  -10.869 1.00 14.81 ? 5    VAL A CB  1 
ATOM   32   C  CG1 . VAL A 1 5   ? 0.415   -1.405  -9.498  1.00 14.89 ? 5    VAL A CG1 1 
ATOM   33   C  CG2 . VAL A 1 5   ? 2.462   -2.014  -10.812 1.00 14.80 ? 5    VAL A CG2 1 
ATOM   34   N  N   . ASP A 1 6   ? 1.310   -5.104  -10.733 1.00 14.28 ? 6    ASP A N   1 
ATOM   35   C  CA  . ASP A 1 6   ? 1.575   -6.249  -9.873  1.00 14.15 ? 6    ASP A CA  1 
ATOM   36   C  C   . ASP A 1 6   ? 2.786   -5.910  -9.013  1.00 13.91 ? 6    ASP A C   1 
ATOM   37   O  O   . ASP A 1 6   ? 3.856   -5.593  -9.536  1.00 14.10 ? 6    ASP A O   1 
ATOM   38   C  CB  . ASP A 1 6   ? 1.858   -7.503  -10.708 1.00 14.60 ? 6    ASP A CB  1 
ATOM   39   C  CG  . ASP A 1 6   ? 0.659   -7.947  -11.536 1.00 14.91 ? 6    ASP A CG  1 
ATOM   40   O  OD1 . ASP A 1 6   ? -0.441  -7.371  -11.393 1.00 15.12 ? 6    ASP A OD1 1 
ATOM   41   O  OD2 . ASP A 1 6   ? 0.821   -8.890  -12.338 1.00 15.49 ? 6    ASP A OD2 1 
ATOM   42   N  N   . ILE A 1 7   ? 2.598   -5.953  -7.697  1.00 13.50 ? 7    ILE A N   1 
ATOM   43   C  CA  . ILE A 1 7   ? 3.660   -5.637  -6.744  1.00 13.33 ? 7    ILE A CA  1 
ATOM   44   C  C   . ILE A 1 7   ? 3.903   -6.799  -5.785  1.00 13.10 ? 7    ILE A C   1 
ATOM   45   O  O   . ILE A 1 7   ? 2.970   -7.501  -5.391  1.00 12.97 ? 7    ILE A O   1 
ATOM   46   C  CB  . ILE A 1 7   ? 3.307   -4.375  -5.915  1.00 13.42 ? 7    ILE A CB  1 
ATOM   47   C  CG1 . ILE A 1 7   ? 3.033   -3.192  -6.844  1.00 13.69 ? 7    ILE A CG1 1 
ATOM   48   C  CG2 . ILE A 1 7   ? 4.445   -4.022  -4.961  1.00 13.38 ? 7    ILE A CG2 1 
ATOM   49   C  CD1 . ILE A 1 7   ? 2.527   -1.965  -6.129  1.00 13.85 ? 7    ILE A CD1 1 
ATOM   50   N  N   . GLN A 1 8   ? 5.163   -6.989  -5.409  1.00 13.00 ? 8    GLN A N   1 
ATOM   51   C  CA  . GLN A 1 8   ? 5.546   -8.051  -4.488  1.00 12.92 ? 8    GLN A CA  1 
ATOM   52   C  C   . GLN A 1 8   ? 6.197   -7.478  -3.235  1.00 12.75 ? 8    GLN A C   1 
ATOM   53   O  O   . GLN A 1 8   ? 6.861   -6.444  -3.285  1.00 12.75 ? 8    GLN A O   1 
ATOM   54   C  CB  . GLN A 1 8   ? 6.543   -9.002  -5.155  1.00 13.14 ? 8    GLN A CB  1 
ATOM   55   C  CG  . GLN A 1 8   ? 5.996   -9.797  -6.328  1.00 13.67 ? 8    GLN A CG  1 
ATOM   56   C  CD  . GLN A 1 8   ? 7.081   -10.562 -7.066  1.00 14.13 ? 8    GLN A CD  1 
ATOM   57   O  OE1 . GLN A 1 8   ? 8.147   -10.847 -6.515  1.00 14.52 ? 8    GLN A OE1 1 
ATOM   58   N  NE2 . GLN A 1 8   ? 6.817   -10.890 -8.325  1.00 14.44 ? 8    GLN A NE2 1 
ATOM   59   N  N   . GLY A 1 9   ? 5.973   -8.152  -2.112  1.00 12.50 ? 9    GLY A N   1 
ATOM   60   C  CA  . GLY A 1 9   ? 6.560   -7.765  -0.841  1.00 12.53 ? 9    GLY A CA  1 
ATOM   61   C  C   . GLY A 1 9   ? 7.247   -9.034  -0.366  1.00 12.48 ? 9    GLY A C   1 
ATOM   62   O  O   . GLY A 1 9   ? 6.586   -10.059 -0.224  1.00 12.35 ? 9    GLY A O   1 
ATOM   63   N  N   . ASN A 1 10  ? 8.553   -8.976  -0.114  1.00 12.41 ? 10   ASN A N   1 
ATOM   64   C  CA  . ASN A 1 10  ? 9.303   -10.170 0.293   1.00 12.57 ? 10   ASN A CA  1 
ATOM   65   C  C   . ASN A 1 10  ? 9.874   -10.206 1.723   1.00 12.68 ? 10   ASN A C   1 
ATOM   66   O  O   . ASN A 1 10  ? 9.554   -9.349  2.545   1.00 12.46 ? 10   ASN A O   1 
ATOM   67   C  CB  . ASN A 1 10  ? 10.420  -10.436 -0.722  1.00 12.72 ? 10   ASN A CB  1 
ATOM   68   C  CG  . ASN A 1 10  ? 11.432  -9.307  -0.793  1.00 12.81 ? 10   ASN A CG  1 
ATOM   69   O  OD1 . ASN A 1 10  ? 11.557  -8.506  0.134   1.00 13.11 ? 10   ASN A OD1 1 
ATOM   70   N  ND2 . ASN A 1 10  ? 12.168  -9.243  -1.896  1.00 13.01 ? 10   ASN A ND2 1 
ATOM   71   N  N   . ASP A 1 11  ? 10.718  -11.196 1.998   1.00 12.92 ? 11   ASP A N   1 
ATOM   72   C  CA  . ASP A 1 11  ? 11.340  -11.366 3.301   1.00 13.24 ? 11   ASP A CA  1 
ATOM   73   C  C   . ASP A 1 11  ? 12.455  -10.386 3.632   1.00 13.30 ? 11   ASP A C   1 
ATOM   74   O  O   . ASP A 1 11  ? 12.917  -10.268 4.746   1.00 13.64 ? 11   ASP A O   1 
ATOM   75   C  CB  . ASP A 1 11  ? 11.884  -12.796 3.470   1.00 13.27 ? 11   ASP A CB  1 
ATOM   76   C  CG  . ASP A 1 11  ? 10.787  -13.823 3.686   1.00 13.40 ? 11   ASP A CG  1 
ATOM   77   O  OD1 . ASP A 1 11  ? 9.625   -13.440 3.942   1.00 13.46 ? 11   ASP A OD1 1 
ATOM   78   O  OD2 . ASP A 1 11  ? 11.100  -15.029 3.619   1.00 13.71 ? 11   ASP A OD2 1 
ATOM   79   N  N   . GLN A 1 12  ? 12.916  -9.663  2.546   1.00 13.36 ? 12   GLN A N   1 
ATOM   80   C  CA  . GLN A 1 12  ? 13.953  -8.672  2.715   1.00 13.33 ? 12   GLN A CA  1 
ATOM   81   C  C   . GLN A 1 12  ? 13.330  -7.317  3.039   1.00 13.10 ? 12   GLN A C   1 
ATOM   82   O  O   . GLN A 1 12  ? 14.025  -6.293  3.066   1.00 13.28 ? 12   GLN A O   1 
ATOM   83   C  CB  . GLN A 1 12  ? 14.764  -8.546  1.427   1.00 13.95 ? 12   GLN A CB  1 
ATOM   84   C  CG  . GLN A 1 12  ? 15.739  -9.680  1.154   1.00 14.87 ? 12   GLN A CG  1 
ATOM   85   C  CD  . GLN A 1 12  ? 15.079  -11.033 0.949   1.00 15.15 ? 12   GLN A CD  1 
ATOM   86   O  OE1 . GLN A 1 12  ? 14.315  -11.231 0.006   1.00 15.51 ? 12   GLN A OE1 1 
ATOM   87   N  NE2 . GLN A 1 12  ? 15.389  -11.979 1.830   1.00 15.46 ? 12   GLN A NE2 1 
ATOM   88   N  N   . MET A 1 13  ? 12.029  -7.333  3.300   1.00 12.44 ? 13   MET A N   1 
ATOM   89   C  CA  . MET A 1 13  ? 11.271  -6.132  3.659   1.00 11.99 ? 13   MET A CA  1 
ATOM   90   C  C   . MET A 1 13  ? 11.349  -5.084  2.541   1.00 11.84 ? 13   MET A C   1 
ATOM   91   O  O   . MET A 1 13  ? 11.637  -3.910  2.791   1.00 11.71 ? 13   MET A O   1 
ATOM   92   C  CB  . MET A 1 13  ? 11.796  -5.575  4.987   1.00 11.73 ? 13   MET A CB  1 
ATOM   93   C  CG  . MET A 1 13  ? 10.849  -4.635  5.708   1.00 11.53 ? 13   MET A CG  1 
ATOM   94   S  SD  . MET A 1 13  ? 11.635  -4.000  7.191   1.00 11.29 ? 13   MET A SD  1 
ATOM   95   C  CE  . MET A 1 13  ? 12.736  -2.786  6.458   1.00 11.81 ? 13   MET A CE  1 
ATOM   96   N  N   . GLN A 1 14  ? 11.076  -5.516  1.313   1.00 11.80 ? 14   GLN A N   1 
ATOM   97   C  CA  . GLN A 1 14  ? 11.118  -4.628  0.153   1.00 11.75 ? 14   GLN A CA  1 
ATOM   98   C  C   . GLN A 1 14  ? 9.992   -4.878  -0.848  1.00 11.53 ? 14   GLN A C   1 
ATOM   99   O  O   . GLN A 1 14  ? 9.531   -6.010  -1.013  1.00 11.50 ? 14   GLN A O   1 
ATOM   100  C  CB  . GLN A 1 14  ? 12.447  -4.789  -0.601  1.00 12.46 ? 14   GLN A CB  1 
ATOM   101  C  CG  . GLN A 1 14  ? 13.692  -4.395  0.170   1.00 13.33 ? 14   GLN A CG  1 
ATOM   102  C  CD  . GLN A 1 14  ? 14.968  -4.645  -0.614  1.00 13.78 ? 14   GLN A CD  1 
ATOM   103  O  OE1 . GLN A 1 14  ? 15.645  -3.706  -1.039  1.00 14.79 ? 14   GLN A OE1 1 
ATOM   104  N  NE2 . GLN A 1 14  ? 15.310  -5.913  -0.801  1.00 14.38 ? 14   GLN A NE2 1 
ATOM   105  N  N   . PHE A 1 15  ? 9.523   -3.799  -1.471  1.00 11.21 ? 15   PHE A N   1 
ATOM   106  C  CA  . PHE A 1 15  ? 8.512   -3.870  -2.525  1.00 11.13 ? 15   PHE A CA  1 
ATOM   107  C  C   . PHE A 1 15  ? 9.368   -3.948  -3.792  1.00 11.12 ? 15   PHE A C   1 
ATOM   108  O  O   . PHE A 1 15  ? 10.532  -3.536  -3.770  1.00 11.14 ? 15   PHE A O   1 
ATOM   109  C  CB  . PHE A 1 15  ? 7.678   -2.584  -2.590  1.00 10.72 ? 15   PHE A CB  1 
ATOM   110  C  CG  . PHE A 1 15  ? 6.532   -2.530  -1.616  1.00 10.46 ? 15   PHE A CG  1 
ATOM   111  C  CD1 . PHE A 1 15  ? 5.630   -3.584  -1.508  1.00 10.34 ? 15   PHE A CD1 1 
ATOM   112  C  CD2 . PHE A 1 15  ? 6.322   -1.391  -0.844  1.00 10.39 ? 15   PHE A CD2 1 
ATOM   113  C  CE1 . PHE A 1 15  ? 4.532   -3.502  -0.649  1.00 10.14 ? 15   PHE A CE1 1 
ATOM   114  C  CE2 . PHE A 1 15  ? 5.230   -1.299  0.015   1.00 10.19 ? 15   PHE A CE2 1 
ATOM   115  C  CZ  . PHE A 1 15  ? 4.332   -2.355  0.113   1.00 10.22 ? 15   PHE A CZ  1 
ATOM   116  N  N   . ASN A 1 16  ? 8.816   -4.455  -4.890  1.00 11.23 ? 16   ASN A N   1 
ATOM   117  C  CA  . ASN A 1 16  ? 9.597   -4.544  -6.123  1.00 11.37 ? 16   ASN A CA  1 
ATOM   118  C  C   . ASN A 1 16  ? 9.383   -3.374  -7.086  1.00 11.45 ? 16   ASN A C   1 
ATOM   119  O  O   . ASN A 1 16  ? 9.574   -3.501  -8.298  1.00 11.88 ? 16   ASN A O   1 
ATOM   120  C  CB  . ASN A 1 16  ? 9.403   -5.899  -6.821  1.00 11.36 ? 16   ASN A CB  1 
ATOM   121  C  CG  . ASN A 1 16  ? 7.975   -6.140  -7.269  1.00 11.37 ? 16   ASN A CG  1 
ATOM   122  O  OD1 . ASN A 1 16  ? 7.051   -5.428  -6.880  1.00 11.34 ? 16   ASN A OD1 1 
ATOM   123  N  ND2 . ASN A 1 16  ? 7.791   -7.162  -8.097  1.00 11.57 ? 16   ASN A ND2 1 
ATOM   124  N  N   . THR A 1 17  ? 8.984   -2.238  -6.523  1.00 11.49 ? 17   THR A N   1 
ATOM   125  C  CA  . THR A 1 17  ? 8.776   -1.002  -7.272  1.00 11.49 ? 17   THR A CA  1 
ATOM   126  C  C   . THR A 1 17  ? 8.813   0.172   -6.299  1.00 11.29 ? 17   THR A C   1 
ATOM   127  O  O   . THR A 1 17  ? 8.324   0.076   -5.171  1.00 11.13 ? 17   THR A O   1 
ATOM   128  C  CB  . THR A 1 17  ? 7.446   -0.983  -8.065  1.00 11.87 ? 17   THR A CB  1 
ATOM   129  O  OG1 . THR A 1 17  ? 7.352   0.247   -8.797  1.00 12.39 ? 17   THR A OG1 1 
ATOM   130  C  CG2 . THR A 1 17  ? 6.246   -1.111  -7.135  1.00 12.20 ? 17   THR A CG2 1 
ATOM   131  N  N   . ASN A 1 18  ? 9.432   1.266   -6.732  1.00 11.09 ? 18   ASN A N   1 
ATOM   132  C  CA  . ASN A 1 18  ? 9.557   2.465   -5.910  1.00 11.03 ? 18   ASN A CA  1 
ATOM   133  C  C   . ASN A 1 18  ? 8.669   3.598   -6.397  1.00 11.03 ? 18   ASN A C   1 
ATOM   134  O  O   . ASN A 1 18  ? 8.581   4.640   -5.751  1.00 10.78 ? 18   ASN A O   1 
ATOM   135  C  CB  . ASN A 1 18  ? 11.005  2.957   -5.907  1.00 11.03 ? 18   ASN A CB  1 
ATOM   136  C  CG  . ASN A 1 18  ? 11.963  1.944   -5.333  1.00 11.01 ? 18   ASN A CG  1 
ATOM   137  O  OD1 . ASN A 1 18  ? 11.666  1.288   -4.337  1.00 11.31 ? 18   ASN A OD1 1 
ATOM   138  N  ND2 . ASN A 1 18  ? 13.131  1.817   -5.955  1.00 11.22 ? 18   ASN A ND2 1 
ATOM   139  N  N   . ALA A 1 19  ? 8.016   3.395   -7.536  1.00 11.17 ? 19   ALA A N   1 
ATOM   140  C  CA  . ALA A 1 19  ? 7.163   4.428   -8.105  1.00 11.51 ? 19   ALA A CA  1 
ATOM   141  C  C   . ALA A 1 19  ? 6.076   3.859   -9.000  1.00 11.72 ? 19   ALA A C   1 
ATOM   142  O  O   . ALA A 1 19  ? 6.326   2.973   -9.818  1.00 12.01 ? 19   ALA A O   1 
ATOM   143  C  CB  . ALA A 1 19  ? 8.008   5.429   -8.883  1.00 11.54 ? 19   ALA A CB  1 
ATOM   144  N  N   . ILE A 1 20  ? 4.866   4.382   -8.834  1.00 12.06 ? 20   ILE A N   1 
ATOM   145  C  CA  . ILE A 1 20  ? 3.715   3.960   -9.616  1.00 12.38 ? 20   ILE A CA  1 
ATOM   146  C  C   . ILE A 1 20  ? 3.109   5.176   -10.307 1.00 12.74 ? 20   ILE A C   1 
ATOM   147  O  O   . ILE A 1 20  ? 2.936   6.232   -9.693  1.00 12.95 ? 20   ILE A O   1 
ATOM   148  C  CB  . ILE A 1 20  ? 2.630   3.313   -8.716  1.00 12.16 ? 20   ILE A CB  1 
ATOM   149  C  CG1 . ILE A 1 20  ? 3.186   2.072   -8.017  1.00 12.15 ? 20   ILE A CG1 1 
ATOM   150  C  CG2 . ILE A 1 20  ? 1.402   2.942   -9.542  1.00 12.34 ? 20   ILE A CG2 1 
ATOM   151  C  CD1 . ILE A 1 20  ? 2.232   1.461   -7.019  1.00 12.36 ? 20   ILE A CD1 1 
ATOM   152  N  N   . THR A 1 21  ? 2.825   5.038   -11.597 1.00 13.27 ? 21   THR A N   1 
ATOM   153  C  CA  . THR A 1 21  ? 2.213   6.115   -12.358 1.00 13.86 ? 21   THR A CA  1 
ATOM   154  C  C   . THR A 1 21  ? 0.808   5.680   -12.748 1.00 13.97 ? 21   THR A C   1 
ATOM   155  O  O   . THR A 1 21  ? 0.625   4.616   -13.340 1.00 14.00 ? 21   THR A O   1 
ATOM   156  C  CB  . THR A 1 21  ? 3.018   6.451   -13.635 1.00 14.07 ? 21   THR A CB  1 
ATOM   157  O  OG1 . THR A 1 21  ? 4.291   6.998   -13.269 1.00 14.63 ? 21   THR A OG1 1 
ATOM   158  C  CG2 . THR A 1 21  ? 2.267   7.465   -14.498 1.00 14.30 ? 21   THR A CG2 1 
ATOM   159  N  N   . VAL A 1 22  ? -0.181  6.466   -12.342 1.00 14.17 ? 22   VAL A N   1 
ATOM   160  C  CA  . VAL A 1 22  ? -1.571  6.177   -12.671 1.00 14.47 ? 22   VAL A CA  1 
ATOM   161  C  C   . VAL A 1 22  ? -1.968  7.084   -13.828 1.00 14.93 ? 22   VAL A C   1 
ATOM   162  O  O   . VAL A 1 22  ? -1.995  8.307   -13.690 1.00 14.78 ? 22   VAL A O   1 
ATOM   163  C  CB  . VAL A 1 22  ? -2.511  6.419   -11.467 1.00 14.31 ? 22   VAL A CB  1 
ATOM   164  C  CG1 . VAL A 1 22  ? -3.964  6.210   -11.879 1.00 14.10 ? 22   VAL A CG1 1 
ATOM   165  C  CG2 . VAL A 1 22  ? -2.153  5.472   -10.332 1.00 14.25 ? 22   VAL A CG2 1 
ATOM   166  N  N   . ASP A 1 23  ? -2.236  6.474   -14.980 1.00 15.67 ? 23   ASP A N   1 
ATOM   167  C  CA  . ASP A 1 23  ? -2.626  7.212   -16.176 1.00 16.47 ? 23   ASP A CA  1 
ATOM   168  C  C   . ASP A 1 23  ? -3.995  7.860   -15.979 1.00 16.76 ? 23   ASP A C   1 
ATOM   169  O  O   . ASP A 1 23  ? -4.927  7.223   -15.492 1.00 16.73 ? 23   ASP A O   1 
ATOM   170  C  CB  . ASP A 1 23  ? -2.659  6.269   -17.386 1.00 16.96 ? 23   ASP A CB  1 
ATOM   171  C  CG  . ASP A 1 23  ? -2.677  7.011   -18.716 1.00 17.59 ? 23   ASP A CG  1 
ATOM   172  O  OD1 . ASP A 1 23  ? -3.609  7.807   -18.961 1.00 17.74 ? 23   ASP A OD1 1 
ATOM   173  O  OD2 . ASP A 1 23  ? -1.760  6.786   -19.532 1.00 18.22 ? 23   ASP A OD2 1 
ATOM   174  N  N   . LYS A 1 24  ? -4.104  9.125   -16.379 1.00 17.22 ? 24   LYS A N   1 
ATOM   175  C  CA  . LYS A 1 24  ? -5.343  9.894   -16.264 1.00 17.73 ? 24   LYS A CA  1 
ATOM   176  C  C   . LYS A 1 24  ? -6.527  9.283   -17.005 1.00 17.78 ? 24   LYS A C   1 
ATOM   177  O  O   . LYS A 1 24  ? -7.681  9.538   -16.659 1.00 17.84 ? 24   LYS A O   1 
ATOM   178  C  CB  . LYS A 1 24  ? -5.136  11.314  -16.785 1.00 18.15 ? 24   LYS A CB  1 
ATOM   179  C  CG  . LYS A 1 24  ? -4.896  12.350  -15.716 1.00 18.85 ? 24   LYS A CG  1 
ATOM   180  C  CD  . LYS A 1 24  ? -5.177  13.740  -16.256 1.00 19.27 ? 24   LYS A CD  1 
ATOM   181  C  CE  . LYS A 1 24  ? -4.299  14.088  -17.442 1.00 19.48 ? 24   LYS A CE  1 
ATOM   182  N  NZ  . LYS A 1 24  ? -4.450  15.518  -17.827 1.00 19.81 ? 24   LYS A NZ  1 
ATOM   183  N  N   . SER A 1 25  ? -6.236  8.517   -18.052 1.00 17.86 ? 25   SER A N   1 
ATOM   184  C  CA  . SER A 1 25  ? -7.273  7.875   -18.855 1.00 17.99 ? 25   SER A CA  1 
ATOM   185  C  C   . SER A 1 25  ? -7.987  6.761   -18.097 1.00 17.96 ? 25   SER A C   1 
ATOM   186  O  O   . SER A 1 25  ? -9.104  6.378   -18.448 1.00 18.10 ? 25   SER A O   1 
ATOM   187  C  CB  . SER A 1 25  ? -6.669  7.317   -20.145 1.00 18.07 ? 25   SER A CB  1 
ATOM   188  O  OG  . SER A 1 25  ? -6.065  8.346   -20.910 1.00 18.64 ? 25   SER A OG  1 
ATOM   189  N  N   . CYS A 1 26  ? -7.333  6.240   -17.062 1.00 17.78 ? 26   CYS A N   1 
ATOM   190  C  CA  . CYS A 1 26  ? -7.900  5.170   -16.248 1.00 17.64 ? 26   CYS A CA  1 
ATOM   191  C  C   . CYS A 1 26  ? -9.028  5.673   -15.356 1.00 17.54 ? 26   CYS A C   1 
ATOM   192  O  O   . CYS A 1 26  ? -8.929  6.751   -14.767 1.00 17.73 ? 26   CYS A O   1 
ATOM   193  C  CB  . CYS A 1 26  ? -6.818  4.542   -15.364 1.00 17.60 ? 26   CYS A CB  1 
ATOM   194  S  SG  . CYS A 1 26  ? -5.427  3.769   -16.250 1.00 17.66 ? 26   CYS A SG  1 
ATOM   195  N  N   . LYS A 1 27  ? -10.112 4.906   -15.291 1.00 17.33 ? 27   LYS A N   1 
ATOM   196  C  CA  . LYS A 1 27  ? -11.252 5.247   -14.436 1.00 16.99 ? 27   LYS A CA  1 
ATOM   197  C  C   . LYS A 1 27  ? -11.006 4.594   -13.085 1.00 16.41 ? 27   LYS A C   1 
ATOM   198  O  O   . LYS A 1 27  ? -11.343 5.153   -12.038 1.00 16.42 ? 27   LYS A O   1 
ATOM   199  C  CB  . LYS A 1 27  ? -12.561 4.731   -15.036 1.00 17.67 ? 27   LYS A CB  1 
ATOM   200  C  CG  . LYS A 1 27  ? -13.210 5.687   -16.012 1.00 18.49 ? 27   LYS A CG  1 
ATOM   201  C  CD  . LYS A 1 27  ? -12.329 5.932   -17.220 1.00 19.02 ? 27   LYS A CD  1 
ATOM   202  C  CE  . LYS A 1 27  ? -12.916 7.021   -18.091 1.00 19.51 ? 27   LYS A CE  1 
ATOM   203  N  NZ  . LYS A 1 27  ? -11.978 7.424   -19.168 1.00 19.90 ? 27   LYS A NZ  1 
ATOM   204  N  N   A GLN A 1 28  ? -10.443 3.392   -13.123 0.43 15.98 ? 28   GLN A N   1 
ATOM   205  N  N   B GLN A 1 28  ? -10.444 3.392   -13.126 0.46 15.97 ? 28   GLN A N   1 
ATOM   206  C  CA  A GLN A 1 28  ? -10.109 2.628   -11.927 0.43 15.36 ? 28   GLN A CA  1 
ATOM   207  C  CA  B GLN A 1 28  ? -10.109 2.629   -11.929 0.46 15.33 ? 28   GLN A CA  1 
ATOM   208  C  C   A GLN A 1 28  ? -8.671  2.146   -12.059 0.43 14.81 ? 28   GLN A C   1 
ATOM   209  C  C   B GLN A 1 28  ? -8.671  2.147   -12.059 0.46 14.80 ? 28   GLN A C   1 
ATOM   210  O  O   A GLN A 1 28  ? -8.153  2.005   -13.169 0.43 14.74 ? 28   GLN A O   1 
ATOM   211  O  O   B GLN A 1 28  ? -8.153  2.005   -13.169 0.46 14.74 ? 28   GLN A O   1 
ATOM   212  C  CB  A GLN A 1 28  ? -11.032 1.415   -11.774 0.43 15.66 ? 28   GLN A CB  1 
ATOM   213  C  CB  B GLN A 1 28  ? -11.029 1.413   -11.761 0.46 15.60 ? 28   GLN A CB  1 
ATOM   214  C  CG  A GLN A 1 28  ? -12.375 1.700   -11.118 0.43 16.06 ? 28   GLN A CG  1 
ATOM   215  C  CG  B GLN A 1 28  ? -12.488 1.731   -11.455 0.46 15.93 ? 28   GLN A CG  1 
ATOM   216  C  CD  A GLN A 1 28  ? -13.233 0.459   -11.014 0.43 16.24 ? 28   GLN A CD  1 
ATOM   217  C  CD  B GLN A 1 28  ? -13.297 2.053   -12.689 0.46 16.10 ? 28   GLN A CD  1 
ATOM   218  O  OE1 A GLN A 1 28  ? -13.635 0.037   -9.939  0.43 16.58 ? 28   GLN A OE1 1 
ATOM   219  O  OE1 B GLN A 1 28  ? -13.111 1.453   -13.742 0.46 16.39 ? 28   GLN A OE1 1 
ATOM   220  N  NE2 A GLN A 1 28  ? -13.538 -0.114  -12.146 0.43 16.55 ? 28   GLN A NE2 1 
ATOM   221  N  NE2 B GLN A 1 28  ? -14.218 2.996   -12.564 0.46 16.29 ? 28   GLN A NE2 1 
ATOM   222  N  N   . PHE A 1 29  ? -8.027  1.903   -10.922 1.00 14.29 ? 29   PHE A N   1 
ATOM   223  C  CA  . PHE A 1 29  ? -6.653  1.425   -10.908 1.00 13.26 ? 29   PHE A CA  1 
ATOM   224  C  C   . PHE A 1 29  ? -6.608  0.244   -9.955  1.00 12.75 ? 29   PHE A C   1 
ATOM   225  O  O   . PHE A 1 29  ? -7.189  0.288   -8.870  1.00 12.62 ? 29   PHE A O   1 
ATOM   226  C  CB  . PHE A 1 29  ? -5.680  2.517   -10.457 1.00 12.88 ? 29   PHE A CB  1 
ATOM   227  C  CG  . PHE A 1 29  ? -4.238  2.176   -10.710 1.00 12.50 ? 29   PHE A CG  1 
ATOM   228  C  CD1 . PHE A 1 29  ? -3.695  2.314   -11.985 1.00 12.52 ? 29   PHE A CD1 1 
ATOM   229  C  CD2 . PHE A 1 29  ? -3.428  1.701   -9.685  1.00 12.45 ? 29   PHE A CD2 1 
ATOM   230  C  CE1 . PHE A 1 29  ? -2.367  1.980   -12.235 1.00 12.43 ? 29   PHE A CE1 1 
ATOM   231  C  CE2 . PHE A 1 29  ? -2.097  1.364   -9.925  1.00 12.41 ? 29   PHE A CE2 1 
ATOM   232  C  CZ  . PHE A 1 29  ? -1.566  1.504   -11.202 1.00 12.36 ? 29   PHE A CZ  1 
ATOM   233  N  N   . THR A 1 30  ? -5.919  -0.811  -10.371 1.00 12.33 ? 30   THR A N   1 
ATOM   234  C  CA  . THR A 1 30  ? -5.826  -2.021  -9.568  1.00 12.06 ? 30   THR A CA  1 
ATOM   235  C  C   . THR A 1 30  ? -4.400  -2.380  -9.178  1.00 11.73 ? 30   THR A C   1 
ATOM   236  O  O   . THR A 1 30  ? -3.490  -2.349  -10.005 1.00 11.74 ? 30   THR A O   1 
ATOM   237  C  CB  . THR A 1 30  ? -6.458  -3.214  -10.322 1.00 12.04 ? 30   THR A CB  1 
ATOM   238  O  OG1 . THR A 1 30  ? -7.832  -2.923  -10.605 1.00 12.32 ? 30   THR A OG1 1 
ATOM   239  C  CG2 . THR A 1 30  ? -6.372  -4.493  -9.499  1.00 12.20 ? 30   THR A CG2 1 
ATOM   240  N  N   . VAL A 1 31  ? -4.212  -2.691  -7.901  1.00 11.50 ? 31   VAL A N   1 
ATOM   241  C  CA  . VAL A 1 31  ? -2.911  -3.095  -7.386  1.00 11.32 ? 31   VAL A CA  1 
ATOM   242  C  C   . VAL A 1 31  ? -3.024  -4.551  -6.947  1.00 11.17 ? 31   VAL A C   1 
ATOM   243  O  O   . VAL A 1 31  ? -3.887  -4.900  -6.142  1.00 11.25 ? 31   VAL A O   1 
ATOM   244  C  CB  . VAL A 1 31  ? -2.466  -2.227  -6.188  1.00 11.25 ? 31   VAL A CB  1 
ATOM   245  C  CG1 . VAL A 1 31  ? -1.187  -2.790  -5.572  1.00 11.44 ? 31   VAL A CG1 1 
ATOM   246  C  CG2 . VAL A 1 31  ? -2.240  -0.793  -6.641  1.00 11.40 ? 31   VAL A CG2 1 
ATOM   247  N  N   . ASN A 1 32  ? -2.181  -5.401  -7.523  1.00 11.15 ? 32   ASN A N   1 
ATOM   248  C  CA  . ASN A 1 32  ? -2.173  -6.821  -7.194  1.00 11.22 ? 32   ASN A CA  1 
ATOM   249  C  C   . ASN A 1 32  ? -0.926  -7.131  -6.371  1.00 11.12 ? 32   ASN A C   1 
ATOM   250  O  O   . ASN A 1 32  ? 0.177   -7.218  -6.907  1.00 11.27 ? 32   ASN A O   1 
ATOM   251  C  CB  . ASN A 1 32  ? -2.188  -7.664  -8.473  1.00 11.44 ? 32   ASN A CB  1 
ATOM   252  C  CG  . ASN A 1 32  ? -3.389  -7.364  -9.354  1.00 11.45 ? 32   ASN A CG  1 
ATOM   253  O  OD1 . ASN A 1 32  ? -4.534  -7.480  -8.923  1.00 11.91 ? 32   ASN A OD1 1 
ATOM   254  N  ND2 . ASN A 1 32  ? -3.128  -6.970  -10.595 1.00 11.76 ? 32   ASN A ND2 1 
ATOM   255  N  N   . LEU A 1 33  ? -1.114  -7.283  -5.063  1.00 11.10 ? 33   LEU A N   1 
ATOM   256  C  CA  . LEU A 1 33  ? -0.011  -7.564  -4.149  1.00 11.14 ? 33   LEU A CA  1 
ATOM   257  C  C   . LEU A 1 33  ? 0.149   -9.047  -3.834  1.00 11.34 ? 33   LEU A C   1 
ATOM   258  O  O   . LEU A 1 33  ? -0.836  -9.757  -3.634  1.00 11.53 ? 33   LEU A O   1 
ATOM   259  C  CB  . LEU A 1 33  ? -0.209  -6.791  -2.841  1.00 11.08 ? 33   LEU A CB  1 
ATOM   260  C  CG  . LEU A 1 33  ? 0.868   -6.959  -1.765  1.00 10.95 ? 33   LEU A CG  1 
ATOM   261  C  CD1 . LEU A 1 33  ? 2.149   -6.266  -2.201  1.00 11.00 ? 33   LEU A CD1 1 
ATOM   262  C  CD2 . LEU A 1 33  ? 0.378   -6.388  -0.449  1.00 10.88 ? 33   LEU A CD2 1 
ATOM   263  N  N   . SER A 1 34  ? 1.399   -9.500  -3.782  1.00 11.44 ? 34   SER A N   1 
ATOM   264  C  CA  . SER A 1 34  ? 1.718   -10.887 -3.461  1.00 11.66 ? 34   SER A CA  1 
ATOM   265  C  C   . SER A 1 34  ? 2.933   -10.923 -2.538  1.00 11.66 ? 34   SER A C   1 
ATOM   266  O  O   . SER A 1 34  ? 3.704   -9.964  -2.477  1.00 11.62 ? 34   SER A O   1 
ATOM   267  C  CB  . SER A 1 34  ? 1.973   -11.710 -4.731  1.00 11.67 ? 34   SER A CB  1 
ATOM   268  O  OG  . SER A 1 34  ? 3.083   -11.226 -5.461  1.00 12.55 ? 34   SER A OG  1 
ATOM   269  N  N   . HIS A 1 35  ? 3.092   -12.028 -1.815  1.00 11.73 ? 35   HIS A N   1 
ATOM   270  C  CA  . HIS A 1 35  ? 4.194   -12.188 -0.872  1.00 11.80 ? 35   HIS A CA  1 
ATOM   271  C  C   . HIS A 1 35  ? 5.001   -13.446 -1.198  1.00 12.14 ? 35   HIS A C   1 
ATOM   272  O  O   . HIS A 1 35  ? 4.645   -14.550 -0.775  1.00 12.16 ? 35   HIS A O   1 
ATOM   273  C  CB  . HIS A 1 35  ? 3.631   -12.271 0.549   1.00 11.58 ? 35   HIS A CB  1 
ATOM   274  C  CG  . HIS A 1 35  ? 4.656   -12.103 1.632   1.00 11.33 ? 35   HIS A CG  1 
ATOM   275  N  ND1 . HIS A 1 35  ? 5.889   -12.718 1.595   1.00 11.61 ? 35   HIS A ND1 1 
ATOM   276  C  CD2 . HIS A 1 35  ? 4.613   -11.412 2.791   1.00 11.46 ? 35   HIS A CD2 1 
ATOM   277  C  CE1 . HIS A 1 35  ? 6.561   -12.411 2.690   1.00 11.46 ? 35   HIS A CE1 1 
ATOM   278  N  NE2 . HIS A 1 35  ? 5.810   -11.620 3.434   1.00 11.24 ? 35   HIS A NE2 1 
ATOM   279  N  N   . PRO A 1 36  ? 6.087   -13.295 -1.975  1.00 12.40 ? 36   PRO A N   1 
ATOM   280  C  CA  . PRO A 1 36  ? 6.953   -14.414 -2.367  1.00 12.79 ? 36   PRO A CA  1 
ATOM   281  C  C   . PRO A 1 36  ? 7.918   -14.897 -1.279  1.00 13.17 ? 36   PRO A C   1 
ATOM   282  O  O   . PRO A 1 36  ? 8.753   -15.765 -1.529  1.00 13.38 ? 36   PRO A O   1 
ATOM   283  C  CB  . PRO A 1 36  ? 7.699   -13.851 -3.575  1.00 12.78 ? 36   PRO A CB  1 
ATOM   284  C  CG  . PRO A 1 36  ? 7.842   -12.408 -3.225  1.00 12.83 ? 36   PRO A CG  1 
ATOM   285  C  CD  . PRO A 1 36  ? 6.471   -12.064 -2.689  1.00 12.54 ? 36   PRO A CD  1 
ATOM   286  N  N   . GLY A 1 37  ? 7.801   -14.334 -0.078  1.00 13.53 ? 37   GLY A N   1 
ATOM   287  C  CA  . GLY A 1 37  ? 8.671   -14.736 1.016   1.00 14.00 ? 37   GLY A CA  1 
ATOM   288  C  C   . GLY A 1 37  ? 8.228   -16.017 1.701   1.00 14.51 ? 37   GLY A C   1 
ATOM   289  O  O   . GLY A 1 37  ? 7.286   -16.670 1.253   1.00 14.41 ? 37   GLY A O   1 
ATOM   290  N  N   . ASN A 1 38  ? 8.913   -16.377 2.785   1.00 14.85 ? 38   ASN A N   1 
ATOM   291  C  CA  . ASN A 1 38  ? 8.604   -17.585 3.555   1.00 15.41 ? 38   ASN A CA  1 
ATOM   292  C  C   . ASN A 1 38  ? 7.999   -17.259 4.916   1.00 15.64 ? 38   ASN A C   1 
ATOM   293  O  O   . ASN A 1 38  ? 7.310   -18.086 5.514   1.00 16.02 ? 38   ASN A O   1 
ATOM   294  C  CB  . ASN A 1 38  ? 9.872   -18.417 3.782   1.00 15.61 ? 38   ASN A CB  1 
ATOM   295  C  CG  . ASN A 1 38  ? 10.494  -18.902 2.493   1.00 15.96 ? 38   ASN A CG  1 
ATOM   296  O  OD1 . ASN A 1 38  ? 11.691  -18.719 2.262   1.00 16.51 ? 38   ASN A OD1 1 
ATOM   297  N  ND2 . ASN A 1 38  ? 9.692   -19.536 1.650   1.00 15.84 ? 38   ASN A ND2 1 
ATOM   298  N  N   . LEU A 1 39  ? 8.271   -16.053 5.405   1.00 15.84 ? 39   LEU A N   1 
ATOM   299  C  CA  . LEU A 1 39  ? 7.790   -15.607 6.708   1.00 15.96 ? 39   LEU A CA  1 
ATOM   300  C  C   . LEU A 1 39  ? 6.297   -15.286 6.786   1.00 15.88 ? 39   LEU A C   1 
ATOM   301  O  O   . LEU A 1 39  ? 5.709   -14.772 5.832   1.00 15.58 ? 39   LEU A O   1 
ATOM   302  C  CB  . LEU A 1 39  ? 8.609   -14.395 7.165   1.00 16.28 ? 39   LEU A CB  1 
ATOM   303  C  CG  . LEU A 1 39  ? 9.913   -14.615 7.942   1.00 16.82 ? 39   LEU A CG  1 
ATOM   304  C  CD1 . LEU A 1 39  ? 10.610  -15.903 7.544   1.00 17.08 ? 39   LEU A CD1 1 
ATOM   305  C  CD2 . LEU A 1 39  ? 10.821  -13.413 7.740   1.00 16.72 ? 39   LEU A CD2 1 
ATOM   306  N  N   . PRO A 1 40  ? 5.656   -15.628 7.920   1.00 16.00 ? 40   PRO A N   1 
ATOM   307  C  CA  . PRO A 1 40  ? 4.227   -15.386 8.161   1.00 15.97 ? 40   PRO A CA  1 
ATOM   308  C  C   . PRO A 1 40  ? 3.928   -13.895 8.351   1.00 16.07 ? 40   PRO A C   1 
ATOM   309  O  O   . PRO A 1 40  ? 4.840   -13.104 8.593   1.00 15.98 ? 40   PRO A O   1 
ATOM   310  C  CB  . PRO A 1 40  ? 3.956   -16.196 9.431   1.00 16.07 ? 40   PRO A CB  1 
ATOM   311  C  CG  . PRO A 1 40  ? 5.273   -16.177 10.138  1.00 15.95 ? 40   PRO A CG  1 
ATOM   312  C  CD  . PRO A 1 40  ? 6.241   -16.422 9.016   1.00 15.93 ? 40   PRO A CD  1 
ATOM   313  N  N   . LYS A 1 41  ? 2.652   -13.521 8.273   1.00 16.16 ? 41   LYS A N   1 
ATOM   314  C  CA  . LYS A 1 41  ? 2.262   -12.115 8.398   1.00 16.32 ? 41   LYS A CA  1 
ATOM   315  C  C   . LYS A 1 41  ? 2.486   -11.456 9.755   1.00 16.19 ? 41   LYS A C   1 
ATOM   316  O  O   . LYS A 1 41  ? 2.519   -10.227 9.849   1.00 16.12 ? 41   LYS A O   1 
ATOM   317  C  CB  . LYS A 1 41  ? 0.817   -11.892 7.931   1.00 16.89 ? 41   LYS A CB  1 
ATOM   318  C  CG  . LYS A 1 41  ? -0.270  -12.340 8.890   1.00 17.54 ? 41   LYS A CG  1 
ATOM   319  C  CD  . LYS A 1 41  ? -1.637  -11.948 8.344   1.00 17.98 ? 41   LYS A CD  1 
ATOM   320  C  CE  . LYS A 1 41  ? -2.751  -12.263 9.325   1.00 18.27 ? 41   LYS A CE  1 
ATOM   321  N  NZ  . LYS A 1 41  ? -4.087  -11.956 8.740   1.00 18.77 ? 41   LYS A NZ  1 
ATOM   322  N  N   . ASN A 1 42  ? 2.649   -12.257 10.803  1.00 16.04 ? 42   ASN A N   1 
ATOM   323  C  CA  . ASN A 1 42  ? 2.877   -11.700 12.131  1.00 15.83 ? 42   ASN A CA  1 
ATOM   324  C  C   . ASN A 1 42  ? 4.319   -11.223 12.343  1.00 15.46 ? 42   ASN A C   1 
ATOM   325  O  O   . ASN A 1 42  ? 4.595   -10.483 13.288  1.00 15.39 ? 42   ASN A O   1 
ATOM   326  C  CB  . ASN A 1 42  ? 2.464   -12.695 13.226  1.00 16.62 ? 42   ASN A CB  1 
ATOM   327  C  CG  . ASN A 1 42  ? 3.308   -13.955 13.230  1.00 17.16 ? 42   ASN A CG  1 
ATOM   328  O  OD1 . ASN A 1 42  ? 3.707   -14.441 14.287  1.00 18.17 ? 42   ASN A OD1 1 
ATOM   329  N  ND2 . ASN A 1 42  ? 3.578   -14.492 12.051  1.00 17.72 ? 42   ASN A ND2 1 
ATOM   330  N  N   A VAL A 1 43  ? 5.228   -11.652 11.468  0.51 15.08 ? 43   VAL A N   1 
ATOM   331  N  N   B VAL A 1 43  ? 5.230   -11.647 11.467  0.49 15.10 ? 43   VAL A N   1 
ATOM   332  C  CA  A VAL A 1 43  ? 6.631   -11.257 11.568  0.51 14.67 ? 43   VAL A CA  1 
ATOM   333  C  CA  B VAL A 1 43  ? 6.635   -11.256 11.572  0.49 14.72 ? 43   VAL A CA  1 
ATOM   334  C  C   A VAL A 1 43  ? 7.108   -10.470 10.347  0.51 14.35 ? 43   VAL A C   1 
ATOM   335  C  C   B VAL A 1 43  ? 7.107   -10.468 10.347  0.49 14.38 ? 43   VAL A C   1 
ATOM   336  O  O   A VAL A 1 43  ? 7.986   -9.616  10.459  0.51 14.44 ? 43   VAL A O   1 
ATOM   337  O  O   B VAL A 1 43  ? 7.982   -9.611  10.456  0.49 14.46 ? 43   VAL A O   1 
ATOM   338  C  CB  A VAL A 1 43  ? 7.570   -12.476 11.778  0.51 14.74 ? 43   VAL A CB  1 
ATOM   339  C  CB  B VAL A 1 43  ? 7.563   -12.482 11.760  0.49 14.82 ? 43   VAL A CB  1 
ATOM   340  C  CG1 A VAL A 1 43  ? 7.162   -13.255 13.018  0.01 14.83 ? 43   VAL A CG1 1 
ATOM   341  C  CG1 B VAL A 1 43  ? 8.990   -12.020 12.048  0.49 14.97 ? 43   VAL A CG1 1 
ATOM   342  C  CG2 A VAL A 1 43  ? 7.571   -13.372 10.555  0.51 14.82 ? 43   VAL A CG2 1 
ATOM   343  C  CG2 B VAL A 1 43  ? 7.065   -13.358 12.905  0.49 14.96 ? 43   VAL A CG2 1 
ATOM   344  N  N   . MET A 1 44  ? 6.520   -10.761 9.189   1.00 14.10 ? 44   MET A N   1 
ATOM   345  C  CA  . MET A 1 44  ? 6.887   -10.088 7.941   1.00 13.36 ? 44   MET A CA  1 
ATOM   346  C  C   . MET A 1 44  ? 5.635   -9.819  7.100   1.00 12.89 ? 44   MET A C   1 
ATOM   347  O  O   . MET A 1 44  ? 5.620   -10.026 5.884   1.00 12.75 ? 44   MET A O   1 
ATOM   348  C  CB  . MET A 1 44  ? 7.894   -10.955 7.168   1.00 13.63 ? 44   MET A CB  1 
ATOM   349  C  CG  . MET A 1 44  ? 8.529   -10.313 5.934   1.00 13.56 ? 44   MET A CG  1 
ATOM   350  S  SD  . MET A 1 44  ? 9.465   -8.815  6.285   1.00 14.17 ? 44   MET A SD  1 
ATOM   351  C  CE  . MET A 1 44  ? 10.868  -9.479  7.180   1.00 14.02 ? 44   MET A CE  1 
ATOM   352  N  N   . GLY A 1 45  ? 4.579   -9.361  7.764   1.00 12.23 ? 45   GLY A N   1 
ATOM   353  C  CA  . GLY A 1 45  ? 3.339   -9.060  7.070   1.00 11.71 ? 45   GLY A CA  1 
ATOM   354  C  C   . GLY A 1 45  ? 3.460   -7.822  6.205   1.00 11.20 ? 45   GLY A C   1 
ATOM   355  O  O   . GLY A 1 45  ? 4.139   -6.862  6.578   1.00 11.10 ? 45   GLY A O   1 
ATOM   356  N  N   . HIS A 1 46  ? 2.811   -7.848  5.046   1.00 10.81 ? 46   HIS A N   1 
ATOM   357  C  CA  . HIS A 1 46  ? 2.848   -6.722  4.121   1.00 10.38 ? 46   HIS A CA  1 
ATOM   358  C  C   . HIS A 1 46  ? 1.480   -6.323  3.601   1.00 10.26 ? 46   HIS A C   1 
ATOM   359  O  O   . HIS A 1 46  ? 0.650   -7.175  3.288   1.00 10.09 ? 46   HIS A O   1 
ATOM   360  C  CB  . HIS A 1 46  ? 3.714   -7.041  2.896   1.00 10.35 ? 46   HIS A CB  1 
ATOM   361  C  CG  . HIS A 1 46  ? 5.146   -7.341  3.210   1.00 10.26 ? 46   HIS A CG  1 
ATOM   362  N  ND1 . HIS A 1 46  ? 5.878   -6.620  4.131   1.00 10.26 ? 46   HIS A ND1 1 
ATOM   363  C  CD2 . HIS A 1 46  ? 5.987   -8.269  2.703   1.00 10.28 ? 46   HIS A CD2 1 
ATOM   364  C  CE1 . HIS A 1 46  ? 7.108   -7.095  4.175   1.00 10.06 ? 46   HIS A CE1 1 
ATOM   365  N  NE2 . HIS A 1 46  ? 7.205   -8.095  3.320   1.00 10.26 ? 46   HIS A NE2 1 
ATOM   366  N  N   . ASN A 1 47  ? 1.255   -5.018  3.525   1.00 10.02 ? 47   ASN A N   1 
ATOM   367  C  CA  . ASN A 1 47  ? 0.027   -4.478  2.964   1.00 9.63  ? 47   ASN A CA  1 
ATOM   368  C  C   . ASN A 1 47  ? 0.437   -3.318  2.068   1.00 9.47  ? 47   ASN A C   1 
ATOM   369  O  O   . ASN A 1 47  ? 1.574   -2.844  2.138   1.00 9.77  ? 47   ASN A O   1 
ATOM   370  C  CB  . ASN A 1 47  ? -0.991  -4.042  4.041   1.00 9.71  ? 47   ASN A CB  1 
ATOM   371  C  CG  . ASN A 1 47  ? -0.445  -3.007  5.014   1.00 9.67  ? 47   ASN A CG  1 
ATOM   372  O  OD1 . ASN A 1 47  ? 0.649   -2.475  4.843   1.00 9.93  ? 47   ASN A OD1 1 
ATOM   373  N  ND2 . ASN A 1 47  ? -1.225  -2.717  6.052   1.00 9.89  ? 47   ASN A ND2 1 
ATOM   374  N  N   . TRP A 1 48  ? -0.441  -2.955  1.143   1.00 9.28  ? 48   TRP A N   1 
ATOM   375  C  CA  . TRP A 1 48  ? -0.184  -1.848  0.239   1.00 9.11  ? 48   TRP A CA  1 
ATOM   376  C  C   . TRP A 1 48  ? -1.217  -0.795  0.616   1.00 9.16  ? 48   TRP A C   1 
ATOM   377  O  O   . TRP A 1 48  ? -2.414  -0.980  0.394   1.00 9.30  ? 48   TRP A O   1 
ATOM   378  C  CB  . TRP A 1 48  ? -0.351  -2.295  -1.218  1.00 8.95  ? 48   TRP A CB  1 
ATOM   379  C  CG  . TRP A 1 48  ? 0.019   -1.244  -2.219  1.00 8.86  ? 48   TRP A CG  1 
ATOM   380  C  CD1 . TRP A 1 48  ? 1.255   -1.021  -2.759  1.00 8.75  ? 48   TRP A CD1 1 
ATOM   381  C  CD2 . TRP A 1 48  ? -0.851  -0.262  -2.793  1.00 8.84  ? 48   TRP A CD2 1 
ATOM   382  N  NE1 . TRP A 1 48  ? 1.207   0.039   -3.631  1.00 8.88  ? 48   TRP A NE1 1 
ATOM   383  C  CE2 . TRP A 1 48  ? -0.076  0.522   -3.675  1.00 8.77  ? 48   TRP A CE2 1 
ATOM   384  C  CE3 . TRP A 1 48  ? -2.216  0.026   -2.652  1.00 8.68  ? 48   TRP A CE3 1 
ATOM   385  C  CZ2 . TRP A 1 48  ? -0.616  1.585   -4.405  1.00 8.72  ? 48   TRP A CZ2 1 
ATOM   386  C  CZ3 . TRP A 1 48  ? -2.755  1.083   -3.380  1.00 8.71  ? 48   TRP A CZ3 1 
ATOM   387  C  CH2 . TRP A 1 48  ? -1.955  1.846   -4.249  1.00 8.61  ? 48   TRP A CH2 1 
ATOM   388  N  N   . VAL A 1 49  ? -0.746  0.274   1.249   1.00 8.97  ? 49   VAL A N   1 
ATOM   389  C  CA  . VAL A 1 49  ? -1.605  1.362   1.707   1.00 8.83  ? 49   VAL A CA  1 
ATOM   390  C  C   . VAL A 1 49  ? -1.281  2.647   0.958   1.00 8.94  ? 49   VAL A C   1 
ATOM   391  O  O   . VAL A 1 49  ? -0.116  3.019   0.820   1.00 9.02  ? 49   VAL A O   1 
ATOM   392  C  CB  . VAL A 1 49  ? -1.429  1.597   3.227   1.00 8.71  ? 49   VAL A CB  1 
ATOM   393  C  CG1 . VAL A 1 49  ? -2.355  2.703   3.713   1.00 8.76  ? 49   VAL A CG1 1 
ATOM   394  C  CG2 . VAL A 1 49  ? -1.690  0.305   3.995   1.00 8.64  ? 49   VAL A CG2 1 
ATOM   395  N  N   . LEU A 1 50  ? -2.323  3.333   0.502   1.00 9.22  ? 50   LEU A N   1 
ATOM   396  C  CA  . LEU A 1 50  ? -2.167  4.572   -0.247  1.00 9.47  ? 50   LEU A CA  1 
ATOM   397  C  C   . LEU A 1 50  ? -2.719  5.776   0.504   1.00 9.61  ? 50   LEU A C   1 
ATOM   398  O  O   . LEU A 1 50  ? -3.809  5.726   1.069   1.00 9.56  ? 50   LEU A O   1 
ATOM   399  C  CB  . LEU A 1 50  ? -2.874  4.454   -1.599  1.00 9.61  ? 50   LEU A CB  1 
ATOM   400  C  CG  . LEU A 1 50  ? -2.811  5.663   -2.535  1.00 9.73  ? 50   LEU A CG  1 
ATOM   401  C  CD1 . LEU A 1 50  ? -1.387  5.860   -3.027  1.00 10.01 ? 50   LEU A CD1 1 
ATOM   402  C  CD2 . LEU A 1 50  ? -3.755  5.458   -3.706  1.00 9.91  ? 50   LEU A CD2 1 
ATOM   403  N  N   . SER A 1 51  ? -1.953  6.860   0.486   1.00 9.79  ? 51   SER A N   1 
ATOM   404  C  CA  . SER A 1 51  ? -2.340  8.111   1.131   1.00 10.03 ? 51   SER A CA  1 
ATOM   405  C  C   . SER A 1 51  ? -1.553  9.224   0.457   1.00 10.25 ? 51   SER A C   1 
ATOM   406  O  O   . SER A 1 51  ? -0.715  8.967   -0.407  1.00 10.23 ? 51   SER A O   1 
ATOM   407  C  CB  . SER A 1 51  ? -2.001  8.086   2.628   1.00 9.96  ? 51   SER A CB  1 
ATOM   408  O  OG  . SER A 1 51  ? -0.614  8.285   2.860   1.00 9.88  ? 51   SER A OG  1 
ATOM   409  N  N   . THR A 1 52  ? -1.858  10.464  0.812   1.00 10.66 ? 52   THR A N   1 
ATOM   410  C  CA  . THR A 1 52  ? -1.115  11.588  0.262   1.00 10.99 ? 52   THR A CA  1 
ATOM   411  C  C   . THR A 1 52  ? 0.240   11.554  0.967   1.00 11.41 ? 52   THR A C   1 
ATOM   412  O  O   . THR A 1 52  ? 0.363   10.981  2.054   1.00 11.31 ? 52   THR A O   1 
ATOM   413  C  CB  . THR A 1 52  ? -1.803  12.929  0.574   1.00 10.93 ? 52   THR A CB  1 
ATOM   414  O  OG1 . THR A 1 52  ? -1.942  13.073  1.994   1.00 11.01 ? 52   THR A OG1 1 
ATOM   415  C  CG2 . THR A 1 52  ? -3.171  12.995  -0.084  1.00 10.93 ? 52   THR A CG2 1 
ATOM   416  N  N   . ALA A 1 53  ? 1.259   12.133  0.341   1.00 11.76 ? 53   ALA A N   1 
ATOM   417  C  CA  . ALA A 1 53  ? 2.589   12.167  0.940   1.00 12.26 ? 53   ALA A CA  1 
ATOM   418  C  C   . ALA A 1 53  ? 2.521   12.859  2.300   1.00 12.58 ? 53   ALA A C   1 
ATOM   419  O  O   . ALA A 1 53  ? 3.193   12.456  3.249   1.00 12.59 ? 53   ALA A O   1 
ATOM   420  C  CB  . ALA A 1 53  ? 3.562   12.893  0.024   1.00 12.36 ? 53   ALA A CB  1 
ATOM   421  N  N   . ALA A 1 54  ? 1.656   13.864  2.397   1.00 12.82 ? 54   ALA A N   1 
ATOM   422  C  CA  . ALA A 1 54  ? 1.478   14.627  3.628   1.00 13.13 ? 54   ALA A CA  1 
ATOM   423  C  C   . ALA A 1 54  ? 0.903   13.805  4.784   1.00 13.31 ? 54   ALA A C   1 
ATOM   424  O  O   . ALA A 1 54  ? 1.266   14.016  5.939   1.00 13.70 ? 54   ALA A O   1 
ATOM   425  C  CB  . ALA A 1 54  ? 0.603   15.843  3.363   1.00 13.19 ? 54   ALA A CB  1 
ATOM   426  N  N   . ASP A 1 55  ? 0.019   12.862  4.467   1.00 13.38 ? 55   ASP A N   1 
ATOM   427  C  CA  . ASP A 1 55  ? -0.612  12.026  5.485   1.00 13.38 ? 55   ASP A CA  1 
ATOM   428  C  C   . ASP A 1 55  ? 0.109   10.727  5.853   1.00 13.34 ? 55   ASP A C   1 
ATOM   429  O  O   . ASP A 1 55  ? -0.263  10.082  6.832   1.00 13.06 ? 55   ASP A O   1 
ATOM   430  C  CB  . ASP A 1 55  ? -2.042  11.656  5.065   1.00 13.62 ? 55   ASP A CB  1 
ATOM   431  C  CG  . ASP A 1 55  ? -3.004  12.831  5.133   1.00 13.83 ? 55   ASP A CG  1 
ATOM   432  O  OD1 . ASP A 1 55  ? -2.831  13.712  6.002   1.00 14.34 ? 55   ASP A OD1 1 
ATOM   433  O  OD2 . ASP A 1 55  ? -3.957  12.855  4.326   1.00 14.15 ? 55   ASP A OD2 1 
ATOM   434  N  N   A MET A 1 56  ? 1.141   10.367  5.091   0.51 13.36 ? 56   MET A N   1 
ATOM   435  N  N   B MET A 1 56  ? 1.141   10.368  5.092   0.49 13.36 ? 56   MET A N   1 
ATOM   436  C  CA  A MET A 1 56  ? 1.873   9.126   5.341   0.51 13.53 ? 56   MET A CA  1 
ATOM   437  C  CA  B MET A 1 56  ? 1.874   9.126   5.340   0.49 13.54 ? 56   MET A CA  1 
ATOM   438  C  C   A MET A 1 56  ? 2.360   8.906   6.768   0.51 13.65 ? 56   MET A C   1 
ATOM   439  C  C   B MET A 1 56  ? 2.359   8.905   6.769   0.49 13.66 ? 56   MET A C   1 
ATOM   440  O  O   A MET A 1 56  ? 2.055   7.875   7.369   0.51 13.55 ? 56   MET A O   1 
ATOM   441  O  O   B MET A 1 56  ? 2.055   7.875   7.369   0.49 13.56 ? 56   MET A O   1 
ATOM   442  C  CB  A MET A 1 56  ? 3.047   8.972   4.371   0.51 13.64 ? 56   MET A CB  1 
ATOM   443  C  CB  B MET A 1 56  ? 3.052   8.973   4.376   0.49 13.66 ? 56   MET A CB  1 
ATOM   444  C  CG  A MET A 1 56  ? 3.866   7.715   4.639   0.51 13.99 ? 56   MET A CG  1 
ATOM   445  C  CG  B MET A 1 56  ? 3.859   7.705   4.633   0.49 14.03 ? 56   MET A CG  1 
ATOM   446  S  SD  A MET A 1 56  ? 5.148   7.400   3.422   0.51 14.53 ? 56   MET A SD  1 
ATOM   447  S  SD  B MET A 1 56  ? 5.152   7.413   3.425   0.49 14.59 ? 56   MET A SD  1 
ATOM   448  C  CE  A MET A 1 56  ? 6.345   8.644   3.875   0.51 14.33 ? 56   MET A CE  1 
ATOM   449  C  CE  B MET A 1 56  ? 5.996   6.033   4.185   0.49 14.42 ? 56   MET A CE  1 
ATOM   450  N  N   . GLN A 1 57  ? 3.124   9.856   7.302   1.00 13.73 ? 57   GLN A N   1 
ATOM   451  C  CA  . GLN A 1 57  ? 3.656   9.737   8.662   1.00 14.13 ? 57   GLN A CA  1 
ATOM   452  C  C   . GLN A 1 57  ? 2.577   9.468   9.710   1.00 13.97 ? 57   GLN A C   1 
ATOM   453  O  O   . GLN A 1 57  ? 2.758   8.624   10.588  1.00 13.97 ? 57   GLN A O   1 
ATOM   454  C  CB  . GLN A 1 57  ? 4.469   10.976  9.039   1.00 14.83 ? 57   GLN A CB  1 
ATOM   455  C  CG  . GLN A 1 57  ? 5.321   10.808  10.297  1.00 16.28 ? 57   GLN A CG  1 
ATOM   456  C  CD  . GLN A 1 57  ? 6.368   9.708   10.166  1.00 16.95 ? 57   GLN A CD  1 
ATOM   457  O  OE1 . GLN A 1 57  ? 6.950   9.506   9.101   1.00 18.01 ? 57   GLN A OE1 1 
ATOM   458  N  NE2 . GLN A 1 57  ? 6.618   8.997   11.261  1.00 18.05 ? 57   GLN A NE2 1 
ATOM   459  N  N   . GLY A 1 58  ? 1.442   10.149  9.579   1.00 13.79 ? 58   GLY A N   1 
ATOM   460  C  CA  . GLY A 1 58  ? 0.346   9.960   10.512  1.00 13.76 ? 58   GLY A CA  1 
ATOM   461  C  C   . GLY A 1 58  ? -0.279  8.581   10.403  1.00 13.77 ? 58   GLY A C   1 
ATOM   462  O  O   . GLY A 1 58  ? -0.556  7.936   11.415  1.00 13.72 ? 58   GLY A O   1 
ATOM   463  N  N   . VAL A 1 59  ? -0.501  8.128   9.172   1.00 13.76 ? 59   VAL A N   1 
ATOM   464  C  CA  . VAL A 1 59  ? -1.093  6.815   8.927   1.00 13.86 ? 59   VAL A CA  1 
ATOM   465  C  C   . VAL A 1 59  ? -0.196  5.698   9.458   1.00 14.03 ? 59   VAL A C   1 
ATOM   466  O  O   . VAL A 1 59  ? -0.677  4.753   10.084  1.00 13.95 ? 59   VAL A O   1 
ATOM   467  C  CB  . VAL A 1 59  ? -1.360  6.597   7.418   1.00 13.71 ? 59   VAL A CB  1 
ATOM   468  C  CG1 . VAL A 1 59  ? -1.845  5.176   7.159   1.00 13.54 ? 59   VAL A CG1 1 
ATOM   469  C  CG2 . VAL A 1 59  ? -2.393  7.595   6.922   1.00 13.71 ? 59   VAL A CG2 1 
ATOM   470  N  N   . VAL A 1 60  ? 1.108   5.822   9.223   1.00 14.34 ? 60   VAL A N   1 
ATOM   471  C  CA  . VAL A 1 60  ? 2.074   4.823   9.676   1.00 14.64 ? 60   VAL A CA  1 
ATOM   472  C  C   . VAL A 1 60  ? 2.171   4.789   11.202  1.00 15.00 ? 60   VAL A C   1 
ATOM   473  O  O   . VAL A 1 60  ? 2.123   3.716   11.806  1.00 14.93 ? 60   VAL A O   1 
ATOM   474  C  CB  . VAL A 1 60  ? 3.477   5.080   9.063   1.00 14.60 ? 60   VAL A CB  1 
ATOM   475  C  CG1 . VAL A 1 60  ? 4.509   4.133   9.661   1.00 14.67 ? 60   VAL A CG1 1 
ATOM   476  C  CG2 . VAL A 1 60  ? 3.424   4.905   7.553   1.00 14.73 ? 60   VAL A CG2 1 
ATOM   477  N  N   . THR A 1 61  ? 2.270   5.966   11.816  1.00 15.47 ? 61   THR A N   1 
ATOM   478  C  CA  . THR A 1 61  ? 2.375   6.089   13.269  1.00 16.19 ? 61   THR A CA  1 
ATOM   479  C  C   . THR A 1 61  ? 1.182   5.469   13.993  1.00 16.57 ? 61   THR A C   1 
ATOM   480  O  O   . THR A 1 61  ? 1.354   4.602   14.852  1.00 16.59 ? 61   THR A O   1 
ATOM   481  C  CB  . THR A 1 61  ? 2.523   7.568   13.697  1.00 16.14 ? 61   THR A CB  1 
ATOM   482  O  OG1 . THR A 1 61  ? 3.740   8.098   13.161  1.00 16.47 ? 61   THR A OG1 1 
ATOM   483  C  CG2 . THR A 1 61  ? 2.551   7.700   15.216  1.00 16.32 ? 61   THR A CG2 1 
ATOM   484  N  N   . ASP A 1 62  ? -0.023  5.909   13.637  1.00 17.03 ? 62   ASP A N   1 
ATOM   485  C  CA  . ASP A 1 62  ? -1.238  5.392   14.257  1.00 17.63 ? 62   ASP A CA  1 
ATOM   486  C  C   . ASP A 1 62  ? -1.488  3.941   13.868  1.00 18.02 ? 62   ASP A C   1 
ATOM   487  O  O   . ASP A 1 62  ? -2.075  3.181   14.638  1.00 17.94 ? 62   ASP A O   1 
ATOM   488  C  CB  . ASP A 1 62  ? -2.446  6.250   13.878  1.00 17.75 ? 62   ASP A CB  1 
ATOM   489  C  CG  . ASP A 1 62  ? -2.340  7.669   14.402  1.00 17.86 ? 62   ASP A CG  1 
ATOM   490  O  OD1 . ASP A 1 62  ? -1.711  7.880   15.461  1.00 18.16 ? 62   ASP A OD1 1 
ATOM   491  O  OD2 . ASP A 1 62  ? -2.892  8.575   13.751  1.00 17.86 ? 62   ASP A OD2 1 
ATOM   492  N  N   . GLY A 1 63  ? -1.028  3.568   12.678  1.00 18.40 ? 63   GLY A N   1 
ATOM   493  C  CA  . GLY A 1 63  ? -1.203  2.209   12.202  1.00 19.26 ? 63   GLY A CA  1 
ATOM   494  C  C   . GLY A 1 63  ? -0.475  1.188   13.055  1.00 19.79 ? 63   GLY A C   1 
ATOM   495  O  O   . GLY A 1 63  ? -1.019  0.139   13.391  1.00 19.87 ? 63   GLY A O   1 
ATOM   496  N  N   . MET A 1 64  ? 0.754   1.513   13.437  1.00 20.47 ? 64   MET A N   1 
ATOM   497  C  CA  . MET A 1 64  ? 1.552   0.608   14.251  1.00 21.20 ? 64   MET A CA  1 
ATOM   498  C  C   . MET A 1 64  ? 0.981   0.372   15.642  1.00 21.33 ? 64   MET A C   1 
ATOM   499  O  O   . MET A 1 64  ? 1.124   -0.699  16.223  1.00 21.50 ? 64   MET A O   1 
ATOM   500  C  CB  . MET A 1 64  ? 2.981   1.128   14.361  1.00 21.90 ? 64   MET A CB  1 
ATOM   501  C  CG  . MET A 1 64  ? 3.794   0.414   15.414  1.00 22.79 ? 64   MET A CG  1 
ATOM   502  S  SD  . MET A 1 64  ? 4.852   1.575   16.242  1.00 24.26 ? 64   MET A SD  1 
ATOM   503  C  CE  . MET A 1 64  ? 6.197   1.535   15.143  1.00 23.80 ? 64   MET A CE  1 
ATOM   504  N  N   . ALA A 1 65  ? 0.350   1.420   16.208  1.00 21.27 ? 65   ALA A N   1 
ATOM   505  C  CA  . ALA A 1 65  ? -0.234  1.318   17.534  1.00 21.26 ? 65   ALA A CA  1 
ATOM   506  C  C   . ALA A 1 65  ? -1.576  0.582   17.530  1.00 21.22 ? 65   ALA A C   1 
ATOM   507  O  O   . ALA A 1 65  ? -2.130  0.286   18.589  1.00 21.24 ? 65   ALA A O   1 
ATOM   508  C  CB  . ALA A 1 65  ? -0.397  2.714   18.134  1.00 21.30 ? 65   ALA A CB  1 
ATOM   509  N  N   . SER A 1 66  ? -2.084  0.283   16.337  1.00 21.17 ? 66   SER A N   1 
ATOM   510  C  CA  . SER A 1 66  ? -3.367  -0.398  16.191  1.00 21.02 ? 66   SER A CA  1 
ATOM   511  C  C   . SER A 1 66  ? -3.321  -1.912  16.390  1.00 20.91 ? 66   SER A C   1 
ATOM   512  O  O   . SER A 1 66  ? -4.318  -2.511  16.795  1.00 20.96 ? 66   SER A O   1 
ATOM   513  C  CB  . SER A 1 66  ? -3.982  -0.065  14.831  1.00 21.07 ? 66   SER A CB  1 
ATOM   514  O  OG  . SER A 1 66  ? -4.193  1.331   14.697  1.00 21.15 ? 66   SER A OG  1 
ATOM   515  N  N   . GLY A 1 67  ? -2.183  -2.530  16.084  1.00 20.77 ? 67   GLY A N   1 
ATOM   516  C  CA  . GLY A 1 67  ? -2.054  -3.969  16.257  1.00 20.53 ? 67   GLY A CA  1 
ATOM   517  C  C   . GLY A 1 67  ? -2.304  -4.808  15.015  1.00 20.46 ? 67   GLY A C   1 
ATOM   518  O  O   . GLY A 1 67  ? -2.849  -4.328  14.021  1.00 20.35 ? 67   GLY A O   1 
ATOM   519  N  N   . LEU A 1 68  ? -1.902  -6.076  15.089  1.00 20.50 ? 68   LEU A N   1 
ATOM   520  C  CA  . LEU A 1 68  ? -2.053  -7.035  13.994  1.00 20.57 ? 68   LEU A CA  1 
ATOM   521  C  C   . LEU A 1 68  ? -3.510  -7.314  13.628  1.00 20.67 ? 68   LEU A C   1 
ATOM   522  O  O   . LEU A 1 68  ? -3.855  -7.401  12.449  1.00 20.60 ? 68   LEU A O   1 
ATOM   523  C  CB  . LEU A 1 68  ? -1.357  -8.350  14.361  1.00 20.67 ? 68   LEU A CB  1 
ATOM   524  C  CG  . LEU A 1 68  ? -1.451  -9.523  13.381  1.00 20.67 ? 68   LEU A CG  1 
ATOM   525  C  CD1 . LEU A 1 68  ? -0.705  -9.201  12.098  1.00 20.74 ? 68   LEU A CD1 1 
ATOM   526  C  CD2 . LEU A 1 68  ? -0.877  -10.771 14.028  1.00 20.73 ? 68   LEU A CD2 1 
ATOM   527  N  N   . ASP A 1 69  ? -4.355  -7.465  14.646  1.00 20.81 ? 69   ASP A N   1 
ATOM   528  C  CA  . ASP A 1 69  ? -5.778  -7.743  14.450  1.00 20.87 ? 69   ASP A CA  1 
ATOM   529  C  C   . ASP A 1 69  ? -6.514  -6.614  13.717  1.00 20.61 ? 69   ASP A C   1 
ATOM   530  O  O   . ASP A 1 69  ? -7.639  -6.807  13.247  1.00 20.69 ? 69   ASP A O   1 
ATOM   531  C  CB  . ASP A 1 69  ? -6.450  -8.039  15.797  1.00 21.50 ? 69   ASP A CB  1 
ATOM   532  C  CG  . ASP A 1 69  ? -6.450  -6.847  16.734  1.00 21.96 ? 69   ASP A CG  1 
ATOM   533  O  OD1 . ASP A 1 69  ? -5.433  -6.127  16.807  1.00 22.50 ? 69   ASP A OD1 1 
ATOM   534  O  OD2 . ASP A 1 69  ? -7.475  -6.623  17.404  1.00 22.44 ? 69   ASP A OD2 1 
ATOM   535  N  N   . LYS A 1 70  ? -5.888  -5.450  13.646  1.00 20.14 ? 70   LYS A N   1 
ATOM   536  C  CA  . LYS A 1 70  ? -6.453  -4.283  12.961  1.00 19.65 ? 70   LYS A CA  1 
ATOM   537  C  C   . LYS A 1 70  ? -5.710  -4.030  11.651  1.00 19.08 ? 70   LYS A C   1 
ATOM   538  O  O   . LYS A 1 70  ? -5.870  -2.974  11.034  1.00 18.92 ? 70   LYS A O   1 
ATOM   539  C  CB  . LYS A 1 70  ? -6.346  -3.035  13.848  1.00 19.99 ? 70   LYS A CB  1 
ATOM   540  C  CG  . LYS A 1 70  ? -7.259  -3.036  15.067  1.00 20.42 ? 70   LYS A CG  1 
ATOM   541  C  CD  . LYS A 1 70  ? -8.691  -2.694  14.692  1.00 21.07 ? 70   LYS A CD  1 
ATOM   542  C  CE  . LYS A 1 70  ? -9.628  -2.830  15.881  1.00 21.27 ? 70   LYS A CE  1 
ATOM   543  N  NZ  . LYS A 1 70  ? -10.346 -4.135  15.880  1.00 21.72 ? 70   LYS A NZ  1 
ATOM   544  N  N   . ASP A 1 71  ? -4.883  -4.993  11.240  1.00 18.50 ? 71   ASP A N   1 
ATOM   545  C  CA  . ASP A 1 71  ? -4.084  -4.885  10.018  1.00 17.92 ? 71   ASP A CA  1 
ATOM   546  C  C   . ASP A 1 71  ? -3.129  -3.697  10.074  1.00 17.56 ? 71   ASP A C   1 
ATOM   547  O  O   . ASP A 1 71  ? -2.758  -3.136  9.040   1.00 17.51 ? 71   ASP A O   1 
ATOM   548  C  CB  . ASP A 1 71  ? -4.982  -4.778  8.781   1.00 17.92 ? 71   ASP A CB  1 
ATOM   549  C  CG  . ASP A 1 71  ? -5.141  -6.100  8.056   1.00 17.92 ? 71   ASP A CG  1 
ATOM   550  O  OD1 . ASP A 1 71  ? -5.019  -7.165  8.699   1.00 18.12 ? 71   ASP A OD1 1 
ATOM   551  O  OD2 . ASP A 1 71  ? -5.381  -6.071  6.834   1.00 17.95 ? 71   ASP A OD2 1 
ATOM   552  N  N   . TYR A 1 72  ? -2.734  -3.329  11.290  1.00 17.13 ? 72   TYR A N   1 
ATOM   553  C  CA  . TYR A 1 72  ? -1.833  -2.208  11.527  1.00 16.85 ? 72   TYR A CA  1 
ATOM   554  C  C   . TYR A 1 72  ? -2.305  -0.924  10.853  1.00 16.83 ? 72   TYR A C   1 
ATOM   555  O  O   . TYR A 1 72  ? -1.532  -0.202  10.221  1.00 16.59 ? 72   TYR A O   1 
ATOM   556  C  CB  . TYR A 1 72  ? -0.400  -2.568  11.126  1.00 16.60 ? 72   TYR A CB  1 
ATOM   557  C  CG  . TYR A 1 72  ? 0.229   -3.573  12.064  1.00 16.29 ? 72   TYR A CG  1 
ATOM   558  C  CD1 . TYR A 1 72  ? 0.490   -3.242  13.393  1.00 16.07 ? 72   TYR A CD1 1 
ATOM   559  C  CD2 . TYR A 1 72  ? 0.550   -4.857  11.629  1.00 16.15 ? 72   TYR A CD2 1 
ATOM   560  C  CE1 . TYR A 1 72  ? 1.050   -4.166  14.269  1.00 16.05 ? 72   TYR A CE1 1 
ATOM   561  C  CE2 . TYR A 1 72  ? 1.113   -5.789  12.496  1.00 16.14 ? 72   TYR A CE2 1 
ATOM   562  C  CZ  . TYR A 1 72  ? 1.359   -5.435  13.815  1.00 16.05 ? 72   TYR A CZ  1 
ATOM   563  O  OH  . TYR A 1 72  ? 1.916   -6.350  14.679  1.00 16.08 ? 72   TYR A OH  1 
ATOM   564  N  N   . LEU A 1 73  ? -3.596  -0.657  11.011  1.00 16.92 ? 73   LEU A N   1 
ATOM   565  C  CA  . LEU A 1 73  ? -4.234  0.532   10.462  1.00 17.09 ? 73   LEU A CA  1 
ATOM   566  C  C   . LEU A 1 73  ? -5.211  1.059   11.490  1.00 17.41 ? 73   LEU A C   1 
ATOM   567  O  O   . LEU A 1 73  ? -5.879  0.294   12.185  1.00 17.36 ? 73   LEU A O   1 
ATOM   568  C  CB  . LEU A 1 73  ? -4.999  0.195   9.176   1.00 17.06 ? 73   LEU A CB  1 
ATOM   569  C  CG  . LEU A 1 73  ? -4.228  -0.170  7.906   1.00 16.92 ? 73   LEU A CG  1 
ATOM   570  C  CD1 . LEU A 1 73  ? -5.206  -0.582  6.815   1.00 16.90 ? 73   LEU A CD1 1 
ATOM   571  C  CD2 . LEU A 1 73  ? -3.387  1.011   7.452   1.00 16.92 ? 73   LEU A CD2 1 
ATOM   572  N  N   . LYS A 1 74  ? -5.266  2.388   11.622  1.00 17.75 ? 74   LYS A N   1 
ATOM   573  C  CA  . LYS A 1 74  ? -6.182  3.034   12.548  1.00 18.17 ? 74   LYS A CA  1 
ATOM   574  C  C   . LYS A 1 74  ? -7.583  2.864   11.967  1.00 18.23 ? 74   LYS A C   1 
ATOM   575  O  O   . LYS A 1 74  ? -7.833  3.248   10.825  1.00 18.17 ? 74   LYS A O   1 
ATOM   576  C  CB  . LYS A 1 74  ? -5.822  4.513   12.658  1.00 18.55 ? 74   LYS A CB  1 
ATOM   577  C  CG  . LYS A 1 74  ? -6.862  5.375   13.349  1.00 19.20 ? 74   LYS A CG  1 
ATOM   578  C  CD  . LYS A 1 74  ? -6.456  6.837   13.308  1.00 19.70 ? 74   LYS A CD  1 
ATOM   579  C  CE  . LYS A 1 74  ? -7.450  7.700   14.057  1.00 20.09 ? 74   LYS A CE  1 
ATOM   580  N  NZ  . LYS A 1 74  ? -7.041  9.131   14.075  1.00 20.64 ? 74   LYS A NZ  1 
ATOM   581  N  N   . PRO A 1 75  ? -8.500  2.239   12.726  1.00 18.35 ? 75   PRO A N   1 
ATOM   582  C  CA  . PRO A 1 75  ? -9.878  2.017   12.278  1.00 18.40 ? 75   PRO A CA  1 
ATOM   583  C  C   . PRO A 1 75  ? -10.543 3.253   11.697  1.00 18.39 ? 75   PRO A C   1 
ATOM   584  O  O   . PRO A 1 75  ? -10.544 4.318   12.314  1.00 18.59 ? 75   PRO A O   1 
ATOM   585  C  CB  . PRO A 1 75  ? -10.573 1.558   13.555  1.00 18.36 ? 75   PRO A CB  1 
ATOM   586  C  CG  . PRO A 1 75  ? -9.503  0.788   14.239  1.00 18.46 ? 75   PRO A CG  1 
ATOM   587  C  CD  . PRO A 1 75  ? -8.305  1.700   14.083  1.00 18.37 ? 75   PRO A CD  1 
ATOM   588  N  N   . ASP A 1 76  ? -11.064 3.106   10.479  1.00 18.33 ? 76   ASP A N   1 
ATOM   589  C  CA  . ASP A 1 76  ? -11.764 4.172   9.767   1.00 18.25 ? 76   ASP A CA  1 
ATOM   590  C  C   . ASP A 1 76  ? -10.908 5.403   9.454   1.00 17.88 ? 76   ASP A C   1 
ATOM   591  O  O   . ASP A 1 76  ? -11.439 6.501   9.274   1.00 17.90 ? 76   ASP A O   1 
ATOM   592  C  CB  . ASP A 1 76  ? -13.023 4.584   10.543  1.00 18.74 ? 76   ASP A CB  1 
ATOM   593  C  CG  . ASP A 1 76  ? -13.889 3.394   10.920  1.00 19.19 ? 76   ASP A CG  1 
ATOM   594  O  OD1 . ASP A 1 76  ? -14.191 3.227   12.117  1.00 19.86 ? 76   ASP A OD1 1 
ATOM   595  O  OD2 . ASP A 1 76  ? -14.256 2.608   10.025  1.00 19.53 ? 76   ASP A OD2 1 
ATOM   596  N  N   . ASP A 1 77  ? -9.595  5.208   9.362   1.00 17.42 ? 77   ASP A N   1 
ATOM   597  C  CA  . ASP A 1 77  ? -8.666  6.299   9.064   1.00 17.00 ? 77   ASP A CA  1 
ATOM   598  C  C   . ASP A 1 77  ? -9.003  6.914   7.705   1.00 16.74 ? 77   ASP A C   1 
ATOM   599  O  O   . ASP A 1 77  ? -8.769  6.304   6.660   1.00 16.75 ? 77   ASP A O   1 
ATOM   600  C  CB  . ASP A 1 77  ? -7.220  5.779   9.066   1.00 16.87 ? 77   ASP A CB  1 
ATOM   601  C  CG  . ASP A 1 77  ? -6.182  6.896   9.131   1.00 16.74 ? 77   ASP A CG  1 
ATOM   602  O  OD1 . ASP A 1 77  ? -6.505  8.065   8.831   1.00 16.77 ? 77   ASP A OD1 1 
ATOM   603  O  OD2 . ASP A 1 77  ? -5.024  6.593   9.485   1.00 16.98 ? 77   ASP A OD2 1 
ATOM   604  N  N   . SER A 1 78  ? -9.552  8.125   7.735   1.00 16.53 ? 78   SER A N   1 
ATOM   605  C  CA  . SER A 1 78  ? -9.944  8.842   6.522   1.00 16.20 ? 78   SER A CA  1 
ATOM   606  C  C   . SER A 1 78  ? -8.766  9.239   5.635   1.00 15.69 ? 78   SER A C   1 
ATOM   607  O  O   . SER A 1 78  ? -8.954  9.608   4.477   1.00 15.90 ? 78   SER A O   1 
ATOM   608  C  CB  . SER A 1 78  ? -10.760 10.088  6.883   1.00 16.42 ? 78   SER A CB  1 
ATOM   609  O  OG  . SER A 1 78  ? -9.987  11.007  7.640   1.00 17.26 ? 78   SER A OG  1 
ATOM   610  N  N   . ARG A 1 79  ? -7.555  9.178   6.183   1.00 15.09 ? 79   ARG A N   1 
ATOM   611  C  CA  . ARG A 1 79  ? -6.351  9.527   5.433   1.00 14.51 ? 79   ARG A CA  1 
ATOM   612  C  C   . ARG A 1 79  ? -5.965  8.435   4.441   1.00 14.03 ? 79   ARG A C   1 
ATOM   613  O  O   . ARG A 1 79  ? -5.205  8.680   3.504   1.00 13.90 ? 79   ARG A O   1 
ATOM   614  C  CB  . ARG A 1 79  ? -5.189  9.801   6.386   1.00 14.60 ? 79   ARG A CB  1 
ATOM   615  C  CG  . ARG A 1 79  ? -5.392  11.013  7.278   1.00 14.75 ? 79   ARG A CG  1 
ATOM   616  C  CD  . ARG A 1 79  ? -4.305  11.106  8.332   1.00 14.87 ? 79   ARG A CD  1 
ATOM   617  N  NE  . ARG A 1 79  ? -4.315  9.948   9.222   1.00 15.04 ? 79   ARG A NE  1 
ATOM   618  C  CZ  . ARG A 1 79  ? -3.662  9.879   10.377  1.00 15.13 ? 79   ARG A CZ  1 
ATOM   619  N  NH1 . ARG A 1 79  ? -2.933  10.905  10.798  1.00 15.25 ? 79   ARG A NH1 1 
ATOM   620  N  NH2 . ARG A 1 79  ? -3.737  8.779   11.112  1.00 15.19 ? 79   ARG A NH2 1 
ATOM   621  N  N   . VAL A 1 80  ? -6.471  7.226   4.666   1.00 13.50 ? 80   VAL A N   1 
ATOM   622  C  CA  . VAL A 1 80  ? -6.194  6.103   3.777   1.00 12.99 ? 80   VAL A CA  1 
ATOM   623  C  C   . VAL A 1 80  ? -7.137  6.184   2.580   1.00 12.64 ? 80   VAL A C   1 
ATOM   624  O  O   . VAL A 1 80  ? -8.358  6.201   2.740   1.00 12.63 ? 80   VAL A O   1 
ATOM   625  C  CB  . VAL A 1 80  ? -6.376  4.746   4.500   1.00 12.97 ? 80   VAL A CB  1 
ATOM   626  C  CG1 . VAL A 1 80  ? -6.189  3.590   3.524   1.00 13.02 ? 80   VAL A CG1 1 
ATOM   627  C  CG2 . VAL A 1 80  ? -5.381  4.625   5.645   1.00 12.88 ? 80   VAL A CG2 1 
ATOM   628  N  N   . ILE A 1 81  ? -6.558  6.279   1.388   1.00 12.19 ? 81   ILE A N   1 
ATOM   629  C  CA  . ILE A 1 81  ? -7.330  6.370   0.150   1.00 11.95 ? 81   ILE A CA  1 
ATOM   630  C  C   . ILE A 1 81  ? -7.797  4.985   -0.292  1.00 11.86 ? 81   ILE A C   1 
ATOM   631  O  O   . ILE A 1 81  ? -8.947  4.805   -0.695  1.00 11.98 ? 81   ILE A O   1 
ATOM   632  C  CB  . ILE A 1 81  ? -6.491  7.020   -0.976  1.00 11.96 ? 81   ILE A CB  1 
ATOM   633  C  CG1 . ILE A 1 81  ? -6.070  8.434   -0.563  1.00 12.03 ? 81   ILE A CG1 1 
ATOM   634  C  CG2 . ILE A 1 81  ? -7.289  7.062   -2.275  1.00 11.91 ? 81   ILE A CG2 1 
ATOM   635  C  CD1 . ILE A 1 81  ? -5.059  9.070   -1.492  1.00 12.20 ? 81   ILE A CD1 1 
ATOM   636  N  N   . ALA A 1 82  ? -6.890  4.017   -0.212  1.00 11.60 ? 82   ALA A N   1 
ATOM   637  C  CA  . ALA A 1 82  ? -7.169  2.633   -0.587  1.00 11.57 ? 82   ALA A CA  1 
ATOM   638  C  C   . ALA A 1 82  ? -6.106  1.754   0.052   1.00 11.49 ? 82   ALA A C   1 
ATOM   639  O  O   . ALA A 1 82  ? -5.026  2.237   0.402   1.00 11.31 ? 82   ALA A O   1 
ATOM   640  C  CB  . ALA A 1 82  ? -7.139  2.477   -2.103  1.00 11.40 ? 82   ALA A CB  1 
ATOM   641  N  N   . HIS A 1 83  ? -6.403  0.468   0.191   1.00 11.55 ? 83   HIS A N   1 
ATOM   642  C  CA  . HIS A 1 83  ? -5.460  -0.460  0.803   1.00 11.52 ? 83   HIS A CA  1 
ATOM   643  C  C   . HIS A 1 83  ? -5.826  -1.919  0.577   1.00 11.58 ? 83   HIS A C   1 
ATOM   644  O  O   . HIS A 1 83  ? -7.000  -2.264  0.425   1.00 11.49 ? 83   HIS A O   1 
ATOM   645  C  CB  . HIS A 1 83  ? -5.396  -0.223  2.319   1.00 11.65 ? 83   HIS A CB  1 
ATOM   646  C  CG  . HIS A 1 83  ? -6.645  -0.626  3.047   1.00 11.84 ? 83   HIS A CG  1 
ATOM   647  N  ND1 . HIS A 1 83  ? -6.797  -1.868  3.628   1.00 12.12 ? 83   HIS A ND1 1 
ATOM   648  C  CD2 . HIS A 1 83  ? -7.807  0.033   3.260   1.00 11.97 ? 83   HIS A CD2 1 
ATOM   649  C  CE1 . HIS A 1 83  ? -8.004  -1.956  4.162   1.00 11.99 ? 83   HIS A CE1 1 
ATOM   650  N  NE2 . HIS A 1 83  ? -8.638  -0.817  3.954   1.00 12.02 ? 83   HIS A NE2 1 
ATOM   651  N  N   . THR A 1 84  ? -4.805  -2.768  0.537   1.00 11.66 ? 84   THR A N   1 
ATOM   652  C  CA  . THR A 1 84  ? -5.005  -4.206  0.410   1.00 11.75 ? 84   THR A CA  1 
ATOM   653  C  C   . THR A 1 84  ? -4.996  -4.679  1.862   1.00 12.11 ? 84   THR A C   1 
ATOM   654  O  O   . THR A 1 84  ? -4.782  -3.880  2.777   1.00 12.07 ? 84   THR A O   1 
ATOM   655  C  CB  . THR A 1 84  ? -3.821  -4.900  -0.307  1.00 11.51 ? 84   THR A CB  1 
ATOM   656  O  OG1 . THR A 1 84  ? -2.632  -4.757  0.483   1.00 11.37 ? 84   THR A OG1 1 
ATOM   657  C  CG2 . THR A 1 84  ? -3.589  -4.308  -1.686  1.00 11.49 ? 84   THR A CG2 1 
ATOM   658  N  N   . LYS A 1 85  ? -5.236  -5.965  2.089   1.00 12.56 ? 85   LYS A N   1 
ATOM   659  C  CA  . LYS A 1 85  ? -5.193  -6.476  3.452   1.00 13.11 ? 85   LYS A CA  1 
ATOM   660  C  C   . LYS A 1 85  ? -3.738  -6.851  3.739   1.00 13.10 ? 85   LYS A C   1 
ATOM   661  O  O   . LYS A 1 85  ? -2.904  -6.871  2.828   1.00 12.94 ? 85   LYS A O   1 
ATOM   662  C  CB  . LYS A 1 85  ? -6.109  -7.695  3.610   1.00 13.97 ? 85   LYS A CB  1 
ATOM   663  C  CG  . LYS A 1 85  ? -5.531  -8.996  3.085   1.00 14.85 ? 85   LYS A CG  1 
ATOM   664  C  CD  . LYS A 1 85  ? -6.626  -9.976  2.715   1.00 15.67 ? 85   LYS A CD  1 
ATOM   665  C  CE  . LYS A 1 85  ? -6.057  -11.163 1.958   1.00 16.22 ? 85   LYS A CE  1 
ATOM   666  N  NZ  . LYS A 1 85  ? -5.192  -12.017 2.809   1.00 16.96 ? 85   LYS A NZ  1 
ATOM   667  N  N   . LEU A 1 86  ? -3.423  -7.091  5.008   1.00 13.12 ? 86   LEU A N   1 
ATOM   668  C  CA  . LEU A 1 86  ? -2.072  -7.479  5.392   1.00 13.22 ? 86   LEU A CA  1 
ATOM   669  C  C   . LEU A 1 86  ? -1.917  -8.954  5.035   1.00 13.30 ? 86   LEU A C   1 
ATOM   670  O  O   . LEU A 1 86  ? -2.728  -9.786  5.447   1.00 13.72 ? 86   LEU A O   1 
ATOM   671  C  CB  . LEU A 1 86  ? -1.867  -7.284  6.894   1.00 13.18 ? 86   LEU A CB  1 
ATOM   672  C  CG  . LEU A 1 86  ? -0.437  -7.406  7.425   1.00 13.09 ? 86   LEU A CG  1 
ATOM   673  C  CD1 . LEU A 1 86  ? 0.335   -6.133  7.119   1.00 13.18 ? 86   LEU A CD1 1 
ATOM   674  C  CD2 . LEU A 1 86  ? -0.472  -7.642  8.920   1.00 13.12 ? 86   LEU A CD2 1 
ATOM   675  N  N   . ILE A 1 87  ? -0.891  -9.271  4.253   1.00 13.22 ? 87   ILE A N   1 
ATOM   676  C  CA  . ILE A 1 87  ? -0.663  -10.648 3.832   1.00 13.18 ? 87   ILE A CA  1 
ATOM   677  C  C   . ILE A 1 87  ? 0.704   -11.196 4.227   1.00 13.17 ? 87   ILE A C   1 
ATOM   678  O  O   . ILE A 1 87  ? 1.653   -10.443 4.454   1.00 13.08 ? 87   ILE A O   1 
ATOM   679  C  CB  . ILE A 1 87  ? -0.838  -10.813 2.302   1.00 13.22 ? 87   ILE A CB  1 
ATOM   680  C  CG1 . ILE A 1 87  ? 0.223   -10.006 1.548   1.00 13.10 ? 87   ILE A CG1 1 
ATOM   681  C  CG2 . ILE A 1 87  ? -2.237  -10.386 1.883   1.00 13.34 ? 87   ILE A CG2 1 
ATOM   682  C  CD1 . ILE A 1 87  ? 0.247   -10.271 0.062   1.00 13.16 ? 87   ILE A CD1 1 
ATOM   683  N  N   . GLY A 1 88  ? 0.776   -12.520 4.323   1.00 13.22 ? 88   GLY A N   1 
ATOM   684  C  CA  . GLY A 1 88  ? 2.015   -13.189 4.666   1.00 13.37 ? 88   GLY A CA  1 
ATOM   685  C  C   . GLY A 1 88  ? 2.437   -14.102 3.531   1.00 13.47 ? 88   GLY A C   1 
ATOM   686  O  O   . GLY A 1 88  ? 1.856   -14.062 2.445   1.00 13.30 ? 88   GLY A O   1 
ATOM   687  N  N   . SER A 1 89  ? 3.448   -14.925 3.785   1.00 13.73 ? 89   SER A N   1 
ATOM   688  C  CA  . SER A 1 89  ? 3.978   -15.865 2.798   1.00 14.01 ? 89   SER A CA  1 
ATOM   689  C  C   . SER A 1 89  ? 2.917   -16.663 2.039   1.00 14.11 ? 89   SER A C   1 
ATOM   690  O  O   . SER A 1 89  ? 2.003   -17.232 2.637   1.00 14.36 ? 89   SER A O   1 
ATOM   691  C  CB  . SER A 1 89  ? 4.937   -16.838 3.482   1.00 14.10 ? 89   SER A CB  1 
ATOM   692  O  OG  . SER A 1 89  ? 5.329   -17.878 2.603   1.00 14.40 ? 89   SER A OG  1 
ATOM   693  N  N   . GLY A 1 90  ? 3.057   -16.696 0.717   1.00 14.36 ? 90   GLY A N   1 
ATOM   694  C  CA  . GLY A 1 90  ? 2.135   -17.442 -0.124  1.00 14.57 ? 90   GLY A CA  1 
ATOM   695  C  C   . GLY A 1 90  ? 0.763   -16.860 -0.369  1.00 14.75 ? 90   GLY A C   1 
ATOM   696  O  O   . GLY A 1 90  ? -0.039  -17.421 -1.106  1.00 14.87 ? 90   GLY A O   1 
ATOM   697  N  N   A GLU A 1 91  ? 0.471   -15.710 0.260   0.50 14.81 ? 91   GLU A N   1 
ATOM   698  N  N   B GLU A 1 91  ? 0.485   -15.711 0.271   0.47 14.81 ? 91   GLU A N   1 
ATOM   699  C  CA  A GLU A 1 91  ? -0.821  -15.067 0.096   0.50 14.86 ? 91   GLU A CA  1 
ATOM   700  C  CA  B GLU A 1 91  ? -0.801  -15.040 0.123   0.47 14.87 ? 91   GLU A CA  1 
ATOM   701  C  C   A GLU A 1 91  ? -0.770  -13.950 -0.953  0.50 14.82 ? 91   GLU A C   1 
ATOM   702  C  C   B GLU A 1 91  ? -0.753  -13.955 -0.954  0.47 14.83 ? 91   GLU A C   1 
ATOM   703  O  O   A GLU A 1 91  ? 0.308   -13.533 -1.365  0.50 14.72 ? 91   GLU A O   1 
ATOM   704  O  O   B GLU A 1 91  ? 0.325   -13.583 -1.428  0.47 14.71 ? 91   GLU A O   1 
ATOM   705  C  CB  A GLU A 1 91  ? -1.314  -14.503 1.432   0.50 15.00 ? 91   GLU A CB  1 
ATOM   706  C  CB  B GLU A 1 91  ? -1.226  -14.410 1.450   0.47 15.03 ? 91   GLU A CB  1 
ATOM   707  C  CG  A GLU A 1 91  ? -1.514  -15.557 2.508   0.50 15.24 ? 91   GLU A CG  1 
ATOM   708  C  CG  B GLU A 1 91  ? -1.401  -15.391 2.602   0.47 15.31 ? 91   GLU A CG  1 
ATOM   709  C  CD  A GLU A 1 91  ? -2.088  -14.982 3.788   0.50 15.45 ? 91   GLU A CD  1 
ATOM   710  C  CD  B GLU A 1 91  ? -1.888  -14.730 3.874   0.47 15.54 ? 91   GLU A CD  1 
ATOM   711  O  OE1 A GLU A 1 91  ? -1.837  -13.794 4.090   0.50 15.62 ? 91   GLU A OE1 1 
ATOM   712  O  OE1 B GLU A 1 91  ? -1.106  -14.683 4.845   0.47 15.77 ? 91   GLU A OE1 1 
ATOM   713  O  OE2 A GLU A 1 91  ? -2.798  -15.726 4.495   0.50 15.68 ? 91   GLU A OE2 1 
ATOM   714  O  OE2 B GLU A 1 91  ? -3.050  -14.271 3.903   0.47 15.81 ? 91   GLU A OE2 1 
ATOM   715  N  N   . LYS A 1 92  ? -1.936  -13.479 -1.341  1.00 14.83 ? 92   LYS A N   1 
ATOM   716  C  CA  . LYS A 1 92  ? -2.054  -12.420 -2.352  1.00 14.85 ? 92   LYS A CA  1 
ATOM   717  C  C   . LYS A 1 92  ? -3.371  -11.695 -2.125  1.00 14.67 ? 92   LYS A C   1 
ATOM   718  O  O   . LYS A 1 92  ? -4.303  -12.251 -1.547  1.00 14.61 ? 92   LYS A O   1 
ATOM   719  C  CB  . LYS A 1 92  ? -2.007  -12.997 -3.771  1.00 15.27 ? 92   LYS A CB  1 
ATOM   720  C  CG  . LYS A 1 92  ? -3.153  -13.926 -4.119  1.00 15.85 ? 92   LYS A CG  1 
ATOM   721  C  CD  . LYS A 1 92  ? -3.090  -14.364 -5.568  1.00 16.41 ? 92   LYS A CD  1 
ATOM   722  C  CE  . LYS A 1 92  ? -4.289  -15.227 -5.923  1.00 16.81 ? 92   LYS A CE  1 
ATOM   723  N  NZ  . LYS A 1 92  ? -4.322  -15.562 -7.373  1.00 17.53 ? 92   LYS A NZ  1 
ATOM   724  N  N   . ASP A 1 93  ? -3.416  -10.433 -2.530  1.00 14.33 ? 93   ASP A N   1 
ATOM   725  C  CA  . ASP A 1 93  ? -4.625  -9.636  -2.386  1.00 14.25 ? 93   ASP A CA  1 
ATOM   726  C  C   . ASP A 1 93  ? -4.594  -8.464  -3.348  1.00 14.06 ? 93   ASP A C   1 
ATOM   727  O  O   . ASP A 1 93  ? -3.533  -7.903  -3.632  1.00 14.05 ? 93   ASP A O   1 
ATOM   728  C  CB  . ASP A 1 93  ? -4.794  -9.129  -0.948  1.00 14.42 ? 93   ASP A CB  1 
ATOM   729  C  CG  . ASP A 1 93  ? -6.166  -8.510  -0.703  1.00 14.66 ? 93   ASP A CG  1 
ATOM   730  O  OD1 . ASP A 1 93  ? -7.183  -9.149  -1.051  1.00 14.76 ? 93   ASP A OD1 1 
ATOM   731  O  OD2 . ASP A 1 93  ? -6.232  -7.388  -0.164  1.00 14.80 ? 93   ASP A OD2 1 
ATOM   732  N  N   . SER A 1 94  ? -5.767  -8.102  -3.851  1.00 13.74 ? 94   SER A N   1 
ATOM   733  C  CA  . SER A 1 94  ? -5.886  -7.004  -4.793  1.00 13.48 ? 94   SER A CA  1 
ATOM   734  C  C   . SER A 1 94  ? -6.838  -5.930  -4.300  1.00 13.30 ? 94   SER A C   1 
ATOM   735  O  O   . SER A 1 94  ? -7.738  -6.195  -3.502  1.00 13.56 ? 94   SER A O   1 
ATOM   736  C  CB  . SER A 1 94  ? -6.376  -7.523  -6.146  1.00 13.52 ? 94   SER A CB  1 
ATOM   737  O  OG  . SER A 1 94  ? -5.491  -8.497  -6.668  1.00 13.56 ? 94   SER A OG  1 
ATOM   738  N  N   . VAL A 1 95  ? -6.615  -4.710  -4.773  1.00 13.08 ? 95   VAL A N   1 
ATOM   739  C  CA  . VAL A 1 95  ? -7.462  -3.580  -4.427  1.00 12.83 ? 95   VAL A CA  1 
ATOM   740  C  C   . VAL A 1 95  ? -7.638  -2.697  -5.656  1.00 12.80 ? 95   VAL A C   1 
ATOM   741  O  O   . VAL A 1 95  ? -6.684  -2.420  -6.387  1.00 12.60 ? 95   VAL A O   1 
ATOM   742  C  CB  . VAL A 1 95  ? -6.891  -2.740  -3.244  1.00 12.68 ? 95   VAL A CB  1 
ATOM   743  C  CG1 . VAL A 1 95  ? -5.559  -2.099  -3.620  1.00 12.61 ? 95   VAL A CG1 1 
ATOM   744  C  CG2 . VAL A 1 95  ? -7.901  -1.676  -2.820  1.00 12.67 ? 95   VAL A CG2 1 
ATOM   745  N  N   . THR A 1 96  ? -8.888  -2.340  -5.923  1.00 12.90 ? 96   THR A N   1 
ATOM   746  C  CA  . THR A 1 96  ? -9.227  -1.481  -7.045  1.00 13.25 ? 96   THR A CA  1 
ATOM   747  C  C   . THR A 1 96  ? -9.875  -0.234  -6.461  1.00 13.41 ? 96   THR A C   1 
ATOM   748  O  O   . THR A 1 96  ? -10.696 -0.326  -5.548  1.00 13.70 ? 96   THR A O   1 
ATOM   749  C  CB  . THR A 1 96  ? -10.225 -2.166  -8.006  1.00 13.21 ? 96   THR A CB  1 
ATOM   750  O  OG1 . THR A 1 96  ? -9.666  -3.394  -8.484  1.00 13.48 ? 96   THR A OG1 1 
ATOM   751  C  CG2 . THR A 1 96  ? -10.526 -1.269  -9.195  1.00 13.45 ? 96   THR A CG2 1 
ATOM   752  N  N   . PHE A 1 97  ? -9.466  0.930   -6.951  1.00 13.61 ? 97   PHE A N   1 
ATOM   753  C  CA  . PHE A 1 97  ? -10.023 2.190   -6.474  1.00 13.74 ? 97   PHE A CA  1 
ATOM   754  C  C   . PHE A 1 97  ? -10.271 3.140   -7.630  1.00 13.98 ? 97   PHE A C   1 
ATOM   755  O  O   . PHE A 1 97  ? -9.654  3.014   -8.692  1.00 13.84 ? 97   PHE A O   1 
ATOM   756  C  CB  . PHE A 1 97  ? -9.103  2.842   -5.424  1.00 13.70 ? 97   PHE A CB  1 
ATOM   757  C  CG  . PHE A 1 97  ? -7.724  3.179   -5.932  1.00 13.43 ? 97   PHE A CG  1 
ATOM   758  C  CD1 . PHE A 1 97  ? -6.699  2.241   -5.868  1.00 13.33 ? 97   PHE A CD1 1 
ATOM   759  C  CD2 . PHE A 1 97  ? -7.450  4.434   -6.467  1.00 13.41 ? 97   PHE A CD2 1 
ATOM   760  C  CE1 . PHE A 1 97  ? -5.421  2.548   -6.329  1.00 13.37 ? 97   PHE A CE1 1 
ATOM   761  C  CE2 . PHE A 1 97  ? -6.176  4.750   -6.932  1.00 13.34 ? 97   PHE A CE2 1 
ATOM   762  C  CZ  . PHE A 1 97  ? -5.159  3.803   -6.862  1.00 13.31 ? 97   PHE A CZ  1 
ATOM   763  N  N   A ASP A 1 98  ? -11.190 4.082   -7.433  0.49 14.28 ? 98   ASP A N   1 
ATOM   764  N  N   B ASP A 1 98  ? -11.185 4.076   -7.425  0.42 14.21 ? 98   ASP A N   1 
ATOM   765  C  CA  A ASP A 1 98  ? -11.520 5.067   -8.457  0.49 14.60 ? 98   ASP A CA  1 
ATOM   766  C  CA  B ASP A 1 98  ? -11.490 5.043   -8.456  0.42 14.50 ? 98   ASP A CA  1 
ATOM   767  C  C   A ASP A 1 98  ? -10.387 6.075   -8.596  0.49 14.66 ? 98   ASP A C   1 
ATOM   768  C  C   B ASP A 1 98  ? -10.359 6.049   -8.586  0.42 14.60 ? 98   ASP A C   1 
ATOM   769  O  O   A ASP A 1 98  ? -9.933  6.651   -7.607  0.49 14.67 ? 98   ASP A O   1 
ATOM   770  O  O   B ASP A 1 98  ? -9.927  6.651   -7.603  0.42 14.60 ? 98   ASP A O   1 
ATOM   771  C  CB  A ASP A 1 98  ? -12.825 5.791   -8.111  0.49 14.98 ? 98   ASP A CB  1 
ATOM   772  C  CB  B ASP A 1 98  ? -12.756 5.757   -8.079  0.42 14.77 ? 98   ASP A CB  1 
ATOM   773  C  CG  A ASP A 1 98  ? -14.029 4.863   -8.097  0.49 15.33 ? 98   ASP A CG  1 
ATOM   774  C  CG  B ASP A 1 98  ? -13.259 6.675   -9.158  0.42 15.02 ? 98   ASP A CG  1 
ATOM   775  O  OD1 A ASP A 1 98  ? -15.030 5.199   -7.441  0.49 15.59 ? 98   ASP A OD1 1 
ATOM   776  O  OD1 B ASP A 1 98  ? -14.467 6.825   -9.273  0.42 15.39 ? 98   ASP A OD1 1 
ATOM   777  O  OD2 A ASP A 1 98  ? -13.989 3.799   -8.746  0.49 15.64 ? 98   ASP A OD2 1 
ATOM   778  O  OD2 B ASP A 1 98  ? -12.406 7.227   -9.919  0.42 15.33 ? 98   ASP A OD2 1 
ATOM   779  N  N   . VAL A 1 99  ? -9.926  6.270   -9.825  1.00 14.79 ? 99   VAL A N   1 
ATOM   780  C  CA  . VAL A 1 99  ? -8.846  7.212   -10.116 1.00 15.00 ? 99   VAL A CA  1 
ATOM   781  C  C   . VAL A 1 99  ? -9.254  8.652   -9.779  1.00 15.19 ? 99   VAL A C   1 
ATOM   782  O  O   . VAL A 1 99  ? -8.397  9.508   -9.540  1.00 15.22 ? 99   VAL A O   1 
ATOM   783  C  CB  . VAL A 1 99  ? -8.394  7.088   -11.590 1.00 15.06 ? 99   VAL A CB  1 
ATOM   784  C  CG1 . VAL A 1 99  ? -7.389  8.170   -11.939 1.00 15.22 ? 99   VAL A CG1 1 
ATOM   785  C  CG2 . VAL A 1 99  ? -7.769  5.720   -11.819 1.00 15.19 ? 99   VAL A CG2 1 
ATOM   786  N  N   . SER A 1 100 ? -10.559 8.899   -9.704  1.00 15.41 ? 100  SER A N   1 
ATOM   787  C  CA  . SER A 1 100 ? -11.078 10.222  -9.367  1.00 15.65 ? 100  SER A CA  1 
ATOM   788  C  C   . SER A 1 100 ? -10.795 10.582  -7.916  1.00 15.68 ? 100  SER A C   1 
ATOM   789  O  O   . SER A 1 100 ? -11.030 11.713  -7.505  1.00 15.68 ? 100  SER A O   1 
ATOM   790  C  CB  . SER A 1 100 ? -12.580 10.349  -9.680  1.00 15.75 ? 100  SER A CB  1 
ATOM   791  O  OG  . SER A 1 100 ? -13.377 9.416   -8.952  1.00 16.44 ? 100  SER A OG  1 
ATOM   792  N  N   . LYS A 1 101 ? -10.292 9.618   -7.145  1.00 15.66 ? 101  LYS A N   1 
ATOM   793  C  CA  . LYS A 1 101 ? -9.930  9.865   -5.752  1.00 15.72 ? 101  LYS A CA  1 
ATOM   794  C  C   . LYS A 1 101 ? -8.539  10.499  -5.702  1.00 15.51 ? 101  LYS A C   1 
ATOM   795  O  O   . LYS A 1 101 ? -8.032  10.828  -4.629  1.00 15.42 ? 101  LYS A O   1 
ATOM   796  C  CB  . LYS A 1 101 ? -9.943  8.568   -4.938  1.00 16.15 ? 101  LYS A CB  1 
ATOM   797  C  CG  . LYS A 1 101 ? -11.338 8.041   -4.650  1.00 16.68 ? 101  LYS A CG  1 
ATOM   798  C  CD  . LYS A 1 101 ? -11.308 6.899   -3.649  1.00 17.21 ? 101  LYS A CD  1 
ATOM   799  C  CE  . LYS A 1 101 ? -12.715 6.472   -3.269  1.00 17.56 ? 101  LYS A CE  1 
ATOM   800  N  NZ  . LYS A 1 101 ? -13.491 6.007   -4.447  1.00 18.14 ? 101  LYS A NZ  1 
ATOM   801  N  N   . LEU A 1 102 ? -7.931  10.662  -6.875  1.00 15.38 ? 102  LEU A N   1 
ATOM   802  C  CA  . LEU A 1 102 ? -6.606  11.258  -6.999  1.00 15.26 ? 102  LEU A CA  1 
ATOM   803  C  C   . LEU A 1 102 ? -6.687  12.520  -7.852  1.00 15.32 ? 102  LEU A C   1 
ATOM   804  O  O   . LEU A 1 102 ? -7.618  12.690  -8.643  1.00 15.19 ? 102  LEU A O   1 
ATOM   805  C  CB  . LEU A 1 102 ? -5.641  10.274  -7.669  1.00 15.26 ? 102  LEU A CB  1 
ATOM   806  C  CG  . LEU A 1 102 ? -5.507  8.853   -7.120  1.00 15.16 ? 102  LEU A CG  1 
ATOM   807  C  CD1 . LEU A 1 102 ? -4.561  8.069   -8.012  1.00 15.21 ? 102  LEU A CD1 1 
ATOM   808  C  CD2 . LEU A 1 102 ? -5.001  8.871   -5.688  1.00 15.12 ? 102  LEU A CD2 1 
ATOM   809  N  N   . LYS A 1 103 ? -5.702  13.399  -7.694  1.00 15.39 ? 103  LYS A N   1 
ATOM   810  C  CA  . LYS A 1 103 ? -5.654  14.635  -8.464  1.00 15.61 ? 103  LYS A CA  1 
ATOM   811  C  C   . LYS A 1 103 ? -4.236  14.967  -8.898  1.00 15.97 ? 103  LYS A C   1 
ATOM   812  O  O   . LYS A 1 103 ? -3.263  14.538  -8.270  1.00 15.76 ? 103  LYS A O   1 
ATOM   813  C  CB  . LYS A 1 103 ? -6.245  15.805  -7.661  1.00 15.46 ? 103  LYS A CB  1 
ATOM   814  C  CG  . LYS A 1 103 ? -5.390  16.288  -6.495  1.00 15.34 ? 103  LYS A CG  1 
ATOM   815  C  CD  . LYS A 1 103 ? -6.048  17.463  -5.790  1.00 15.30 ? 103  LYS A CD  1 
ATOM   816  C  CE  . LYS A 1 103 ? -5.155  18.019  -4.693  1.00 15.33 ? 103  LYS A CE  1 
ATOM   817  N  NZ  . LYS A 1 103 ? -5.807  19.133  -3.948  1.00 15.57 ? 103  LYS A NZ  1 
ATOM   818  N  N   . GLU A 1 104 ? -4.118  15.708  -9.995  1.00 16.50 ? 104  GLU A N   1 
ATOM   819  C  CA  . GLU A 1 104 ? -2.828  16.119  -10.523 1.00 17.09 ? 104  GLU A CA  1 
ATOM   820  C  C   . GLU A 1 104 ? -2.211  17.189  -9.619  1.00 17.12 ? 104  GLU A C   1 
ATOM   821  O  O   . GLU A 1 104 ? -2.930  18.007  -9.050  1.00 17.14 ? 104  GLU A O   1 
ATOM   822  C  CB  . GLU A 1 104 ? -2.978  16.706  -11.922 1.00 17.90 ? 104  GLU A CB  1 
ATOM   823  C  CG  . GLU A 1 104 ? -3.506  15.742  -12.961 1.00 19.10 ? 104  GLU A CG  1 
ATOM   824  C  CD  . GLU A 1 104 ? -3.354  16.276  -14.374 1.00 19.69 ? 104  GLU A CD  1 
ATOM   825  O  OE1 . GLU A 1 104 ? -3.991  17.299  -14.707 1.00 20.31 ? 104  GLU A OE1 1 
ATOM   826  O  OE2 . GLU A 1 104 ? -2.579  15.679  -15.150 1.00 20.26 ? 104  GLU A OE2 1 
ATOM   827  N  N   . GLY A 1 105 ? -0.908  17.154  -9.492  1.00 17.05 ? 105  GLY A N   1 
ATOM   828  C  CA  . GLY A 1 105 ? -0.227  18.152  -8.669  1.00 16.93 ? 105  GLY A CA  1 
ATOM   829  C  C   . GLY A 1 105 ? -0.178  17.856  -7.182  1.00 16.73 ? 105  GLY A C   1 
ATOM   830  O  O   . GLY A 1 105 ? 0.058   18.770  -6.387  1.00 17.28 ? 105  GLY A O   1 
ATOM   831  N  N   . GLU A 1 106 ? -0.518  16.639  -6.798  1.00 16.18 ? 106  GLU A N   1 
ATOM   832  C  CA  . GLU A 1 106 ? -0.449  16.224  -5.396  1.00 15.50 ? 106  GLU A CA  1 
ATOM   833  C  C   . GLU A 1 106 ? 0.355   14.940  -5.397  1.00 15.02 ? 106  GLU A C   1 
ATOM   834  O  O   . GLU A 1 106 ? 0.182   14.091  -6.270  1.00 14.78 ? 106  GLU A O   1 
ATOM   835  C  CB  . GLU A 1 106 ? -1.836  15.978  -4.793  1.00 15.70 ? 106  GLU A CB  1 
ATOM   836  C  CG  . GLU A 1 106 ? -1.792  15.447  -3.356  1.00 15.81 ? 106  GLU A CG  1 
ATOM   837  C  CD  . GLU A 1 106 ? -3.139  15.508  -2.650  1.00 15.99 ? 106  GLU A CD  1 
ATOM   838  O  OE1 . GLU A 1 106 ? -4.091  14.841  -3.104  1.00 16.08 ? 106  GLU A OE1 1 
ATOM   839  O  OE2 . GLU A 1 106 ? -3.243  16.211  -1.623  1.00 16.36 ? 106  GLU A OE2 1 
ATOM   840  N  N   . GLN A 1 107 ? 1.313   14.848  -4.481  1.00 14.39 ? 107  GLN A N   1 
ATOM   841  C  CA  . GLN A 1 107 ? 2.147   13.665  -4.381  1.00 13.94 ? 107  GLN A CA  1 
ATOM   842  C  C   . GLN A 1 107 ? 1.516   12.646  -3.451  1.00 13.19 ? 107  GLN A C   1 
ATOM   843  O  O   . GLN A 1 107 ? 1.079   12.982  -2.351  1.00 12.99 ? 107  GLN A O   1 
ATOM   844  C  CB  . GLN A 1 107 ? 3.537   14.037  -3.866  1.00 14.51 ? 107  GLN A CB  1 
ATOM   845  C  CG  . GLN A 1 107 ? 4.424   14.741  -4.887  1.00 15.89 ? 107  GLN A CG  1 
ATOM   846  C  CD  . GLN A 1 107 ? 5.759   15.174  -4.301  1.00 16.55 ? 107  GLN A CD  1 
ATOM   847  O  OE1 . GLN A 1 107 ? 6.816   14.929  -4.884  1.00 17.37 ? 107  GLN A OE1 1 
ATOM   848  N  NE2 . GLN A 1 107 ? 5.713   15.833  -3.150  1.00 17.13 ? 107  GLN A NE2 1 
ATOM   849  N  N   . TYR A 1 108 ? 1.441   11.403  -3.917  1.00 12.38 ? 108  TYR A N   1 
ATOM   850  C  CA  . TYR A 1 108 ? 0.885   10.319  -3.121  1.00 11.69 ? 108  TYR A CA  1 
ATOM   851  C  C   . TYR A 1 108 ? 1.997   9.350   -2.770  1.00 11.28 ? 108  TYR A C   1 
ATOM   852  O  O   . TYR A 1 108 ? 3.040   9.317   -3.423  1.00 11.21 ? 108  TYR A O   1 
ATOM   853  C  CB  . TYR A 1 108 ? -0.214  9.578   -3.889  1.00 11.53 ? 108  TYR A CB  1 
ATOM   854  C  CG  . TYR A 1 108 ? -1.381  10.457  -4.261  1.00 11.33 ? 108  TYR A CG  1 
ATOM   855  C  CD1 . TYR A 1 108 ? -2.376  10.753  -3.334  1.00 11.39 ? 108  TYR A CD1 1 
ATOM   856  C  CD2 . TYR A 1 108 ? -1.462  11.038  -5.525  1.00 11.30 ? 108  TYR A CD2 1 
ATOM   857  C  CE1 . TYR A 1 108 ? -3.421  11.616  -3.651  1.00 11.32 ? 108  TYR A CE1 1 
ATOM   858  C  CE2 . TYR A 1 108 ? -2.498  11.901  -5.854  1.00 11.31 ? 108  TYR A CE2 1 
ATOM   859  C  CZ  . TYR A 1 108 ? -3.472  12.188  -4.911  1.00 11.45 ? 108  TYR A CZ  1 
ATOM   860  O  OH  . TYR A 1 108 ? -4.472  13.078  -5.212  1.00 11.46 ? 108  TYR A OH  1 
ATOM   861  N  N   . MET A 1 109 ? 1.770   8.570   -1.722  1.00 10.91 ? 109  MET A N   1 
ATOM   862  C  CA  . MET A 1 109 ? 2.741   7.585   -1.278  1.00 10.79 ? 109  MET A CA  1 
ATOM   863  C  C   . MET A 1 109 ? 2.052   6.271   -0.962  1.00 10.27 ? 109  MET A C   1 
ATOM   864  O  O   . MET A 1 109 ? 0.954   6.258   -0.400  1.00 10.20 ? 109  MET A O   1 
ATOM   865  C  CB  . MET A 1 109 ? 3.460   8.062   -0.009  1.00 11.56 ? 109  MET A CB  1 
ATOM   866  C  CG  . MET A 1 109 ? 4.379   9.261   -0.182  1.00 12.46 ? 109  MET A CG  1 
ATOM   867  S  SD  . MET A 1 109 ? 5.822   8.914   -1.200  1.00 13.88 ? 109  MET A SD  1 
ATOM   868  C  CE  . MET A 1 109 ? 6.735   7.811   -0.130  1.00 13.83 ? 109  MET A CE  1 
ATOM   869  N  N   . PHE A 1 110 ? 2.659   5.175   -1.401  1.00 9.77  ? 110  PHE A N   1 
ATOM   870  C  CA  . PHE A 1 110 ? 2.148   3.851   -1.087  1.00 9.43  ? 110  PHE A CA  1 
ATOM   871  C  C   . PHE A 1 110 ? 3.179   3.295   -0.113  1.00 9.21  ? 110  PHE A C   1 
ATOM   872  O  O   . PHE A 1 110 ? 4.358   3.653   -0.183  1.00 9.22  ? 110  PHE A O   1 
ATOM   873  C  CB  . PHE A 1 110 ? 1.982   2.970   -2.334  1.00 9.29  ? 110  PHE A CB  1 
ATOM   874  C  CG  . PHE A 1 110 ? 3.268   2.607   -3.025  1.00 9.35  ? 110  PHE A CG  1 
ATOM   875  C  CD1 . PHE A 1 110 ? 3.692   3.317   -4.141  1.00 9.41  ? 110  PHE A CD1 1 
ATOM   876  C  CD2 . PHE A 1 110 ? 4.023   1.514   -2.600  1.00 9.35  ? 110  PHE A CD2 1 
ATOM   877  C  CE1 . PHE A 1 110 ? 4.848   2.947   -4.828  1.00 9.52  ? 110  PHE A CE1 1 
ATOM   878  C  CE2 . PHE A 1 110 ? 5.179   1.138   -3.278  1.00 9.48  ? 110  PHE A CE2 1 
ATOM   879  C  CZ  . PHE A 1 110 ? 5.591   1.855   -4.395  1.00 9.49  ? 110  PHE A CZ  1 
ATOM   880  N  N   . PHE A 1 111 ? 2.736   2.464   0.822   1.00 8.90  ? 111  PHE A N   1 
ATOM   881  C  CA  . PHE A 1 111 ? 3.638   1.928   1.832   1.00 8.86  ? 111  PHE A CA  1 
ATOM   882  C  C   . PHE A 1 111 ? 3.000   0.797   2.618   1.00 8.89  ? 111  PHE A C   1 
ATOM   883  O  O   . PHE A 1 111 ? 1.793   0.575   2.545   1.00 8.85  ? 111  PHE A O   1 
ATOM   884  C  CB  . PHE A 1 111 ? 4.017   3.051   2.811   1.00 8.66  ? 111  PHE A CB  1 
ATOM   885  C  CG  . PHE A 1 111 ? 2.837   3.869   3.282   1.00 8.34  ? 111  PHE A CG  1 
ATOM   886  C  CD1 . PHE A 1 111 ? 2.439   5.005   2.582   1.00 8.39  ? 111  PHE A CD1 1 
ATOM   887  C  CD2 . PHE A 1 111 ? 2.094   3.479   4.394   1.00 8.56  ? 111  PHE A CD2 1 
ATOM   888  C  CE1 . PHE A 1 111 ? 1.321   5.738   2.976   1.00 8.47  ? 111  PHE A CE1 1 
ATOM   889  C  CE2 . PHE A 1 111 ? 0.973   4.210   4.798   1.00 8.56  ? 111  PHE A CE2 1 
ATOM   890  C  CZ  . PHE A 1 111 ? 0.587   5.340   4.086   1.00 8.57  ? 111  PHE A CZ  1 
ATOM   891  N  N   . CYS A 1 112 ? 3.838   0.075   3.357   1.00 9.14  ? 112  CYS A N   1 
ATOM   892  C  CA  . CYS A 1 112 ? 3.386   -1.010  4.214   1.00 9.27  ? 112  CYS A CA  1 
ATOM   893  C  C   . CYS A 1 112 ? 3.348   -0.437  5.623   1.00 9.38  ? 112  CYS A C   1 
ATOM   894  O  O   . CYS A 1 112 ? 4.268   0.278   6.022   1.00 9.36  ? 112  CYS A O   1 
ATOM   895  C  CB  . CYS A 1 112 ? 4.361   -2.182  4.171   1.00 9.13  ? 112  CYS A CB  1 
ATOM   896  S  SG  . CYS A 1 112 ? 3.933   -3.499  5.332   1.00 9.76  ? 112  CYS A SG  1 
ATOM   897  N  N   . THR A 1 113 ? 2.291   -0.739  6.373   1.00 9.50  ? 113  THR A N   1 
ATOM   898  C  CA  . THR A 1 113 ? 2.166   -0.224  7.731   1.00 9.76  ? 113  THR A CA  1 
ATOM   899  C  C   . THR A 1 113 ? 2.590   -1.186  8.842   1.00 9.97  ? 113  THR A C   1 
ATOM   900  O  O   . THR A 1 113 ? 2.392   -0.896  10.023  1.00 10.31 ? 113  THR A O   1 
ATOM   901  C  CB  . THR A 1 113 ? 0.748   0.305   8.019   1.00 9.72  ? 113  THR A CB  1 
ATOM   902  O  OG1 . THR A 1 113 ? -0.201  -0.757  7.891   1.00 9.72  ? 113  THR A OG1 1 
ATOM   903  C  CG2 . THR A 1 113 ? 0.390   1.424   7.052   1.00 9.65  ? 113  THR A CG2 1 
ATOM   904  N  N   . PHE A 1 114 ? 3.144   -2.339  8.472   1.00 10.24 ? 114  PHE A N   1 
ATOM   905  C  CA  . PHE A 1 114 ? 3.620   -3.286  9.476   1.00 10.52 ? 114  PHE A CA  1 
ATOM   906  C  C   . PHE A 1 114 ? 4.758   -2.547  10.182  1.00 10.68 ? 114  PHE A C   1 
ATOM   907  O  O   . PHE A 1 114 ? 5.575   -1.898  9.528   1.00 10.70 ? 114  PHE A O   1 
ATOM   908  C  CB  . PHE A 1 114 ? 4.145   -4.564  8.817   1.00 10.77 ? 114  PHE A CB  1 
ATOM   909  C  CG  . PHE A 1 114 ? 4.530   -5.640  9.797   1.00 10.99 ? 114  PHE A CG  1 
ATOM   910  C  CD1 . PHE A 1 114 ? 5.780   -5.631  10.408  1.00 10.99 ? 114  PHE A CD1 1 
ATOM   911  C  CD2 . PHE A 1 114 ? 3.633   -6.651  10.125  1.00 11.10 ? 114  PHE A CD2 1 
ATOM   912  C  CE1 . PHE A 1 114 ? 6.132   -6.610  11.331  1.00 11.07 ? 114  PHE A CE1 1 
ATOM   913  C  CE2 . PHE A 1 114 ? 3.977   -7.636  11.048  1.00 11.13 ? 114  PHE A CE2 1 
ATOM   914  C  CZ  . PHE A 1 114 ? 5.226   -7.614  11.652  1.00 11.16 ? 114  PHE A CZ  1 
ATOM   915  N  N   . PRO A 1 115 ? 4.820   -2.626  11.523  1.00 10.96 ? 115  PRO A N   1 
ATOM   916  C  CA  . PRO A 1 115 ? 5.856   -1.957  12.317  1.00 11.04 ? 115  PRO A CA  1 
ATOM   917  C  C   . PRO A 1 115 ? 7.272   -1.953  11.741  1.00 11.17 ? 115  PRO A C   1 
ATOM   918  O  O   . PRO A 1 115 ? 7.877   -3.005  11.520  1.00 11.05 ? 115  PRO A O   1 
ATOM   919  C  CB  . PRO A 1 115 ? 5.783   -2.699  13.646  1.00 11.16 ? 115  PRO A CB  1 
ATOM   920  C  CG  . PRO A 1 115 ? 4.324   -2.929  13.784  1.00 11.18 ? 115  PRO A CG  1 
ATOM   921  C  CD  . PRO A 1 115 ? 3.934   -3.412  12.400  1.00 11.08 ? 115  PRO A CD  1 
ATOM   922  N  N   . GLY A 1 116 ? 7.765   -0.746  11.465  1.00 11.22 ? 116  GLY A N   1 
ATOM   923  C  CA  . GLY A 1 116 ? 9.106   -0.559  10.939  1.00 11.32 ? 116  GLY A CA  1 
ATOM   924  C  C   . GLY A 1 116 ? 9.311   -0.720  9.444   1.00 11.34 ? 116  GLY A C   1 
ATOM   925  O  O   . GLY A 1 116 ? 10.289  -0.208  8.898   1.00 11.54 ? 116  GLY A O   1 
ATOM   926  N  N   . HIS A 1 117 ? 8.380   -1.390  8.773   1.00 11.36 ? 117  HIS A N   1 
ATOM   927  C  CA  . HIS A 1 117 ? 8.498   -1.638  7.338   1.00 11.51 ? 117  HIS A CA  1 
ATOM   928  C  C   . HIS A 1 117 ? 8.549   -0.442  6.393   1.00 11.74 ? 117  HIS A C   1 
ATOM   929  O  O   . HIS A 1 117 ? 9.294   -0.477  5.413   1.00 11.74 ? 117  HIS A O   1 
ATOM   930  C  CB  . HIS A 1 117 ? 7.420   -2.618  6.880   1.00 11.36 ? 117  HIS A CB  1 
ATOM   931  C  CG  . HIS A 1 117 ? 7.654   -4.024  7.341   1.00 11.16 ? 117  HIS A CG  1 
ATOM   932  N  ND1 . HIS A 1 117 ? 7.021   -5.106  6.768   1.00 11.01 ? 117  HIS A ND1 1 
ATOM   933  C  CD2 . HIS A 1 117 ? 8.459   -4.523  8.306   1.00 11.15 ? 117  HIS A CD2 1 
ATOM   934  C  CE1 . HIS A 1 117 ? 7.431   -6.215  7.362   1.00 11.10 ? 117  HIS A CE1 1 
ATOM   935  N  NE2 . HIS A 1 117 ? 8.303   -5.888  8.298   1.00 11.27 ? 117  HIS A NE2 1 
ATOM   936  N  N   . SER A 1 118 ? 7.803   0.622   6.694   1.00 12.18 ? 118  SER A N   1 
ATOM   937  C  CA  . SER A 1 118 ? 7.778   1.800   5.823   1.00 12.75 ? 118  SER A CA  1 
ATOM   938  C  C   . SER A 1 118 ? 9.141   2.476   5.656   1.00 13.01 ? 118  SER A C   1 
ATOM   939  O  O   . SER A 1 118 ? 9.305   3.343   4.795   1.00 13.27 ? 118  SER A O   1 
ATOM   940  C  CB  . SER A 1 118 ? 6.727   2.813   6.287   1.00 12.77 ? 118  SER A CB  1 
ATOM   941  O  OG  . SER A 1 118 ? 7.140   3.504   7.448   1.00 13.73 ? 118  SER A OG  1 
ATOM   942  N  N   . ALA A 1 119 ? 10.109  2.068   6.470   1.00 13.31 ? 119  ALA A N   1 
ATOM   943  C  CA  . ALA A 1 119 ? 11.468  2.602   6.405   1.00 13.53 ? 119  ALA A CA  1 
ATOM   944  C  C   . ALA A 1 119 ? 12.051  2.318   5.020   1.00 13.52 ? 119  ALA A C   1 
ATOM   945  O  O   . ALA A 1 119 ? 12.800  3.128   4.468   1.00 14.01 ? 119  ALA A O   1 
ATOM   946  C  CB  . ALA A 1 119 ? 12.334  1.945   7.471   1.00 13.72 ? 119  ALA A CB  1 
ATOM   947  N  N   . LEU A 1 120 ? 11.672  1.169   4.474   1.00 13.46 ? 120  LEU A N   1 
ATOM   948  C  CA  . LEU A 1 120 ? 12.126  0.711   3.164   1.00 13.01 ? 120  LEU A CA  1 
ATOM   949  C  C   . LEU A 1 120 ? 10.952  0.492   2.226   1.00 12.49 ? 120  LEU A C   1 
ATOM   950  O  O   . LEU A 1 120 ? 11.042  0.745   1.021   1.00 12.47 ? 120  LEU A O   1 
ATOM   951  C  CB  . LEU A 1 120 ? 12.870  -0.619  3.314   1.00 13.61 ? 120  LEU A CB  1 
ATOM   952  C  CG  . LEU A 1 120 ? 14.348  -0.702  2.933   1.00 13.87 ? 120  LEU A CG  1 
ATOM   953  C  CD1 . LEU A 1 120 ? 15.194  0.135   3.880   1.00 14.34 ? 120  LEU A CD1 1 
ATOM   954  C  CD2 . LEU A 1 120 ? 14.781  -2.157  2.976   1.00 13.93 ? 120  LEU A CD2 1 
ATOM   955  N  N   . MET A 1 121 ? 9.848   0.005   2.786   1.00 11.83 ? 121  MET A N   1 
ATOM   956  C  CA  . MET A 1 121 ? 8.649   -0.283  1.999   1.00 11.28 ? 121  MET A CA  1 
ATOM   957  C  C   . MET A 1 121 ? 7.732   0.901   1.778   1.00 11.08 ? 121  MET A C   1 
ATOM   958  O  O   . MET A 1 121 ? 6.703   1.043   2.446   1.00 10.76 ? 121  MET A O   1 
ATOM   959  C  CB  . MET A 1 121 ? 7.908   -1.468  2.593   1.00 11.02 ? 121  MET A CB  1 
ATOM   960  C  CG  . MET A 1 121 ? 8.773   -2.701  2.681   1.00 10.75 ? 121  MET A CG  1 
ATOM   961  S  SD  . MET A 1 121 ? 7.918   -4.177  3.223   1.00 10.24 ? 121  MET A SD  1 
ATOM   962  C  CE  . MET A 1 121 ? 7.034   -4.591  1.728   1.00 10.36 ? 121  MET A CE  1 
ATOM   963  N  N   . LYS A 1 122 ? 8.110   1.751   0.859   1.00 10.99 ? 122  LYS A N   1 
ATOM   964  C  CA  . LYS A 1 122 ? 7.352   2.938   0.497   1.00 11.09 ? 122  LYS A CA  1 
ATOM   965  C  C   . LYS A 1 122 ? 7.768   3.393   -0.885  1.00 10.92 ? 122  LYS A C   1 
ATOM   966  O  O   . LYS A 1 122 ? 8.847   3.033   -1.378  1.00 10.75 ? 122  LYS A O   1 
ATOM   967  C  CB  . LYS A 1 122 ? 7.575   4.077   1.505   1.00 11.39 ? 122  LYS A CB  1 
ATOM   968  C  CG  . LYS A 1 122 ? 8.997   4.568   1.589   1.00 12.18 ? 122  LYS A CG  1 
ATOM   969  C  CD  . LYS A 1 122 ? 9.119   5.674   2.610   1.00 12.87 ? 122  LYS A CD  1 
ATOM   970  C  CE  . LYS A 1 122 ? 10.561  6.072   2.795   1.00 13.60 ? 122  LYS A CE  1 
ATOM   971  N  NZ  . LYS A 1 122 ? 10.669  7.377   3.494   1.00 14.53 ? 122  LYS A NZ  1 
ATOM   972  N  N   . GLY A 1 123 ? 6.905   4.143   -1.527  1.00 10.95 ? 123  GLY A N   1 
ATOM   973  C  CA  . GLY A 1 123 ? 7.184   4.638   -2.854  1.00 11.13 ? 123  GLY A CA  1 
ATOM   974  C  C   . GLY A 1 123 ? 6.187   5.702   -3.244  1.00 11.17 ? 123  GLY A C   1 
ATOM   975  O  O   . GLY A 1 123 ? 5.209   5.947   -2.533  1.00 11.06 ? 123  GLY A O   1 
ATOM   976  N  N   . THR A 1 124 ? 6.424   6.329   -4.386  1.00 11.47 ? 124  THR A N   1 
ATOM   977  C  CA  . THR A 1 124 ? 5.543   7.381   -4.860  1.00 11.73 ? 124  THR A CA  1 
ATOM   978  C  C   . THR A 1 124 ? 4.484   6.872   -5.824  1.00 11.84 ? 124  THR A C   1 
ATOM   979  O  O   . THR A 1 124 ? 4.648   5.836   -6.465  1.00 11.69 ? 124  THR A O   1 
ATOM   980  C  CB  . THR A 1 124 ? 6.338   8.490   -5.568  1.00 11.84 ? 124  THR A CB  1 
ATOM   981  O  OG1 . THR A 1 124 ? 7.033   7.932   -6.687  1.00 12.15 ? 124  THR A OG1 1 
ATOM   982  C  CG2 . THR A 1 124 ? 7.335   9.133   -4.613  1.00 11.97 ? 124  THR A CG2 1 
ATOM   983  N  N   . LEU A 1 125 ? 3.372   7.592   -5.870  1.00 12.03 ? 125  LEU A N   1 
ATOM   984  C  CA  . LEU A 1 125 ? 2.278   7.289   -6.779  1.00 12.57 ? 125  LEU A CA  1 
ATOM   985  C  C   . LEU A 1 125 ? 1.820   8.652   -7.267  1.00 12.96 ? 125  LEU A C   1 
ATOM   986  O  O   . LEU A 1 125 ? 1.582   9.559   -6.467  1.00 12.95 ? 125  LEU A O   1 
ATOM   987  C  CB  . LEU A 1 125 ? 1.140   6.539   -6.083  1.00 12.48 ? 125  LEU A CB  1 
ATOM   988  C  CG  . LEU A 1 125 ? -0.013  6.121   -7.011  1.00 12.41 ? 125  LEU A CG  1 
ATOM   989  C  CD1 . LEU A 1 125 ? -0.645  4.824   -6.542  1.00 12.48 ? 125  LEU A CD1 1 
ATOM   990  C  CD2 . LEU A 1 125 ? -1.051  7.231   -7.107  1.00 12.27 ? 125  LEU A CD2 1 
ATOM   991  N  N   . THR A 1 126 ? 1.737   8.805   -8.582  1.00 13.58 ? 126  THR A N   1 
ATOM   992  C  CA  . THR A 1 126 ? 1.340   10.080  -9.159  1.00 14.08 ? 126  THR A CA  1 
ATOM   993  C  C   . THR A 1 126 ? 0.360   9.899   -10.307 1.00 14.39 ? 126  THR A C   1 
ATOM   994  O  O   . THR A 1 126 ? 0.417   8.912   -11.042 1.00 14.30 ? 126  THR A O   1 
ATOM   995  C  CB  . THR A 1 126 ? 2.568   10.848  -9.696  1.00 14.32 ? 126  THR A CB  1 
ATOM   996  O  OG1 . THR A 1 126 ? 3.706   10.586  -8.863  1.00 14.55 ? 126  THR A OG1 1 
ATOM   997  C  CG2 . THR A 1 126 ? 2.298   12.343  -9.694  1.00 14.59 ? 126  THR A CG2 1 
ATOM   998  N  N   . LEU A 1 127 ? -0.548  10.859  -10.441 1.00 14.89 ? 127  LEU A N   1 
ATOM   999  C  CA  . LEU A 1 127 ? -1.538  10.850  -11.506 1.00 15.41 ? 127  LEU A CA  1 
ATOM   1000 C  C   . LEU A 1 127 ? -0.981  11.680  -12.660 1.00 15.98 ? 127  LEU A C   1 
ATOM   1001 O  O   . LEU A 1 127 ? -0.698  12.865  -12.485 1.00 15.99 ? 127  LEU A O   1 
ATOM   1002 C  CB  . LEU A 1 127 ? -2.850  11.477  -11.022 1.00 15.24 ? 127  LEU A CB  1 
ATOM   1003 C  CG  . LEU A 1 127 ? -4.005  11.512  -12.028 1.00 15.15 ? 127  LEU A CG  1 
ATOM   1004 C  CD1 . LEU A 1 127 ? -4.441  10.094  -12.347 1.00 15.10 ? 127  LEU A CD1 1 
ATOM   1005 C  CD2 . LEU A 1 127 ? -5.171  12.310  -11.468 1.00 15.11 ? 127  LEU A CD2 1 
ATOM   1006 N  N   . LYS A 1 128 ? -0.781  11.054  -13.806 1.00 16.67 ? 128  LYS A N   1 
ATOM   1007 C  CA  . LYS A 1 128 ? -0.279  11.780  -14.970 1.00 17.39 ? 128  LYS A CA  1 
ATOM   1008 C  C   . LYS A 1 128 ? -1.118  11.543  -16.215 1.00 17.53 ? 128  LYS A C   1 
ATOM   1009 O  O   . LYS A 1 128 ? -1.610  10.411  -16.398 1.00 17.69 ? 128  LYS A O   1 
ATOM   1010 C  CB  . LYS A 1 128 ? 1.192   11.456  -15.243 1.00 17.97 ? 128  LYS A CB  1 
ATOM   1011 C  CG  . LYS A 1 128 ? 2.154   12.479  -14.658 1.00 18.75 ? 128  LYS A CG  1 
ATOM   1012 C  CD  . LYS A 1 128 ? 3.058   11.875  -13.600 1.00 19.44 ? 128  LYS A CD  1 
ATOM   1013 C  CE  . LYS A 1 128 ? 4.507   11.882  -14.054 1.00 19.80 ? 128  LYS A CE  1 
ATOM   1014 N  NZ  . LYS A 1 128 ? 4.989   13.258  -14.368 1.00 20.23 ? 128  LYS A NZ  1 
ATOM   1015 O  OXT . LYS A 1 128 ? -1.296  12.514  -16.980 1.00 17.91 ? 128  LYS A OXT 1 
HETATM 1016 CU CU  . CU  B 2 .   ? 5.512   -5.039  5.339   1.00 10.48 ? 901  CU  A CU  1 
HETATM 1017 RU RU  . RTB C 3 .   ? -10.425 -0.436  4.824   1.00 12.22 ? 903  RTB A RU  1 
HETATM 1018 N  N2  . RTB C 3 .   ? -12.244 -0.013  5.457   1.00 12.15 ? 903  RTB A N2  1 
HETATM 1019 N  N3  . RTB C 3 .   ? -9.537  0.777   6.091   1.00 12.13 ? 903  RTB A N3  1 
HETATM 1020 N  N4  . RTB C 3 .   ? -11.423 -1.627  3.534   1.00 12.22 ? 903  RTB A N4  1 
HETATM 1021 N  N5  . RTB C 3 .   ? -10.505 1.284   3.776   1.00 12.09 ? 903  RTB A N5  1 
HETATM 1022 N  N6  . RTB C 3 .   ? -10.048 -1.729  6.301   1.00 12.29 ? 903  RTB A N6  1 
HETATM 1023 C  C7  . RTB C 3 .   ? -12.543 0.834   6.471   1.00 12.59 ? 903  RTB A C7  1 
HETATM 1024 C  C8  . RTB C 3 .   ? -13.833 1.076   6.855   1.00 12.72 ? 903  RTB A C8  1 
HETATM 1025 C  C9  . RTB C 3 .   ? -14.864 0.421   6.165   1.00 12.61 ? 903  RTB A C9  1 
HETATM 1026 C  C10 . RTB C 3 .   ? -14.546 -0.443  5.136   1.00 12.48 ? 903  RTB A C10 1 
HETATM 1027 C  C11 . RTB C 3 .   ? -13.222 -0.634  4.804   1.00 12.50 ? 903  RTB A C11 1 
HETATM 1028 C  C12 . RTB C 3 .   ? -9.383  2.074   5.758   1.00 12.11 ? 903  RTB A C12 1 
HETATM 1029 C  C13 . RTB C 3 .   ? -8.765  2.942   6.634   1.00 12.23 ? 903  RTB A C13 1 
HETATM 1030 C  C14 . RTB C 3 .   ? -8.313  2.447   7.849   1.00 12.39 ? 903  RTB A C14 1 
HETATM 1031 C  C15 . RTB C 3 .   ? -8.481  1.084   8.189   1.00 12.31 ? 903  RTB A C15 1 
HETATM 1032 C  C16 . RTB C 3 .   ? -9.122  0.280   7.242   1.00 12.23 ? 903  RTB A C16 1 
HETATM 1033 C  C17 . RTB C 3 .   ? -11.010 -2.452  2.567   1.00 12.41 ? 903  RTB A C17 1 
HETATM 1034 C  C18 . RTB C 3 .   ? -11.911 -3.181  1.766   1.00 12.40 ? 903  RTB A C18 1 
HETATM 1035 C  C19 . RTB C 3 .   ? -13.256 -3.067  1.993   1.00 12.39 ? 903  RTB A C19 1 
HETATM 1036 C  C20 . RTB C 3 .   ? -13.710 -2.221  2.990   1.00 12.46 ? 903  RTB A C20 1 
HETATM 1037 C  C21 . RTB C 3 .   ? -12.792 -1.519  3.767   1.00 12.49 ? 903  RTB A C21 1 
HETATM 1038 C  C22 . RTB C 3 .   ? -9.927  2.366   4.445   1.00 11.92 ? 903  RTB A C22 1 
HETATM 1039 C  C23 . RTB C 3 .   ? -11.024 1.490   2.545   1.00 11.78 ? 903  RTB A C23 1 
HETATM 1040 C  C24 . RTB C 3 .   ? -11.002 2.743   1.910   1.00 11.73 ? 903  RTB A C24 1 
HETATM 1041 C  C25 . RTB C 3 .   ? -10.434 3.804   2.575   1.00 11.66 ? 903  RTB A C25 1 
HETATM 1042 C  C26 . RTB C 3 .   ? -9.895  3.633   3.827   1.00 11.72 ? 903  RTB A C26 1 
HETATM 1043 C  C27 . RTB C 3 .   ? -9.396  -1.171  7.379   1.00 12.37 ? 903  RTB A C27 1 
HETATM 1044 C  C28 . RTB C 3 .   ? -10.345 -3.074  6.359   1.00 12.34 ? 903  RTB A C28 1 
HETATM 1045 C  C29 . RTB C 3 .   ? -10.038 -3.845  7.434   1.00 12.43 ? 903  RTB A C29 1 
HETATM 1046 C  C30 . RTB C 3 .   ? -9.384  -3.265  8.507   1.00 12.66 ? 903  RTB A C30 1 
HETATM 1047 C  C31 . RTB C 3 .   ? -9.072  -1.919  8.488   1.00 12.43 ? 903  RTB A C31 1 
HETATM 1048 C  C32 . RTB C 3 .   ? -15.120 -2.008  3.322   1.00 12.43 ? 903  RTB A C32 1 
HETATM 1049 C  C33 . RTB C 3 .   ? -15.516 -1.166  4.333   1.00 12.43 ? 903  RTB A C33 1 
HETATM 1050 CU CU  . IME D 4 .   ? -11.005 11.613  -14.728 0.50 22.11 ? 902  IME A CU  1 
HETATM 1051 O  O1  . IME D 4 .   ? -9.143  9.504   -14.543 0.50 31.39 ? 902  IME A O1  1 
HETATM 1052 C  CG1 . IME D 4 .   ? -9.977  13.719  -10.896 0.50 16.08 ? 902  IME A CG1 1 
HETATM 1053 C  CDC . IME D 4 .   ? -10.713 13.572  -12.022 0.50 16.09 ? 902  IME A CDC 1 
HETATM 1054 N  NDB . IME D 4 .   ? -9.005  12.744  -10.945 0.50 16.06 ? 902  IME A NDB 1 
HETATM 1055 C  CEB . IME D 4 .   ? -9.146  12.036  -12.050 0.50 16.08 ? 902  IME A CEB 1 
HETATM 1056 N  NEC . IME D 4 .   ? -10.178 12.517  -12.723 0.50 15.99 ? 902  IME A NEC 1 
HETATM 1057 C  CG2 . IME D 4 .   ? -13.861 9.029   -13.093 1.00 24.20 ? 902  IME A CG2 1 
HETATM 1058 C  CDM . IME D 4 .   ? -13.520 10.128  -13.810 1.00 24.25 ? 902  IME A CDM 1 
HETATM 1059 N  NDL . IME D 4 .   ? -12.675 8.472   -12.662 1.00 24.45 ? 902  IME A NDL 1 
HETATM 1060 C  CEL . IME D 4 .   ? -11.663 9.197   -13.099 1.00 23.99 ? 902  IME A CEL 1 
HETATM 1061 N  NEM . IME D 4 .   ? -12.147 10.209  -13.800 1.00 24.32 ? 902  IME A NEM 1 
HETATM 1062 O  O   . HOH E 5 .   ? 3.253   1.339   11.233  1.00 19.04 ? 1000 HOH A O   1 
HETATM 1063 O  O   . HOH E 5 .   ? -4.277  10.914  2.290   1.00 11.92 ? 1001 HOH A O   1 
HETATM 1064 O  O   . HOH E 5 .   ? -0.800  13.242  -8.706  1.00 12.46 ? 1002 HOH A O   1 
HETATM 1065 O  O   . HOH E 5 .   ? -2.258  -10.068 -6.125  1.00 14.55 ? 1003 HOH A O   1 
HETATM 1066 O  O   . HOH E 5 .   ? 5.129   7.966   -8.878  1.00 14.84 ? 1004 HOH A O   1 
HETATM 1067 O  O   . HOH E 5 .   ? 5.558   0.605   8.443   1.00 10.36 ? 1005 HOH A O   1 
HETATM 1068 O  O   . HOH E 5 .   ? -3.556  4.304   10.264  1.00 14.11 ? 1006 HOH A O   1 
HETATM 1069 O  O   . HOH E 5 .   ? 1.964   -15.162 -3.120  1.00 15.25 ? 1007 HOH A O   1 
HETATM 1070 O  O   . HOH E 5 .   ? -4.029  -3.791  5.551   1.00 11.68 ? 1008 HOH A O   1 
HETATM 1071 O  O   . HOH E 5 .   ? 2.357   -9.010  14.294  1.00 16.44 ? 1009 HOH A O   1 
HETATM 1072 O  O   . HOH E 5 .   ? 3.884   12.410  6.027   1.00 14.32 ? 1010 HOH A O   1 
HETATM 1073 O  O   . HOH E 5 .   ? 0.759   -15.683 7.305   1.00 22.94 ? 1011 HOH A O   1 
HETATM 1074 O  O   . HOH E 5 .   ? -9.211  -0.264  0.165   1.00 16.88 ? 1012 HOH A O   1 
HETATM 1075 O  O   . HOH E 5 .   ? 3.970   -10.195 -9.225  1.00 20.75 ? 1013 HOH A O   1 
HETATM 1076 O  O   . HOH E 5 .   ? -4.935  -11.045 -5.995  1.00 16.18 ? 1014 HOH A O   1 
HETATM 1077 O  O   . HOH E 5 .   ? 6.050   1.669   11.557  1.00 15.72 ? 1015 HOH A O   1 
HETATM 1078 O  O   . HOH E 5 .   ? 1.967   -5.357  17.345  1.00 20.39 ? 1016 HOH A O   1 
HETATM 1079 O  O   . HOH E 5 .   ? 13.045  3.107   -8.686  1.00 15.02 ? 1017 HOH A O   1 
HETATM 1080 O  O   . HOH E 5 .   ? -11.711 0.248   9.742   1.00 18.37 ? 1018 HOH A O   1 
HETATM 1081 O  O   . HOH E 5 .   ? -0.375  -11.036 -8.120  1.00 21.68 ? 1019 HOH A O   1 
HETATM 1082 O  O   . HOH E 5 .   ? 9.702   -7.450  10.117  1.00 16.80 ? 1020 HOH A O   1 
HETATM 1083 O  O   . HOH E 5 .   ? 1.966   -9.451  -7.328  1.00 13.94 ? 1021 HOH A O   1 
HETATM 1084 O  O   . HOH E 5 .   ? 1.208   12.813  8.318   1.00 19.25 ? 1022 HOH A O   1 
HETATM 1085 O  O   . HOH E 5 .   ? 3.995   16.224  -1.095  1.00 21.88 ? 1023 HOH A O   1 
HETATM 1086 O  O   . HOH E 5 .   ? 0.780   -2.835  17.599  1.00 21.56 ? 1024 HOH A O   1 
HETATM 1087 O  O   . HOH E 5 .   ? 8.936   0.496   -2.522  1.00 10.43 ? 1025 HOH A O   1 
HETATM 1088 O  O   . HOH E 5 .   ? 10.617  -1.189  -0.977  1.00 13.32 ? 1026 HOH A O   1 
HETATM 1089 O  O   . HOH E 5 .   ? 4.458   -14.928 -4.515  1.00 23.02 ? 1027 HOH A O   1 
HETATM 1090 O  O   . HOH E 5 .   ? 1.570   17.182  -2.764  1.00 22.40 ? 1028 HOH A O   1 
HETATM 1091 O  O   . HOH E 5 .   ? -1.226  3.869   -15.304 1.00 20.21 ? 1029 HOH A O   1 
HETATM 1092 O  O   . HOH E 5 .   ? 9.771   7.045   -1.923  1.00 27.06 ? 1030 HOH A O   1 
HETATM 1093 O  O   . HOH E 5 .   ? 0.624   -20.180 -1.724  1.00 26.29 ? 1031 HOH A O   1 
HETATM 1094 O  O   . HOH E 5 .   ? -11.246 6.416   -0.166  1.00 22.92 ? 1032 HOH A O   1 
HETATM 1095 O  O   . HOH E 5 .   ? 5.321   0.446   -10.788 1.00 27.28 ? 1033 HOH A O   1 
HETATM 1096 O  O   . HOH E 5 .   ? 9.819   -9.700  -4.564  1.00 20.04 ? 1034 HOH A O   1 
HETATM 1097 O  O   . HOH E 5 .   ? 5.579   -7.825  -9.674  1.00 16.84 ? 1035 HOH A O   1 
HETATM 1098 O  O   . HOH E 5 .   ? -3.338  15.504  2.620   1.00 25.96 ? 1036 HOH A O   1 
HETATM 1099 O  O   . HOH E 5 .   ? -4.077  -12.203 5.199   1.00 28.93 ? 1037 HOH A O   1 
HETATM 1100 O  O   . HOH E 5 .   ? -5.225  -6.624  -12.609 1.00 24.42 ? 1038 HOH A O   1 
HETATM 1101 O  O   . HOH E 5 .   ? 9.972   -7.088  -3.563  1.00 13.01 ? 1039 HOH A O   1 
HETATM 1102 O  O   . HOH E 5 .   ? 1.012   4.652   -17.179 1.00 25.98 ? 1040 HOH A O   1 
HETATM 1103 O  O   . HOH E 5 .   ? -0.981  -5.626  -13.665 1.00 27.53 ? 1041 HOH A O   1 
HETATM 1104 O  O   . HOH E 5 .   ? -7.890  -1.156  11.338  1.00 17.20 ? 1042 HOH A O   1 
HETATM 1105 O  O   . HOH E 5 .   ? 10.717  1.545   -9.326  1.00 19.35 ? 1043 HOH A O   1 
HETATM 1106 O  O   . HOH E 5 .   ? -8.867  -5.310  3.816   1.00 21.58 ? 1044 HOH A O   1 
HETATM 1107 O  O   . HOH E 5 .   ? 2.926   -5.109  -13.186 1.00 19.77 ? 1045 HOH A O   1 
HETATM 1108 O  O   . HOH E 5 .   ? -6.597  -12.319 -4.015  1.00 22.80 ? 1046 HOH A O   1 
HETATM 1109 O  O   . HOH E 5 .   ? -10.559 -1.845  11.610  1.00 22.63 ? 1047 HOH A O   1 
HETATM 1110 O  O   . HOH E 5 .   ? -4.930  -9.543  7.179   1.00 21.72 ? 1048 HOH A O   1 
HETATM 1111 O  O   . HOH E 5 .   ? 12.106  -12.991 -0.084  1.00 16.39 ? 1049 HOH A O   1 
HETATM 1112 O  O   . HOH E 5 .   ? -10.294 9.231   10.784  1.00 59.15 ? 1050 HOH A O   1 
HETATM 1113 O  O   . HOH E 5 .   ? 16.665  -5.639  3.057   1.00 27.74 ? 1051 HOH A O   1 
HETATM 1114 O  O   . HOH E 5 .   ? -1.485  16.922  0.262   1.00 23.70 ? 1052 HOH A O   1 
HETATM 1115 O  O   . HOH E 5 .   ? -15.672 6.486   -11.409 1.00 40.97 ? 1053 HOH A O   1 
HETATM 1116 O  O   . HOH E 5 .   ? -11.117 -3.633  -4.427  1.00 21.37 ? 1054 HOH A O   1 
HETATM 1117 O  O   . HOH E 5 .   ? 10.447  -8.533  -9.290  1.00 30.68 ? 1055 HOH A O   1 
HETATM 1118 O  O   . HOH E 5 .   ? -10.892 7.464   2.802   1.00 24.82 ? 1056 HOH A O   1 
HETATM 1119 O  O   . HOH E 5 .   ? -13.554 -1.566  -6.576  1.00 30.08 ? 1057 HOH A O   1 
HETATM 1120 O  O   . HOH E 5 .   ? -1.959  -1.180  -21.828 0.50 25.82 ? 1058 HOH A O   1 
HETATM 1121 O  O   . HOH E 5 .   ? 1.359   1.456   -14.005 1.00 33.72 ? 1059 HOH A O   1 
HETATM 1122 O  O   . HOH E 5 .   ? -8.106  -1.470  -13.009 1.00 22.27 ? 1060 HOH A O   1 
HETATM 1123 O  O   . HOH E 5 .   ? 11.971  -11.580 -3.789  1.00 27.02 ? 1061 HOH A O   1 
HETATM 1124 O  O   . HOH E 5 .   ? 14.368  -7.678  -2.744  1.00 21.72 ? 1062 HOH A O   1 
HETATM 1125 O  O   . HOH E 5 .   ? -10.217 2.104   -16.765 1.00 35.30 ? 1063 HOH A O   1 
HETATM 1126 O  O   . HOH E 5 .   ? -6.872  -8.344  -10.203 1.00 25.56 ? 1064 HOH A O   1 
HETATM 1127 O  O   . HOH E 5 .   ? 4.877   -13.032 -6.710  1.00 33.05 ? 1065 HOH A O   1 
HETATM 1128 O  O   . HOH E 5 .   ? 0.356   -13.934 -7.221  1.00 26.32 ? 1066 HOH A O   1 
HETATM 1129 O  O   . HOH E 5 .   ? 0.914   15.173  -0.357  1.00 14.93 ? 1067 HOH A O   1 
HETATM 1130 O  O   . HOH E 5 .   ? -1.626  13.537  8.712   1.00 30.57 ? 1068 HOH A O   1 
HETATM 1131 O  O   . HOH E 5 .   ? 7.630   6.201   6.953   1.00 31.73 ? 1069 HOH A O   1 
HETATM 1132 O  O   . HOH E 5 .   ? -1.502  11.119  13.262  1.00 27.32 ? 1070 HOH A O   1 
HETATM 1133 O  O   . HOH E 5 .   ? -0.777  -6.996  17.608  1.00 26.74 ? 1071 HOH A O   1 
HETATM 1134 O  O   . HOH E 5 .   ? -1.041  -21.620 -3.857  1.00 34.03 ? 1072 HOH A O   1 
HETATM 1135 O  O   . HOH E 5 .   ? -13.462 8.570   9.458   1.00 36.31 ? 1073 HOH A O   1 
HETATM 1136 O  O   . HOH E 5 .   ? -5.914  12.974  10.800  1.00 35.24 ? 1074 HOH A O   1 
HETATM 1137 O  O   . HOH E 5 .   ? -6.902  11.741  1.273   1.00 22.79 ? 1075 HOH A O   1 
HETATM 1138 O  O   . HOH E 5 .   ? -10.115 9.218   -0.598  1.00 23.62 ? 1076 HOH A O   1 
HETATM 1139 O  O   . HOH E 5 .   ? -10.915 3.374   -2.136  1.00 18.21 ? 1077 HOH A O   1 
HETATM 1140 O  O   . HOH E 5 .   ? -13.447 0.304   0.311   1.00 17.39 ? 1078 HOH A O   1 
HETATM 1141 O  O   . HOH E 5 .   ? -12.164 -5.246  4.739   1.00 29.61 ? 1079 HOH A O   1 
HETATM 1142 O  O   . HOH E 5 .   ? -12.220 -1.400  14.064  1.00 30.09 ? 1080 HOH A O   1 
HETATM 1143 O  O   . HOH E 5 .   ? -13.150 -4.771  9.560   1.00 33.08 ? 1081 HOH A O   1 
HETATM 1144 O  O   . HOH E 5 .   ? -4.146  -15.335 -0.756  1.00 19.74 ? 1082 HOH A O   1 
HETATM 1145 O  O   . HOH E 5 .   ? -9.124  -5.584  -6.957  1.00 18.75 ? 1083 HOH A O   1 
HETATM 1146 O  O   . HOH E 5 .   ? -10.445 -6.707  -4.496  1.00 31.35 ? 1084 HOH A O   1 
HETATM 1147 O  O   . HOH E 5 .   ? 5.405   12.841  -6.975  1.00 32.79 ? 1085 HOH A O   1 
HETATM 1148 O  O   . HOH E 5 .   ? 11.223  4.326   -1.647  1.00 27.60 ? 1086 HOH A O   1 
HETATM 1149 O  O   . HOH E 5 .   ? -6.786  11.882  -1.358  1.00 20.52 ? 1087 HOH A O   1 
HETATM 1150 O  O   . HOH E 5 .   ? 12.882  -0.925  -2.788  1.00 17.93 ? 1088 HOH A O   1 
HETATM 1151 O  O   . HOH E 5 .   ? 10.415  6.631   -4.723  1.00 24.52 ? 1089 HOH A O   1 
HETATM 1152 O  O   . HOH E 5 .   ? 7.729   2.395   9.428   1.00 29.64 ? 1090 HOH A O   1 
HETATM 1153 O  O   . HOH E 5 .   ? -11.443 -1.049  -1.148  1.00 22.25 ? 1091 HOH A O   1 
HETATM 1154 O  O   . HOH E 5 .   ? 3.206   -0.379  -14.779 1.00 41.45 ? 1092 HOH A O   1 
HETATM 1155 O  O   . HOH E 5 .   ? 2.172   -10.633 16.691  1.00 30.58 ? 1093 HOH A O   1 
HETATM 1156 O  O   . HOH E 5 .   ? -7.116  -11.983 -0.873  1.00 26.51 ? 1094 HOH A O   1 
HETATM 1157 O  O   . HOH E 5 .   ? 11.331  -1.232  -4.885  1.00 27.31 ? 1095 HOH A O   1 
HETATM 1158 O  O   . HOH E 5 .   ? 15.233  -10.403 -2.690  1.00 23.62 ? 1096 HOH A O   1 
HETATM 1159 O  O   . HOH E 5 .   ? 5.674   11.950  3.113   1.00 45.40 ? 1097 HOH A O   1 
HETATM 1160 O  O   . HOH E 5 .   ? -12.525 3.786   -5.047  1.00 30.06 ? 1098 HOH A O   1 
HETATM 1161 O  O   . HOH E 5 .   ? 3.653   2.443   -12.721 1.00 24.24 ? 1099 HOH A O   1 
HETATM 1162 O  O   . HOH E 5 .   ? -0.624  4.106   -19.529 1.00 25.28 ? 1100 HOH A O   1 
HETATM 1163 O  O   . HOH E 5 .   ? -4.043  -2.434  -20.591 1.00 28.14 ? 1101 HOH A O   1 
HETATM 1164 O  O   . HOH E 5 .   ? -4.987  -1.849  -17.887 1.00 24.63 ? 1102 HOH A O   1 
HETATM 1165 O  O   . HOH E 5 .   ? -1.143  -9.945  -13.961 1.00 32.39 ? 1103 HOH A O   1 
HETATM 1166 O  O   . HOH E 5 .   ? 5.847   -3.960  -9.048  1.00 27.18 ? 1104 HOH A O   1 
HETATM 1167 O  O   . HOH E 5 .   ? 15.251  -14.830 1.261   1.00 29.80 ? 1105 HOH A O   1 
HETATM 1168 O  O   . HOH E 5 .   ? 16.635  -7.074  5.189   1.00 30.63 ? 1106 HOH A O   1 
HETATM 1169 O  O   . HOH E 5 .   ? 12.279  -4.113  -8.530  1.00 25.61 ? 1107 HOH A O   1 
HETATM 1170 O  O   . HOH E 5 .   ? 12.567  -1.810  -7.226  0.25 23.68 ? 1108 HOH A O   1 
HETATM 1171 O  O   . HOH E 5 .   ? 5.166   7.244   -15.941 1.00 32.32 ? 1109 HOH A O   1 
HETATM 1172 O  O   . HOH E 5 .   ? -13.730 8.757   -21.293 0.25 21.62 ? 1111 HOH A O   1 
HETATM 1173 O  O   . HOH E 5 .   ? -13.227 1.026   -7.757  1.00 30.02 ? 1112 HOH A O   1 
HETATM 1174 O  O   . HOH E 5 .   ? 8.617   -17.304 -3.814  1.00 28.44 ? 1113 HOH A O   1 
HETATM 1175 O  O   . HOH E 5 .   ? 10.848  -17.300 -0.706  1.00 30.89 ? 1114 HOH A O   1 
HETATM 1176 O  O   . HOH E 5 .   ? 12.502  -15.474 1.308   1.00 25.49 ? 1115 HOH A O   1 
HETATM 1177 O  O   . HOH E 5 .   ? 15.274  -18.543 0.261   1.00 33.26 ? 1116 HOH A O   1 
HETATM 1178 O  O   . HOH E 5 .   ? 10.874  -20.060 -0.607  1.00 29.35 ? 1117 HOH A O   1 
HETATM 1179 O  O   . HOH E 5 .   ? 4.796   -12.221 15.910  0.50 24.85 ? 1118 HOH A O   1 
HETATM 1180 O  O   . HOH E 5 .   ? -1.986  18.039  6.416   1.00 31.66 ? 1119 HOH A O   1 
HETATM 1181 O  O   . HOH E 5 .   ? 7.839   11.556  8.148   1.00 26.73 ? 1120 HOH A O   1 
HETATM 1182 O  O   . HOH E 5 .   ? 2.349   5.099   17.419  1.00 26.26 ? 1121 HOH A O   1 
HETATM 1183 O  O   . HOH E 5 .   ? 2.950   2.467   18.767  1.00 26.97 ? 1122 HOH A O   1 
HETATM 1184 O  O   . HOH E 5 .   ? -3.061  -10.292 17.625  1.00 33.60 ? 1123 HOH A O   1 
HETATM 1185 O  O   . HOH E 5 .   ? -3.492  -7.460  17.870  1.00 30.36 ? 1124 HOH A O   1 
HETATM 1186 O  O   . HOH E 5 .   ? -10.689 -4.508  11.452  1.00 24.23 ? 1125 HOH A O   1 
HETATM 1187 O  O   . HOH E 5 .   ? -8.564  -5.846  10.750  1.00 28.35 ? 1126 HOH A O   1 
HETATM 1188 O  O   . HOH E 5 .   ? -8.895  -7.422  8.676   1.00 35.06 ? 1127 HOH A O   1 
HETATM 1189 O  O   . HOH E 5 .   ? -7.908  -6.630  6.223   1.00 27.46 ? 1128 HOH A O   1 
HETATM 1190 O  O   . HOH E 5 .   ? -10.061 4.797   15.257  1.00 31.08 ? 1129 HOH A O   1 
HETATM 1191 O  O   . HOH E 5 .   ? -7.694  10.245  10.758  1.00 27.93 ? 1130 HOH A O   1 
HETATM 1192 O  O   . HOH E 5 .   ? -8.317  13.037  5.822   1.00 30.77 ? 1131 HOH A O   1 
HETATM 1193 O  O   . HOH E 5 .   ? -8.796  9.860   1.872   1.00 27.37 ? 1132 HOH A O   1 
HETATM 1194 O  O   . HOH E 5 .   ? -9.180  11.148  -2.356  1.00 23.38 ? 1133 HOH A O   1 
HETATM 1195 O  O   . HOH E 5 .   ? -10.776 0.904   -3.204  1.00 27.70 ? 1134 HOH A O   1 
HETATM 1196 O  O   . HOH E 5 .   ? -8.602  -4.305  1.068   1.00 23.32 ? 1135 HOH A O   1 
HETATM 1197 O  O   . HOH E 5 .   ? 1.315   -20.290 2.677   1.00 29.59 ? 1136 HOH A O   1 
HETATM 1198 O  O   . HOH E 5 .   ? 0.486   -15.880 -5.278  1.00 31.97 ? 1137 HOH A O   1 
HETATM 1199 O  O   . HOH E 5 .   ? -2.062  -17.241 -3.126  1.00 34.49 ? 1138 HOH A O   1 
HETATM 1200 O  O   . HOH E 5 .   ? -6.286  -14.632 -2.291  1.00 31.06 ? 1139 HOH A O   1 
HETATM 1201 O  O   . HOH E 5 .   ? -5.098  -14.725 1.874   1.00 26.00 ? 1140 HOH A O   1 
HETATM 1202 O  O   . HOH E 5 .   ? -13.410 -6.713  -8.011  1.00 31.24 ? 1141 HOH A O   1 
HETATM 1203 O  O   . HOH E 5 .   ? -9.105  -7.748  -8.634  1.00 28.09 ? 1142 HOH A O   1 
HETATM 1204 O  O   . HOH E 5 .   ? -5.090  -12.261 -8.446  1.00 29.99 ? 1143 HOH A O   1 
HETATM 1205 O  O   . HOH E 5 .   ? -4.112  -10.634 -10.340 1.00 33.29 ? 1144 HOH A O   1 
HETATM 1206 O  O   . HOH E 5 .   ? -8.031  -9.827  -3.925  1.00 28.43 ? 1145 HOH A O   1 
HETATM 1207 O  O   . HOH E 5 .   ? -9.503  -9.968  -6.955  1.00 33.28 ? 1146 HOH A O   1 
HETATM 1208 O  O   . HOH E 5 .   ? -1.576  19.503  -3.916  1.00 31.91 ? 1147 HOH A O   1 
HETATM 1209 O  O   . HOH E 5 .   ? 3.750   11.186  -5.689  1.00 27.61 ? 1148 HOH A O   1 
HETATM 1210 O  O   . HOH E 5 .   ? 2.740   15.457  -8.055  1.00 32.94 ? 1149 HOH A O   1 
HETATM 1211 O  O   . HOH E 5 .   ? 0.579   14.972  -10.484 1.00 26.64 ? 1150 HOH A O   1 
HETATM 1212 O  O   . HOH E 5 .   ? 0.667   15.259  -13.151 1.00 32.78 ? 1151 HOH A O   1 
HETATM 1213 O  O   . HOH E 5 .   ? 14.767  -0.533  -0.824  1.00 30.03 ? 1152 HOH A O   1 
HETATM 1214 O  O   . HOH E 5 .   ? 10.241  9.907   -1.433  1.00 32.33 ? 1153 HOH A O   1 
HETATM 1215 O  O   . HOH E 5 .   ? 2.785   1.691   -17.708 1.00 35.21 ? 1154 HOH A O   1 
HETATM 1216 O  O   . HOH E 5 .   ? -4.023  -4.184  -16.771 1.00 31.68 ? 1155 HOH A O   1 
HETATM 1217 O  O   . HOH E 5 .   ? 1.078   -5.020  -15.046 1.00 35.02 ? 1156 HOH A O   1 
HETATM 1218 O  O   . HOH E 5 .   ? 17.745  -9.917  -2.519  1.00 33.22 ? 1157 HOH A O   1 
HETATM 1219 O  O   . HOH E 5 .   ? 19.324  -11.762 0.423   1.00 31.23 ? 1158 HOH A O   1 
HETATM 1220 O  O   . HOH E 5 .   ? 17.456  -15.306 2.458   1.00 30.82 ? 1159 HOH A O   1 
HETATM 1221 O  O   . HOH E 5 .   ? 10.497  6.335   -10.987 1.00 28.61 ? 1160 HOH A O   1 
HETATM 1222 O  O   . HOH E 5 .   ? 8.283   6.834   -12.516 1.00 31.32 ? 1161 HOH A O   1 
HETATM 1223 O  O   . HOH E 5 .   ? 8.655   2.508   -11.162 1.00 29.10 ? 1162 HOH A O   1 
HETATM 1224 O  O   . HOH E 5 .   ? -9.812  -0.374  -14.979 1.00 34.03 ? 1163 HOH A O   1 
HETATM 1225 O  O   . HOH E 5 .   ? -12.835 -2.299  -12.728 1.00 34.56 ? 1164 HOH A O   1 
HETATM 1226 O  O   . HOH E 5 .   ? -14.060 -3.474  -8.666  1.00 30.79 ? 1165 HOH A O   1 
HETATM 1227 O  O   . HOH E 5 .   ? 0.659   -15.253 11.064  1.00 29.77 ? 1166 HOH A O   1 
HETATM 1228 O  O   . HOH E 5 .   ? -10.412 6.926   12.371  1.00 28.61 ? 1167 HOH A O   1 
HETATM 1229 O  O   . HOH E 5 .   ? -13.662 4.475   14.270  1.00 30.45 ? 1168 HOH A O   1 
HETATM 1230 O  O   . HOH E 5 .   ? -13.109 -2.449  8.282   1.00 32.89 ? 1169 HOH A O   1 
HETATM 1231 O  O   . HOH E 5 .   ? -7.341  -10.606 6.279   1.00 31.70 ? 1170 HOH A O   1 
HETATM 1232 O  O   . HOH E 5 .   ? -1.425  -18.915 4.771   1.00 28.38 ? 1171 HOH A O   1 
HETATM 1233 O  O   . HOH E 5 .   ? -2.399  -15.096 7.017   1.00 33.51 ? 1172 HOH A O   1 
HETATM 1234 O  O   . HOH E 5 .   ? -15.749 6.718   -5.523  1.00 28.42 ? 1173 HOH A O   1 
HETATM 1235 O  O   . HOH E 5 .   ? 13.314  6.425   4.373   0.50 30.90 ? 1174 HOH A O   1 
# 
